data_6E57
#
_entry.id   6E57
#
_cell.length_a   156.438
_cell.length_b   243.652
_cell.length_c   76.059
_cell.angle_alpha   90.000
_cell.angle_beta   90.000
_cell.angle_gamma   90.000
#
_symmetry.space_group_name_H-M   'P 21 21 21'
#
loop_
_entity.id
_entity.type
_entity.pdbx_description
1 polymer 'surface glycan binding protein B'
2 branched beta-D-glucopyranose-(1-4)-beta-D-glucopyranose-(1-4)-beta-D-glucopyranose-(1-4)-beta-D-glucopyranose-(1-4)-beta-D-glucopyranose
3 non-polymer 1,2-ETHANEDIOL
4 non-polymer 'PHOSPHATE ION'
5 non-polymer 'SODIUM ION'
6 water water
#
_entity_poly.entity_id   1
_entity_poly.type   'polypeptide(L)'
_entity_poly.pdbx_seq_one_letter_code
;MGSSHHHHHHSSGLVPRGSHMTEEEPFATVTENDDPHILAPVFPDRTNGQLATFANISRDANLSIALTVTPKDYTTVTWF
IDGQEVESGTDSDKEINRSLKAGTYNLKIEVETVKGKKTSREGLVVVNPLADDPQSKEVAFERIVSPGKTARLYGSNLQN
VTAILLGGNTITDPTYVESADENYLEYTIPTGVSEGDYRIVLQDADGNQYGADMVKVTNASLVISGANRATANVDWTISG
INLENIASLTIGGQTVSQFSNQSSTEITLTCPDLSDGSYTMTGKTRSGEAVQFLNDNITTTEQTVTVSTEITLWSGHHYV
SWDKPDGDPNKTFGLIPMDVFAGITAGSTLKVVYSIEPTAEYHKMQLATGYWTGLASEMEFTENGEYTLILTQDMLNKIQ
AEAGFLCVGHGYYVDLVTVK
;
_entity_poly.pdbx_strand_id   A,B,C,D
#
# COMPACT_ATOMS: atom_id res chain seq x y z
N THR A 22 12.88 -54.33 -14.62
CA THR A 22 12.01 -54.98 -15.64
C THR A 22 10.57 -55.07 -15.11
N GLU A 23 9.61 -55.14 -16.03
CA GLU A 23 8.19 -55.23 -15.70
C GLU A 23 7.71 -56.69 -15.82
N GLU A 24 8.29 -57.45 -16.75
CA GLU A 24 7.88 -58.84 -17.05
C GLU A 24 8.26 -59.76 -15.89
N GLU A 25 9.32 -59.39 -15.17
CA GLU A 25 9.73 -59.97 -13.88
C GLU A 25 8.54 -60.63 -13.18
N PRO A 26 8.60 -61.94 -12.85
CA PRO A 26 7.58 -62.57 -12.02
C PRO A 26 7.30 -61.83 -10.70
N PHE A 27 8.37 -61.37 -10.03
CA PHE A 27 8.26 -60.62 -8.79
C PHE A 27 9.45 -59.66 -8.64
N ALA A 28 9.27 -58.65 -7.78
CA ALA A 28 10.27 -57.64 -7.51
C ALA A 28 10.93 -57.92 -6.16
N THR A 29 12.26 -58.03 -6.15
CA THR A 29 13.04 -58.18 -4.92
C THR A 29 12.72 -57.00 -4.00
N VAL A 30 12.98 -57.17 -2.69
CA VAL A 30 12.67 -56.15 -1.69
C VAL A 30 13.45 -54.86 -2.00
N THR A 31 14.71 -55.01 -2.42
CA THR A 31 15.63 -53.90 -2.70
C THR A 31 15.17 -53.08 -3.92
N GLU A 32 14.52 -53.74 -4.89
CA GLU A 32 14.02 -53.09 -6.11
C GLU A 32 12.86 -52.14 -5.78
N ASN A 33 12.05 -52.52 -4.78
CA ASN A 33 10.82 -51.83 -4.43
C ASN A 33 11.07 -50.76 -3.37
N ASP A 34 12.34 -50.57 -2.96
CA ASP A 34 12.74 -49.57 -1.96
C ASP A 34 12.50 -48.16 -2.51
N ASP A 35 12.20 -47.22 -1.60
CA ASP A 35 12.12 -45.79 -1.90
C ASP A 35 13.53 -45.29 -2.24
N PRO A 36 13.67 -44.39 -3.24
CA PRO A 36 14.97 -43.83 -3.59
C PRO A 36 15.41 -42.74 -2.61
N HIS A 37 16.66 -42.84 -2.13
CA HIS A 37 17.25 -41.87 -1.21
C HIS A 37 18.61 -41.42 -1.76
N ILE A 38 18.84 -40.10 -1.75
CA ILE A 38 20.15 -39.53 -2.06
C ILE A 38 20.88 -39.31 -0.73
N LEU A 39 21.86 -40.18 -0.44
CA LEU A 39 22.57 -40.18 0.83
C LEU A 39 23.57 -39.03 0.86
N ALA A 40 24.42 -38.95 -0.17
CA ALA A 40 25.45 -37.91 -0.28
C ALA A 40 25.54 -37.42 -1.73
N PRO A 41 25.86 -36.14 -1.92
CA PRO A 41 26.00 -35.17 -0.84
C PRO A 41 24.62 -34.67 -0.36
N VAL A 42 24.60 -34.07 0.84
CA VAL A 42 23.41 -33.43 1.38
C VAL A 42 23.32 -32.02 0.77
N PHE A 43 22.18 -31.73 0.13
CA PHE A 43 21.96 -30.46 -0.56
C PHE A 43 21.25 -29.49 0.38
N PRO A 44 21.56 -28.17 0.28
CA PRO A 44 20.90 -27.16 1.12
C PRO A 44 19.41 -27.00 0.76
N ASP A 45 18.61 -26.64 1.76
CA ASP A 45 17.17 -26.38 1.59
C ASP A 45 16.99 -24.96 1.03
N ARG A 46 15.82 -24.72 0.42
CA ARG A 46 15.48 -23.43 -0.19
C ARG A 46 15.62 -22.32 0.85
N THR A 47 16.07 -21.14 0.39
CA THR A 47 16.34 -19.98 1.23
C THR A 47 15.03 -19.53 1.90
N ASN A 48 14.03 -19.19 1.08
CA ASN A 48 12.70 -18.80 1.55
C ASN A 48 11.75 -18.81 0.34
N GLY A 49 11.65 -19.98 -0.30
CA GLY A 49 11.00 -20.11 -1.60
C GLY A 49 12.00 -20.01 -2.73
N GLN A 50 12.96 -19.07 -2.59
CA GLN A 50 14.11 -18.91 -3.48
C GLN A 50 15.01 -20.15 -3.38
N LEU A 51 15.52 -20.60 -4.53
CA LEU A 51 16.36 -21.80 -4.62
C LEU A 51 17.74 -21.54 -3.98
N ALA A 52 18.32 -22.60 -3.41
CA ALA A 52 19.67 -22.58 -2.85
C ALA A 52 20.68 -22.79 -3.97
N THR A 53 21.96 -22.57 -3.64
CA THR A 53 23.08 -22.74 -4.56
C THR A 53 23.77 -24.07 -4.29
N PHE A 54 23.83 -24.94 -5.31
CA PHE A 54 24.44 -26.25 -5.20
C PHE A 54 25.93 -26.18 -5.56
N ALA A 55 26.29 -25.30 -6.49
CA ALA A 55 27.66 -25.18 -6.98
C ALA A 55 27.98 -23.72 -7.31
N ASN A 56 29.23 -23.34 -7.02
CA ASN A 56 29.76 -22.00 -7.25
C ASN A 56 31.21 -22.15 -7.71
N ILE A 57 31.42 -22.15 -9.03
CA ILE A 57 32.70 -22.53 -9.64
C ILE A 57 33.05 -21.51 -10.73
N SER A 58 34.28 -21.61 -11.24
CA SER A 58 34.79 -20.73 -12.29
C SER A 58 34.52 -21.32 -13.68
N ARG A 59 34.49 -20.45 -14.67
CA ARG A 59 34.11 -20.77 -16.06
C ARG A 59 35.09 -21.81 -16.65
N ASP A 60 36.34 -21.82 -16.17
CA ASP A 60 37.37 -22.76 -16.64
C ASP A 60 37.23 -24.11 -15.94
N ALA A 61 36.70 -24.11 -14.71
CA ALA A 61 36.43 -25.35 -13.97
C ALA A 61 35.12 -25.99 -14.49
N ASN A 62 34.91 -27.26 -14.10
CA ASN A 62 33.76 -28.03 -14.53
C ASN A 62 32.84 -28.31 -13.34
N LEU A 63 31.53 -28.36 -13.61
CA LEU A 63 30.52 -28.73 -12.63
C LEU A 63 30.70 -30.20 -12.27
N SER A 64 31.10 -30.46 -11.02
CA SER A 64 31.45 -31.79 -10.54
C SER A 64 30.64 -32.13 -9.28
N ILE A 65 29.64 -33.00 -9.44
CA ILE A 65 28.81 -33.50 -8.35
C ILE A 65 28.75 -35.03 -8.47
N ALA A 66 29.02 -35.72 -7.36
CA ALA A 66 29.04 -37.19 -7.28
C ALA A 66 28.02 -37.67 -6.24
N LEU A 67 27.00 -38.41 -6.70
CA LEU A 67 25.91 -38.91 -5.85
C LEU A 67 26.27 -40.29 -5.30
N THR A 68 25.79 -40.59 -4.08
CA THR A 68 25.60 -41.95 -3.59
C THR A 68 24.10 -42.16 -3.35
N VAL A 69 23.55 -43.24 -3.91
CA VAL A 69 22.10 -43.42 -4.03
C VAL A 69 21.73 -44.85 -3.58
N THR A 70 20.53 -44.96 -2.98
CA THR A 70 19.88 -46.22 -2.65
C THR A 70 18.59 -46.31 -3.47
N PRO A 71 18.27 -47.50 -4.02
CA PRO A 71 19.07 -48.72 -3.98
C PRO A 71 20.25 -48.70 -4.96
N LYS A 72 21.35 -49.36 -4.56
CA LYS A 72 22.65 -49.32 -5.24
C LYS A 72 22.49 -49.50 -6.76
N ASP A 73 21.95 -50.66 -7.17
CA ASP A 73 22.05 -51.16 -8.55
C ASP A 73 20.73 -50.99 -9.31
N TYR A 74 19.75 -50.29 -8.73
CA TYR A 74 18.38 -50.27 -9.29
C TYR A 74 17.87 -48.83 -9.43
N THR A 75 18.78 -47.86 -9.59
CA THR A 75 18.42 -46.44 -9.76
C THR A 75 19.08 -45.86 -11.01
N THR A 76 18.31 -45.04 -11.74
CA THR A 76 18.81 -44.21 -12.83
C THR A 76 18.56 -42.74 -12.46
N VAL A 77 19.57 -41.89 -12.71
CA VAL A 77 19.47 -40.46 -12.40
C VAL A 77 19.66 -39.66 -13.70
N THR A 78 18.79 -38.65 -13.89
CA THR A 78 18.83 -37.75 -15.03
C THR A 78 19.14 -36.34 -14.53
N TRP A 79 19.93 -35.61 -15.33
CA TRP A 79 20.33 -34.25 -15.00
C TRP A 79 19.68 -33.28 -15.99
N PHE A 80 19.24 -32.12 -15.49
CA PHE A 80 18.61 -31.08 -16.29
C PHE A 80 19.26 -29.72 -15.97
N ILE A 81 19.79 -29.06 -17.01
CA ILE A 81 20.29 -27.69 -16.93
C ILE A 81 19.25 -26.77 -17.62
N ASP A 82 18.67 -25.84 -16.84
CA ASP A 82 17.62 -24.93 -17.27
C ASP A 82 16.49 -25.72 -17.94
N GLY A 83 16.09 -26.84 -17.34
CA GLY A 83 14.94 -27.63 -17.79
C GLY A 83 15.27 -28.61 -18.91
N GLN A 84 16.43 -28.44 -19.58
CA GLN A 84 16.85 -29.28 -20.71
C GLN A 84 17.68 -30.46 -20.19
N GLU A 85 17.31 -31.67 -20.60
CA GLU A 85 18.02 -32.89 -20.20
C GLU A 85 19.43 -32.86 -20.80
N VAL A 86 20.39 -33.39 -20.04
CA VAL A 86 21.80 -33.26 -20.35
C VAL A 86 22.50 -34.58 -19.99
N GLU A 87 23.50 -34.97 -20.80
CA GLU A 87 24.28 -36.17 -20.53
C GLU A 87 25.23 -35.88 -19.37
N SER A 88 25.44 -36.87 -18.51
CA SER A 88 26.47 -36.84 -17.47
C SER A 88 27.81 -37.20 -18.12
N GLY A 89 28.76 -36.25 -18.11
CA GLY A 89 30.05 -36.42 -18.80
C GLY A 89 30.99 -37.40 -18.11
N THR A 90 30.45 -38.53 -17.64
CA THR A 90 31.21 -39.65 -17.10
C THR A 90 30.53 -40.95 -17.53
N ASP A 91 31.27 -42.06 -17.42
CA ASP A 91 30.77 -43.39 -17.78
C ASP A 91 29.64 -43.78 -16.82
N SER A 92 29.78 -43.41 -15.54
CA SER A 92 28.72 -43.53 -14.56
C SER A 92 27.63 -42.49 -14.83
N ASP A 93 26.38 -42.81 -14.48
CA ASP A 93 25.24 -41.93 -14.72
C ASP A 93 24.92 -41.09 -13.47
N LYS A 94 25.61 -41.33 -12.35
CA LYS A 94 25.32 -40.63 -11.09
C LYS A 94 26.53 -39.78 -10.65
N GLU A 95 27.39 -39.43 -11.61
CA GLU A 95 28.37 -38.37 -11.48
C GLU A 95 28.28 -37.49 -12.72
N ILE A 96 28.02 -36.18 -12.52
CA ILE A 96 28.00 -35.23 -13.62
C ILE A 96 29.37 -34.57 -13.73
N ASN A 97 29.80 -34.37 -14.98
CA ASN A 97 30.98 -33.59 -15.33
C ASN A 97 30.61 -32.72 -16.53
N ARG A 98 30.49 -31.40 -16.32
CA ARG A 98 30.01 -30.50 -17.36
C ARG A 98 30.77 -29.17 -17.30
N SER A 99 31.31 -28.77 -18.45
CA SER A 99 31.87 -27.44 -18.68
C SER A 99 30.74 -26.49 -19.10
N LEU A 100 30.55 -25.41 -18.34
CA LEU A 100 29.49 -24.43 -18.57
C LEU A 100 30.13 -23.06 -18.83
N LYS A 101 29.48 -22.25 -19.67
CA LYS A 101 29.85 -20.86 -19.86
C LYS A 101 29.43 -20.08 -18.60
N ALA A 102 30.01 -18.89 -18.40
CA ALA A 102 29.65 -18.05 -17.26
C ALA A 102 28.12 -17.87 -17.22
N GLY A 103 27.57 -17.82 -15.99
CA GLY A 103 26.16 -17.54 -15.77
C GLY A 103 25.61 -18.24 -14.54
N THR A 104 24.30 -18.10 -14.34
CA THR A 104 23.55 -18.78 -13.28
C THR A 104 22.56 -19.73 -13.94
N TYR A 105 22.54 -20.98 -13.49
CA TYR A 105 21.81 -22.07 -14.15
C TYR A 105 20.90 -22.77 -13.13
N ASN A 106 19.73 -23.20 -13.61
CA ASN A 106 18.87 -24.09 -12.84
C ASN A 106 19.34 -25.53 -13.08
N LEU A 107 19.60 -26.26 -11.99
CA LEU A 107 19.99 -27.67 -12.03
C LEU A 107 18.91 -28.51 -11.34
N LYS A 108 18.36 -29.50 -12.05
CA LYS A 108 17.47 -30.51 -11.48
C LYS A 108 18.17 -31.86 -11.50
N ILE A 109 18.10 -32.58 -10.38
CA ILE A 109 18.61 -33.94 -10.23
C ILE A 109 17.42 -34.87 -9.99
N GLU A 110 17.01 -35.61 -11.02
CA GLU A 110 15.88 -36.52 -10.94
C GLU A 110 16.39 -37.96 -10.86
N VAL A 111 16.07 -38.62 -9.74
CA VAL A 111 16.42 -40.01 -9.49
C VAL A 111 15.14 -40.85 -9.61
N GLU A 112 15.20 -41.93 -10.38
CA GLU A 112 14.08 -42.86 -10.55
C GLU A 112 14.59 -44.30 -10.37
N THR A 113 13.81 -45.12 -9.67
CA THR A 113 14.11 -46.53 -9.48
C THR A 113 13.41 -47.34 -10.57
N VAL A 114 13.72 -48.64 -10.64
CA VAL A 114 13.20 -49.54 -11.68
C VAL A 114 11.67 -49.67 -11.55
N LYS A 115 11.15 -49.60 -10.31
CA LYS A 115 9.70 -49.71 -10.05
C LYS A 115 9.04 -48.33 -10.01
N GLY A 116 9.74 -47.28 -10.46
CA GLY A 116 9.12 -46.02 -10.88
C GLY A 116 9.06 -44.96 -9.79
N LYS A 117 9.43 -45.33 -8.55
CA LYS A 117 9.49 -44.37 -7.43
C LYS A 117 10.66 -43.40 -7.67
N LYS A 118 10.51 -42.16 -7.20
CA LYS A 118 11.44 -41.08 -7.56
C LYS A 118 11.60 -40.07 -6.40
N THR A 119 12.79 -39.45 -6.36
CA THR A 119 13.11 -38.31 -5.48
C THR A 119 13.86 -37.27 -6.32
N SER A 120 13.91 -36.03 -5.81
CA SER A 120 14.25 -34.87 -6.64
C SER A 120 15.02 -33.82 -5.80
N ARG A 121 15.97 -33.14 -6.46
CA ARG A 121 16.66 -31.96 -5.92
C ARG A 121 16.70 -30.88 -7.02
N GLU A 122 16.48 -29.63 -6.63
CA GLU A 122 16.54 -28.49 -7.55
C GLU A 122 17.33 -27.36 -6.88
N GLY A 123 18.34 -26.84 -7.58
CA GLY A 123 19.19 -25.76 -7.07
C GLY A 123 19.79 -24.93 -8.19
N LEU A 124 20.58 -23.92 -7.80
CA LEU A 124 21.25 -23.04 -8.73
C LEU A 124 22.73 -23.48 -8.85
N VAL A 125 23.28 -23.30 -10.06
CA VAL A 125 24.70 -23.46 -10.32
C VAL A 125 25.23 -22.11 -10.82
N VAL A 126 26.13 -21.50 -10.05
CA VAL A 126 26.70 -20.21 -10.38
C VAL A 126 28.09 -20.46 -10.98
N VAL A 127 28.29 -19.93 -12.20
CA VAL A 127 29.54 -20.05 -12.95
C VAL A 127 30.10 -18.65 -13.17
N ASN A 128 31.20 -18.33 -12.48
CA ASN A 128 31.80 -16.99 -12.49
C ASN A 128 32.76 -16.86 -13.66
N PRO A 129 32.84 -15.67 -14.30
CA PRO A 129 33.80 -15.45 -15.38
C PRO A 129 35.22 -15.23 -14.83
N LEU A 130 36.22 -15.31 -15.70
CA LEU A 130 37.57 -14.88 -15.37
C LEU A 130 37.66 -13.34 -15.48
N ALA A 131 38.69 -12.77 -14.85
CA ALA A 131 38.86 -11.33 -14.76
C ALA A 131 38.89 -10.70 -16.16
N ASP A 132 39.58 -11.35 -17.10
CA ASP A 132 39.86 -10.83 -18.44
C ASP A 132 38.74 -11.17 -19.42
N ASP A 133 37.79 -12.04 -19.02
CA ASP A 133 36.68 -12.45 -19.90
C ASP A 133 35.77 -11.26 -20.17
N PRO A 134 35.22 -11.12 -21.41
CA PRO A 134 34.02 -10.32 -21.63
C PRO A 134 32.87 -10.91 -20.81
N GLN A 135 32.23 -10.07 -20.01
CA GLN A 135 31.22 -10.51 -19.06
C GLN A 135 30.17 -9.41 -18.88
N SER A 136 28.97 -9.82 -18.46
CA SER A 136 27.85 -8.91 -18.27
C SER A 136 26.83 -9.54 -17.30
N LYS A 137 26.45 -8.76 -16.28
CA LYS A 137 25.30 -9.02 -15.42
C LYS A 137 24.28 -7.90 -15.60
N GLU A 138 23.09 -8.14 -15.04
CA GLU A 138 22.04 -7.13 -14.99
C GLU A 138 22.36 -6.16 -13.84
N VAL A 139 22.43 -4.87 -14.16
CA VAL A 139 22.56 -3.81 -13.18
C VAL A 139 21.17 -3.44 -12.67
N ALA A 140 20.34 -2.87 -13.55
CA ALA A 140 19.00 -2.41 -13.22
C ALA A 140 17.97 -3.33 -13.90
N PHE A 141 17.47 -2.92 -15.07
CA PHE A 141 16.38 -3.61 -15.73
C PHE A 141 16.64 -3.68 -17.25
N GLU A 142 17.90 -3.58 -17.65
CA GLU A 142 18.29 -3.43 -19.07
C GLU A 142 18.21 -4.76 -19.81
N ARG A 143 18.12 -5.87 -19.07
CA ARG A 143 18.01 -7.22 -19.66
C ARG A 143 16.58 -7.48 -20.17
N ILE A 144 15.64 -6.57 -19.89
CA ILE A 144 14.31 -6.62 -20.50
C ILE A 144 14.34 -5.77 -21.76
N VAL A 145 14.15 -6.43 -22.91
CA VAL A 145 14.41 -5.84 -24.23
C VAL A 145 13.17 -6.08 -25.12
N SER A 146 13.14 -5.35 -26.24
CA SER A 146 12.00 -5.33 -27.16
C SER A 146 12.50 -5.57 -28.58
N PRO A 147 11.82 -6.42 -29.38
CA PRO A 147 12.30 -6.76 -30.73
C PRO A 147 12.21 -5.56 -31.68
N GLY A 148 13.32 -5.29 -32.39
CA GLY A 148 13.45 -4.18 -33.33
C GLY A 148 14.19 -3.00 -32.71
N LYS A 149 14.27 -2.96 -31.38
CA LYS A 149 14.78 -1.82 -30.63
C LYS A 149 16.20 -2.11 -30.14
N THR A 150 16.86 -1.05 -29.65
CA THR A 150 18.21 -1.11 -29.09
C THR A 150 18.12 -1.50 -27.62
N ALA A 151 19.16 -2.19 -27.14
CA ALA A 151 19.30 -2.61 -25.75
C ALA A 151 20.75 -2.42 -25.29
N ARG A 152 21.00 -2.56 -23.99
CA ARG A 152 22.32 -2.34 -23.39
C ARG A 152 22.76 -3.56 -22.57
N LEU A 153 24.05 -3.86 -22.66
CA LEU A 153 24.75 -4.73 -21.71
C LEU A 153 25.76 -3.87 -20.95
N TYR A 154 25.76 -4.02 -19.62
CA TYR A 154 26.79 -3.49 -18.73
C TYR A 154 27.65 -4.66 -18.23
N GLY A 155 28.95 -4.41 -18.06
CA GLY A 155 29.87 -5.41 -17.53
C GLY A 155 31.31 -4.96 -17.62
N SER A 156 32.17 -5.87 -18.11
CA SER A 156 33.61 -5.67 -18.22
C SER A 156 34.13 -6.27 -19.53
N ASN A 157 35.16 -5.62 -20.10
CA ASN A 157 35.89 -6.10 -21.27
C ASN A 157 34.96 -6.28 -22.47
N LEU A 158 33.85 -5.52 -22.51
CA LEU A 158 32.82 -5.71 -23.53
C LEU A 158 33.24 -5.06 -24.85
N GLN A 159 34.31 -4.26 -24.84
CA GLN A 159 34.87 -3.69 -26.07
C GLN A 159 35.43 -4.81 -26.98
N ASN A 160 35.66 -6.00 -26.41
CA ASN A 160 36.19 -7.15 -27.14
C ASN A 160 35.12 -7.79 -28.03
N VAL A 161 33.83 -7.59 -27.70
CA VAL A 161 32.72 -8.35 -28.29
C VAL A 161 32.45 -7.85 -29.71
N THR A 162 32.52 -8.77 -30.69
CA THR A 162 32.22 -8.46 -32.10
C THR A 162 30.82 -8.99 -32.49
N ALA A 163 30.27 -9.91 -31.71
CA ALA A 163 28.92 -10.44 -31.96
C ALA A 163 28.29 -10.93 -30.65
N ILE A 164 26.95 -10.83 -30.58
CA ILE A 164 26.15 -11.41 -29.53
C ILE A 164 25.20 -12.43 -30.18
N LEU A 165 25.10 -13.61 -29.57
CA LEU A 165 24.20 -14.67 -30.02
C LEU A 165 22.93 -14.65 -29.15
N LEU A 166 21.78 -14.61 -29.81
CA LEU A 166 20.48 -14.53 -29.14
C LEU A 166 19.48 -15.40 -29.91
N GLY A 167 19.13 -16.55 -29.31
CA GLY A 167 18.12 -17.46 -29.83
C GLY A 167 18.26 -17.73 -31.32
N GLY A 168 19.46 -18.16 -31.73
CA GLY A 168 19.72 -18.58 -33.09
C GLY A 168 20.22 -17.43 -33.97
N ASN A 169 19.85 -16.20 -33.65
CA ASN A 169 20.28 -15.02 -34.39
C ASN A 169 21.72 -14.67 -33.99
N THR A 170 22.47 -14.12 -34.95
CA THR A 170 23.83 -13.63 -34.75
C THR A 170 23.81 -12.11 -34.92
N ILE A 171 23.88 -11.38 -33.80
CA ILE A 171 23.83 -9.92 -33.78
C ILE A 171 25.27 -9.39 -33.94
N THR A 172 25.54 -8.73 -35.07
CA THR A 172 26.89 -8.40 -35.52
C THR A 172 27.15 -6.89 -35.52
N ASP A 173 26.25 -6.10 -34.91
CA ASP A 173 26.35 -4.63 -34.90
C ASP A 173 26.50 -4.10 -33.49
N PRO A 174 27.32 -4.71 -32.60
CA PRO A 174 27.48 -4.19 -31.24
C PRO A 174 28.33 -2.92 -31.27
N THR A 175 27.96 -1.95 -30.43
CA THR A 175 28.66 -0.69 -30.32
C THR A 175 28.95 -0.42 -28.83
N TYR A 176 30.23 -0.29 -28.50
CA TYR A 176 30.69 0.06 -27.17
C TYR A 176 30.62 1.58 -27.01
N VAL A 177 29.75 2.05 -26.12
CA VAL A 177 29.49 3.47 -25.94
C VAL A 177 30.24 3.98 -24.71
N GLU A 178 31.07 5.01 -24.90
CA GLU A 178 31.68 5.75 -23.81
C GLU A 178 30.63 6.69 -23.21
N SER A 179 30.59 6.76 -21.88
CA SER A 179 29.56 7.46 -21.14
C SER A 179 30.17 8.20 -19.93
N ALA A 180 29.46 9.21 -19.44
CA ALA A 180 29.81 9.93 -18.21
C ALA A 180 29.66 8.99 -17.01
N ASP A 181 28.63 8.12 -17.07
CA ASP A 181 28.44 7.02 -16.14
C ASP A 181 29.12 5.77 -16.73
N GLU A 182 28.60 4.58 -16.40
CA GLU A 182 29.19 3.32 -16.84
C GLU A 182 29.02 3.18 -18.37
N ASN A 183 30.07 2.68 -19.02
CA ASN A 183 30.04 2.34 -20.43
C ASN A 183 29.19 1.08 -20.63
N TYR A 184 28.67 0.91 -21.85
CA TYR A 184 27.78 -0.19 -22.14
C TYR A 184 27.95 -0.64 -23.59
N LEU A 185 27.52 -1.87 -23.87
CA LEU A 185 27.50 -2.42 -25.21
C LEU A 185 26.06 -2.29 -25.75
N GLU A 186 25.90 -1.40 -26.73
CA GLU A 186 24.62 -1.17 -27.40
C GLU A 186 24.47 -2.21 -28.51
N TYR A 187 23.27 -2.79 -28.64
CA TYR A 187 22.98 -3.78 -29.66
C TYR A 187 21.48 -3.74 -30.00
N THR A 188 21.15 -4.10 -31.25
CA THR A 188 19.77 -4.12 -31.75
C THR A 188 19.23 -5.55 -31.68
N ILE A 189 18.03 -5.70 -31.11
CA ILE A 189 17.32 -6.97 -31.08
C ILE A 189 16.67 -7.17 -32.45
N PRO A 190 16.88 -8.33 -33.13
CA PRO A 190 16.20 -8.59 -34.39
C PRO A 190 14.67 -8.62 -34.20
N THR A 191 13.93 -8.22 -35.24
CA THR A 191 12.47 -8.15 -35.20
C THR A 191 11.86 -9.56 -35.15
N GLY A 192 12.54 -10.52 -35.77
CA GLY A 192 12.06 -11.90 -35.93
C GLY A 192 11.91 -12.64 -34.60
N VAL A 193 12.69 -12.25 -33.59
CA VAL A 193 12.76 -12.97 -32.32
C VAL A 193 11.41 -12.82 -31.59
N SER A 194 10.80 -13.97 -31.27
CA SER A 194 9.53 -14.02 -30.55
C SER A 194 9.77 -13.81 -29.05
N GLU A 195 8.68 -13.55 -28.31
CA GLU A 195 8.72 -13.31 -26.87
C GLU A 195 9.32 -14.53 -26.16
N GLY A 196 9.88 -14.29 -24.97
CA GLY A 196 10.48 -15.34 -24.13
C GLY A 196 11.79 -14.89 -23.51
N ASP A 197 12.46 -15.84 -22.85
CA ASP A 197 13.73 -15.65 -22.16
C ASP A 197 14.83 -16.41 -22.91
N TYR A 198 15.94 -15.72 -23.23
CA TYR A 198 17.06 -16.30 -23.98
C TYR A 198 18.36 -16.13 -23.18
N ARG A 199 19.21 -17.16 -23.20
CA ARG A 199 20.57 -17.10 -22.65
C ARG A 199 21.52 -16.62 -23.76
N ILE A 200 22.12 -15.44 -23.55
CA ILE A 200 22.96 -14.79 -24.57
C ILE A 200 24.42 -15.20 -24.37
N VAL A 201 25.19 -15.09 -25.46
CA VAL A 201 26.59 -15.45 -25.50
C VAL A 201 27.34 -14.34 -26.25
N LEU A 202 28.48 -13.91 -25.68
CA LEU A 202 29.36 -12.90 -26.27
C LEU A 202 30.47 -13.60 -27.06
N GLN A 203 30.71 -13.14 -28.30
CA GLN A 203 31.68 -13.77 -29.19
C GLN A 203 32.83 -12.79 -29.51
N ASP A 204 34.06 -13.32 -29.51
CA ASP A 204 35.30 -12.59 -29.85
C ASP A 204 35.44 -12.50 -31.37
N ALA A 205 36.45 -11.72 -31.80
CA ALA A 205 36.91 -11.68 -33.19
C ALA A 205 37.68 -12.97 -33.53
N ASP A 206 38.30 -13.58 -32.51
CA ASP A 206 38.98 -14.87 -32.61
C ASP A 206 37.97 -16.00 -32.80
N GLY A 207 36.79 -15.86 -32.16
CA GLY A 207 35.72 -16.87 -32.23
C GLY A 207 35.34 -17.41 -30.86
N ASN A 208 36.10 -17.04 -29.83
CA ASN A 208 35.85 -17.49 -28.45
C ASN A 208 34.50 -16.97 -27.97
N GLN A 209 33.83 -17.76 -27.11
CA GLN A 209 32.49 -17.48 -26.63
C GLN A 209 32.49 -17.40 -25.10
N TYR A 210 31.68 -16.48 -24.56
CA TYR A 210 31.57 -16.23 -23.13
C TYR A 210 30.10 -16.02 -22.76
N GLY A 211 29.72 -16.50 -21.57
CA GLY A 211 28.35 -16.41 -21.09
C GLY A 211 28.02 -15.03 -20.55
N ALA A 212 26.77 -14.60 -20.76
CA ALA A 212 26.29 -13.29 -20.32
C ALA A 212 24.85 -13.38 -19.79
N ASP A 213 24.45 -14.56 -19.30
CA ASP A 213 23.20 -14.77 -18.56
C ASP A 213 22.00 -14.44 -19.47
N MET A 214 20.85 -14.13 -18.86
CA MET A 214 19.53 -14.16 -19.52
C MET A 214 19.13 -12.76 -20.01
N VAL A 215 18.35 -12.76 -21.09
CA VAL A 215 17.64 -11.59 -21.62
C VAL A 215 16.17 -11.99 -21.77
N LYS A 216 15.26 -11.03 -21.55
CA LYS A 216 13.82 -11.26 -21.67
C LYS A 216 13.27 -10.35 -22.78
N VAL A 217 12.71 -10.98 -23.82
CA VAL A 217 12.14 -10.31 -24.98
C VAL A 217 10.62 -10.23 -24.80
N THR A 218 10.08 -9.01 -24.86
CA THR A 218 8.63 -8.77 -24.72
C THR A 218 8.19 -7.64 -25.67
N ASN A 219 6.97 -7.79 -26.20
CA ASN A 219 6.28 -6.76 -26.97
C ASN A 219 5.33 -5.95 -26.07
N ALA A 220 5.12 -6.43 -24.83
CA ALA A 220 4.16 -5.85 -23.92
C ALA A 220 4.67 -4.50 -23.41
N SER A 221 3.73 -3.57 -23.21
CA SER A 221 3.98 -2.37 -22.45
C SER A 221 4.13 -2.74 -20.98
N LEU A 222 5.38 -2.88 -20.52
CA LEU A 222 5.69 -3.38 -19.18
C LEU A 222 6.27 -2.24 -18.34
N VAL A 223 5.48 -1.78 -17.37
CA VAL A 223 5.92 -0.82 -16.36
C VAL A 223 6.78 -1.56 -15.33
N ILE A 224 7.99 -1.03 -15.08
CA ILE A 224 9.04 -1.73 -14.32
C ILE A 224 9.31 -1.02 -12.99
N SER A 225 9.41 0.31 -13.01
CA SER A 225 9.81 1.05 -11.80
C SER A 225 9.19 2.44 -11.77
N GLY A 226 9.02 2.96 -10.55
CA GLY A 226 8.52 4.29 -10.28
C GLY A 226 7.02 4.32 -10.04
N ALA A 227 6.37 3.14 -10.02
CA ALA A 227 4.90 3.05 -9.99
C ALA A 227 4.38 2.60 -8.62
N ASN A 228 5.26 2.46 -7.62
CA ASN A 228 4.88 2.01 -6.28
C ASN A 228 4.30 3.17 -5.46
N ARG A 229 4.80 4.38 -5.71
CA ARG A 229 4.45 5.59 -4.97
C ARG A 229 4.16 6.72 -5.97
N ALA A 230 3.29 7.65 -5.55
CA ALA A 230 2.92 8.81 -6.36
C ALA A 230 2.44 9.94 -5.43
N THR A 231 2.76 11.18 -5.79
CA THR A 231 2.26 12.36 -5.09
C THR A 231 1.08 12.95 -5.86
N ALA A 232 -0.03 13.17 -5.15
CA ALA A 232 -1.28 13.66 -5.74
C ALA A 232 -1.06 15.03 -6.38
N ASN A 233 -1.61 15.21 -7.59
CA ASN A 233 -1.74 16.50 -8.27
C ASN A 233 -0.37 17.05 -8.72
N VAL A 234 0.64 16.17 -8.88
CA VAL A 234 1.95 16.61 -9.40
C VAL A 234 2.47 15.54 -10.38
N ASP A 235 3.57 15.90 -11.06
CA ASP A 235 4.20 15.07 -12.08
C ASP A 235 4.64 13.73 -11.47
N TRP A 236 4.50 12.68 -12.27
CA TRP A 236 4.74 11.30 -11.90
C TRP A 236 5.41 10.61 -13.09
N THR A 237 6.65 10.14 -12.91
CA THR A 237 7.44 9.53 -13.99
C THR A 237 7.57 8.03 -13.73
N ILE A 238 7.18 7.25 -14.74
CA ILE A 238 7.13 5.79 -14.71
C ILE A 238 8.06 5.26 -15.81
N SER A 239 8.81 4.19 -15.50
CA SER A 239 9.84 3.62 -16.38
C SER A 239 9.47 2.18 -16.77
N GLY A 240 9.62 1.86 -18.06
CA GLY A 240 9.20 0.58 -18.63
C GLY A 240 9.94 0.27 -19.93
N ILE A 241 9.29 -0.51 -20.80
CA ILE A 241 9.96 -1.02 -22.01
C ILE A 241 9.19 -0.62 -23.28
N ASN A 242 7.86 -0.77 -23.31
CA ASN A 242 7.09 -0.43 -24.53
C ASN A 242 5.98 0.55 -24.18
N LEU A 243 6.37 1.67 -23.58
CA LEU A 243 5.44 2.59 -22.93
C LEU A 243 4.82 3.57 -23.93
N GLU A 244 5.33 3.61 -25.17
CA GLU A 244 4.78 4.50 -26.21
C GLU A 244 3.43 3.96 -26.69
N ASN A 245 3.20 2.65 -26.51
CA ASN A 245 1.96 1.97 -26.90
C ASN A 245 0.83 2.24 -25.90
N ILE A 246 1.14 2.82 -24.73
CA ILE A 246 0.13 3.09 -23.70
C ILE A 246 -0.80 4.21 -24.17
N ALA A 247 -2.11 3.96 -24.08
CA ALA A 247 -3.16 4.90 -24.45
C ALA A 247 -3.71 5.60 -23.19
N SER A 248 -3.78 4.86 -22.07
CA SER A 248 -4.33 5.40 -20.83
C SER A 248 -3.86 4.58 -19.62
N LEU A 249 -3.81 5.26 -18.46
CA LEU A 249 -3.61 4.65 -17.15
C LEU A 249 -4.79 5.05 -16.24
N THR A 250 -5.28 4.10 -15.45
CA THR A 250 -6.37 4.35 -14.49
C THR A 250 -5.84 4.06 -13.07
N ILE A 251 -5.86 5.10 -12.22
CA ILE A 251 -5.50 5.01 -10.80
C ILE A 251 -6.74 5.43 -9.99
N GLY A 252 -6.98 4.76 -8.86
CA GLY A 252 -8.28 4.81 -8.25
C GLY A 252 -9.32 4.45 -9.29
N GLY A 253 -10.23 5.37 -9.59
CA GLY A 253 -11.15 5.21 -10.72
C GLY A 253 -10.93 6.29 -11.76
N GLN A 254 -9.74 6.90 -11.73
CA GLN A 254 -9.44 8.13 -12.46
C GLN A 254 -8.53 7.80 -13.64
N THR A 255 -9.06 7.94 -14.87
CA THR A 255 -8.33 7.66 -16.09
C THR A 255 -7.56 8.90 -16.56
N VAL A 256 -6.32 8.67 -17.00
CA VAL A 256 -5.42 9.70 -17.52
C VAL A 256 -4.95 9.25 -18.91
N SER A 257 -5.24 10.07 -19.94
CA SER A 257 -4.86 9.75 -21.33
C SER A 257 -3.92 10.82 -21.92
N GLN A 258 -3.62 11.88 -21.15
CA GLN A 258 -2.71 12.95 -21.58
C GLN A 258 -1.44 12.91 -20.74
N PHE A 259 -0.28 12.89 -21.42
CA PHE A 259 1.04 12.70 -20.80
C PHE A 259 2.00 13.81 -21.23
N SER A 260 2.95 14.14 -20.34
CA SER A 260 3.96 15.17 -20.57
C SER A 260 5.04 14.65 -21.52
N ASN A 261 5.69 13.55 -21.14
CA ASN A 261 6.59 12.78 -22.01
C ASN A 261 5.95 11.43 -22.29
N GLN A 262 6.31 10.84 -23.43
CA GLN A 262 5.96 9.46 -23.75
C GLN A 262 6.96 8.91 -24.76
N SER A 263 7.77 7.94 -24.31
CA SER A 263 8.72 7.20 -25.13
C SER A 263 8.68 5.72 -24.74
N SER A 264 9.51 4.91 -25.40
CA SER A 264 9.63 3.48 -25.11
C SER A 264 9.90 3.26 -23.61
N THR A 265 10.85 4.03 -23.07
CA THR A 265 11.46 3.73 -21.77
C THR A 265 10.78 4.50 -20.63
N GLU A 266 10.04 5.57 -20.95
CA GLU A 266 9.53 6.47 -19.92
C GLU A 266 8.18 7.07 -20.33
N ILE A 267 7.36 7.36 -19.30
CA ILE A 267 6.11 8.10 -19.43
C ILE A 267 5.92 8.94 -18.15
N THR A 268 5.51 10.20 -18.33
CA THR A 268 5.23 11.14 -17.23
C THR A 268 3.80 11.66 -17.34
N LEU A 269 3.05 11.62 -16.23
CA LEU A 269 1.66 12.06 -16.18
C LEU A 269 1.45 12.89 -14.89
N THR A 270 0.26 13.50 -14.76
CA THR A 270 -0.15 14.15 -13.53
C THR A 270 -1.00 13.16 -12.70
N CYS A 271 -0.45 12.69 -11.59
CA CYS A 271 -1.18 11.83 -10.67
C CYS A 271 -2.45 12.54 -10.24
N PRO A 272 -3.65 11.93 -10.45
CA PRO A 272 -4.91 12.60 -10.14
C PRO A 272 -5.13 12.90 -8.65
N ASP A 273 -6.22 13.63 -8.36
CA ASP A 273 -6.50 14.21 -7.04
C ASP A 273 -7.12 13.13 -6.14
N LEU A 274 -6.26 12.34 -5.49
CA LEU A 274 -6.67 11.22 -4.64
C LEU A 274 -6.29 11.51 -3.19
N SER A 275 -7.15 11.05 -2.26
CA SER A 275 -6.88 11.04 -0.84
C SER A 275 -5.69 10.11 -0.55
N ASP A 276 -5.04 10.32 0.60
CA ASP A 276 -3.90 9.50 1.01
C ASP A 276 -4.38 8.07 1.28
N GLY A 277 -3.68 7.09 0.70
CA GLY A 277 -4.01 5.67 0.82
C GLY A 277 -3.45 4.84 -0.32
N SER A 278 -3.90 3.57 -0.39
CA SER A 278 -3.49 2.60 -1.41
C SER A 278 -4.53 2.53 -2.52
N TYR A 279 -4.07 2.41 -3.77
CA TYR A 279 -4.94 2.39 -4.93
C TYR A 279 -4.44 1.38 -5.97
N THR A 280 -5.38 0.85 -6.74
CA THR A 280 -5.10 -0.02 -7.87
C THR A 280 -4.87 0.85 -9.12
N MET A 281 -3.78 0.55 -9.86
CA MET A 281 -3.52 1.14 -11.17
C MET A 281 -3.57 0.03 -12.23
N THR A 282 -4.28 0.31 -13.33
CA THR A 282 -4.26 -0.50 -14.54
C THR A 282 -3.94 0.42 -15.72
N GLY A 283 -3.84 -0.15 -16.92
CA GLY A 283 -3.62 0.61 -18.14
C GLY A 283 -4.08 -0.14 -19.37
N LYS A 284 -4.22 0.58 -20.49
CA LYS A 284 -4.65 0.03 -21.77
C LYS A 284 -3.71 0.52 -22.87
N THR A 285 -3.33 -0.38 -23.79
CA THR A 285 -2.52 -0.05 -24.97
C THR A 285 -3.47 0.50 -26.05
N ARG A 286 -2.89 0.89 -27.19
CA ARG A 286 -3.65 1.41 -28.34
C ARG A 286 -4.44 0.26 -28.99
N SER A 287 -3.83 -0.93 -29.02
CA SER A 287 -4.45 -2.13 -29.58
C SER A 287 -5.63 -2.57 -28.69
N GLY A 288 -5.59 -2.21 -27.40
CA GLY A 288 -6.68 -2.45 -26.45
C GLY A 288 -6.28 -3.36 -25.30
N GLU A 289 -5.14 -4.06 -25.46
CA GLU A 289 -4.66 -5.02 -24.47
C GLU A 289 -4.21 -4.29 -23.20
N ALA A 290 -4.08 -5.05 -22.10
CA ALA A 290 -3.82 -4.52 -20.78
C ALA A 290 -2.32 -4.26 -20.59
N VAL A 291 -2.01 -3.13 -19.95
CA VAL A 291 -0.65 -2.78 -19.57
C VAL A 291 -0.22 -3.71 -18.44
N GLN A 292 1.04 -4.18 -18.50
CA GLN A 292 1.61 -5.12 -17.55
C GLN A 292 2.50 -4.35 -16.56
N PHE A 293 2.65 -4.90 -15.35
CA PHE A 293 3.44 -4.29 -14.29
C PHE A 293 4.33 -5.34 -13.63
N LEU A 294 5.62 -5.00 -13.47
CA LEU A 294 6.63 -5.86 -12.87
C LEU A 294 6.98 -5.30 -11.49
N ASN A 295 7.08 -6.18 -10.48
CA ASN A 295 7.29 -5.72 -9.11
C ASN A 295 8.46 -6.48 -8.45
N ASP A 296 8.30 -7.79 -8.23
CA ASP A 296 9.40 -8.61 -7.70
C ASP A 296 9.61 -9.81 -8.64
N ASN A 297 9.80 -9.49 -9.93
CA ASN A 297 9.86 -10.47 -11.03
C ASN A 297 8.53 -11.21 -11.15
N ILE A 298 7.45 -10.57 -10.69
CA ILE A 298 6.07 -11.03 -10.88
C ILE A 298 5.38 -10.00 -11.78
N THR A 299 4.67 -10.49 -12.80
CA THR A 299 3.97 -9.66 -13.78
C THR A 299 2.47 -9.75 -13.54
N THR A 300 1.84 -8.59 -13.32
CA THR A 300 0.40 -8.48 -13.09
C THR A 300 -0.17 -7.44 -14.06
N THR A 301 -1.51 -7.34 -14.13
CA THR A 301 -2.19 -6.28 -14.87
C THR A 301 -2.71 -5.20 -13.90
N GLU A 302 -2.43 -5.39 -12.60
CA GLU A 302 -2.83 -4.49 -11.53
C GLU A 302 -1.59 -4.11 -10.70
N GLN A 303 -1.44 -2.82 -10.44
CA GLN A 303 -0.33 -2.25 -9.66
C GLN A 303 -0.90 -1.55 -8.42
N THR A 304 -0.27 -1.79 -7.26
CA THR A 304 -0.64 -1.12 -6.02
C THR A 304 0.20 0.16 -5.91
N VAL A 305 -0.49 1.30 -5.83
CA VAL A 305 0.11 2.63 -5.75
C VAL A 305 -0.26 3.25 -4.40
N THR A 306 0.77 3.68 -3.65
CA THR A 306 0.57 4.48 -2.45
C THR A 306 0.63 5.96 -2.85
N VAL A 307 -0.47 6.67 -2.56
CA VAL A 307 -0.58 8.10 -2.85
C VAL A 307 -0.50 8.86 -1.52
N SER A 308 0.19 10.01 -1.56
CA SER A 308 0.26 10.96 -0.44
C SER A 308 0.34 12.38 -0.99
N THR A 309 -0.08 13.37 -0.19
CA THR A 309 -0.03 14.78 -0.60
C THR A 309 1.19 15.43 0.06
N GLU A 310 1.92 16.21 -0.75
CA GLU A 310 3.10 16.94 -0.34
C GLU A 310 2.68 18.32 0.18
N ILE A 311 2.95 18.57 1.47
CA ILE A 311 2.62 19.83 2.13
C ILE A 311 3.86 20.72 2.15
N THR A 312 3.70 21.98 1.76
CA THR A 312 4.79 22.96 1.79
C THR A 312 4.87 23.59 3.19
N LEU A 313 6.05 23.50 3.81
CA LEU A 313 6.29 24.05 5.13
C LEU A 313 6.93 25.43 5.02
N TRP A 314 7.76 25.63 3.99
CA TRP A 314 8.45 26.90 3.80
C TRP A 314 8.91 27.00 2.34
N SER A 315 8.98 28.25 1.85
CA SER A 315 9.37 28.57 0.48
C SER A 315 10.20 29.87 0.47
N GLY A 316 11.21 29.94 -0.41
CA GLY A 316 12.05 31.14 -0.55
C GLY A 316 13.41 30.82 -1.14
N HIS A 317 14.42 31.58 -0.69
CA HIS A 317 15.80 31.48 -1.17
C HIS A 317 16.76 31.99 -0.09
N HIS A 318 17.12 31.11 0.85
CA HIS A 318 17.80 31.47 2.10
C HIS A 318 19.21 30.87 2.15
N TYR A 319 20.23 31.73 2.11
CA TYR A 319 21.63 31.33 2.13
C TYR A 319 21.98 30.79 3.52
N VAL A 320 22.89 29.80 3.55
CA VAL A 320 23.37 29.16 4.77
C VAL A 320 24.90 29.17 4.76
N SER A 321 25.51 29.72 5.82
CA SER A 321 26.95 29.68 6.01
C SER A 321 27.31 29.79 7.49
N TRP A 322 27.98 28.76 8.00
CA TRP A 322 28.42 28.71 9.38
C TRP A 322 29.67 29.59 9.61
N ASP A 323 30.13 30.28 8.55
CA ASP A 323 31.17 31.31 8.66
C ASP A 323 30.59 32.59 9.28
N LYS A 324 29.36 32.92 8.91
CA LYS A 324 28.69 34.15 9.33
C LYS A 324 28.56 34.16 10.86
N PRO A 325 28.59 35.34 11.51
CA PRO A 325 28.59 35.42 12.97
C PRO A 325 27.26 35.00 13.61
N ASP A 326 27.31 34.58 14.88
CA ASP A 326 26.12 34.26 15.66
C ASP A 326 25.16 35.44 15.61
N GLY A 327 23.88 35.17 15.34
CA GLY A 327 22.83 36.19 15.26
C GLY A 327 22.46 36.54 13.84
N ASP A 328 23.41 36.36 12.91
CA ASP A 328 23.20 36.58 11.48
C ASP A 328 22.12 35.60 11.00
N PRO A 329 21.04 36.08 10.32
CA PRO A 329 19.94 35.21 9.91
C PRO A 329 20.34 34.09 8.94
N ASN A 330 21.47 34.28 8.25
CA ASN A 330 21.94 33.36 7.21
C ASN A 330 23.10 32.48 7.71
N LYS A 331 23.30 32.40 9.04
CA LYS A 331 24.28 31.45 9.56
C LYS A 331 23.71 30.04 9.48
N THR A 332 22.39 29.95 9.71
CA THR A 332 21.63 28.71 9.60
C THR A 332 20.31 29.00 8.88
N PHE A 333 19.55 27.93 8.62
CA PHE A 333 18.16 28.04 8.24
C PHE A 333 17.30 27.63 9.44
N GLY A 334 16.74 28.63 10.14
CA GLY A 334 15.65 28.44 11.10
C GLY A 334 14.33 28.43 10.36
N LEU A 335 13.44 29.37 10.70
CA LEU A 335 12.34 29.82 9.82
C LEU A 335 11.18 28.82 9.72
N ILE A 336 11.37 27.57 10.18
CA ILE A 336 10.22 26.70 10.45
C ILE A 336 10.12 26.52 11.96
N PRO A 337 9.09 27.08 12.62
CA PRO A 337 8.98 27.01 14.07
C PRO A 337 8.69 25.60 14.60
N MET A 338 8.99 25.38 15.88
CA MET A 338 8.89 24.08 16.55
C MET A 338 7.47 23.51 16.48
N ASP A 339 6.46 24.38 16.58
CA ASP A 339 5.06 23.95 16.68
C ASP A 339 4.62 23.23 15.38
N VAL A 340 5.25 23.56 14.25
CA VAL A 340 5.00 22.89 12.98
C VAL A 340 5.49 21.44 13.07
N PHE A 341 6.72 21.26 13.57
CA PHE A 341 7.34 19.93 13.70
C PHE A 341 6.62 19.09 14.76
N ALA A 342 6.05 19.75 15.77
CA ALA A 342 5.32 19.06 16.84
C ALA A 342 4.11 18.32 16.25
N GLY A 343 3.57 18.83 15.14
CA GLY A 343 2.37 18.30 14.51
C GLY A 343 2.64 17.15 13.55
N ILE A 344 3.89 17.02 13.10
CA ILE A 344 4.26 16.00 12.11
C ILE A 344 4.21 14.62 12.78
N THR A 345 3.60 13.65 12.08
CA THR A 345 3.48 12.28 12.58
C THR A 345 4.72 11.46 12.16
N ALA A 346 5.18 10.59 13.06
CA ALA A 346 6.35 9.75 12.83
C ALA A 346 6.15 8.93 11.55
N GLY A 347 7.22 8.83 10.75
CA GLY A 347 7.21 8.09 9.50
C GLY A 347 7.09 9.01 8.29
N SER A 348 6.75 10.27 8.53
CA SER A 348 6.60 11.27 7.47
C SER A 348 7.98 11.56 6.86
N THR A 349 7.97 11.93 5.58
CA THR A 349 9.17 12.23 4.81
C THR A 349 9.33 13.74 4.67
N LEU A 350 10.39 14.28 5.29
CA LEU A 350 10.78 15.67 5.09
C LEU A 350 11.66 15.75 3.85
N LYS A 351 11.49 16.81 3.07
CA LYS A 351 12.27 17.07 1.85
C LYS A 351 12.79 18.51 1.91
N VAL A 352 14.08 18.70 1.68
CA VAL A 352 14.70 20.01 1.59
C VAL A 352 15.27 20.16 0.17
N VAL A 353 14.69 21.09 -0.61
CA VAL A 353 15.21 21.46 -1.93
C VAL A 353 16.28 22.54 -1.74
N TYR A 354 17.50 22.25 -2.18
CA TYR A 354 18.65 23.10 -1.95
C TYR A 354 19.30 23.45 -3.30
N SER A 355 19.96 24.61 -3.37
CA SER A 355 20.72 25.01 -4.55
C SER A 355 22.08 25.55 -4.11
N ILE A 356 23.06 25.43 -5.00
CA ILE A 356 24.42 25.86 -4.72
C ILE A 356 24.50 27.39 -4.88
N GLU A 357 25.50 27.97 -4.21
CA GLU A 357 26.02 29.28 -4.53
C GLU A 357 27.28 29.08 -5.38
N PRO A 358 27.22 29.35 -6.71
CA PRO A 358 28.39 29.13 -7.58
C PRO A 358 29.72 29.75 -7.10
N THR A 359 29.67 30.94 -6.50
CA THR A 359 30.88 31.67 -6.08
C THR A 359 31.49 31.04 -4.82
N ALA A 360 30.74 30.17 -4.13
CA ALA A 360 31.18 29.54 -2.90
C ALA A 360 32.27 28.48 -3.19
N GLU A 361 33.25 28.43 -2.30
CA GLU A 361 34.46 27.62 -2.40
C GLU A 361 34.12 26.12 -2.33
N TYR A 362 33.12 25.75 -1.52
CA TYR A 362 32.63 24.35 -1.38
C TYR A 362 31.16 24.36 -0.91
N HIS A 363 30.52 23.18 -0.92
CA HIS A 363 29.10 23.07 -0.55
C HIS A 363 28.89 21.86 0.37
N LYS A 364 28.54 22.13 1.63
CA LYS A 364 28.19 21.12 2.63
C LYS A 364 26.91 21.53 3.35
N MET A 365 26.01 20.56 3.58
CA MET A 365 24.79 20.76 4.36
C MET A 365 24.58 19.59 5.33
N GLN A 366 23.81 19.86 6.38
CA GLN A 366 23.35 18.83 7.33
C GLN A 366 22.02 19.28 7.96
N LEU A 367 21.07 18.35 8.07
CA LEU A 367 19.85 18.58 8.84
C LEU A 367 20.16 18.28 10.31
N ALA A 368 19.74 19.19 11.19
CA ALA A 368 20.10 19.10 12.60
C ALA A 368 18.99 19.72 13.47
N THR A 369 19.14 19.52 14.78
CA THR A 369 18.30 20.15 15.78
C THR A 369 18.82 21.56 16.05
N GLY A 370 18.12 22.28 16.94
CA GLY A 370 18.52 23.61 17.40
C GLY A 370 19.83 23.59 18.18
N TYR A 371 20.20 22.41 18.72
CA TYR A 371 21.46 22.19 19.45
C TYR A 371 22.57 21.72 18.50
N TRP A 372 22.26 21.67 17.19
CA TRP A 372 23.18 21.27 16.12
C TRP A 372 23.49 19.78 16.17
N THR A 373 22.61 18.99 16.79
CA THR A 373 22.68 17.54 16.74
C THR A 373 22.17 17.07 15.38
N GLY A 374 23.03 16.35 14.65
CA GLY A 374 22.70 15.85 13.32
C GLY A 374 21.59 14.82 13.35
N LEU A 375 20.59 15.03 12.49
CA LEU A 375 19.50 14.09 12.27
C LEU A 375 19.92 13.07 11.21
N ALA A 376 20.95 13.41 10.44
CA ALA A 376 21.58 12.53 9.48
C ALA A 376 22.98 13.07 9.16
N SER A 377 23.70 12.37 8.29
CA SER A 377 25.09 12.70 7.98
C SER A 377 25.18 14.08 7.31
N GLU A 378 26.29 14.75 7.60
CA GLU A 378 26.79 15.88 6.82
C GLU A 378 26.98 15.39 5.38
N MET A 379 26.54 16.20 4.40
CA MET A 379 26.66 15.84 2.99
C MET A 379 27.44 16.92 2.24
N GLU A 380 28.41 16.49 1.42
CA GLU A 380 29.15 17.33 0.49
C GLU A 380 28.55 17.13 -0.92
N PHE A 381 28.39 18.22 -1.66
CA PHE A 381 27.77 18.18 -2.99
C PHE A 381 28.34 19.27 -3.88
N THR A 382 28.06 19.17 -5.19
CA THR A 382 28.49 20.16 -6.19
C THR A 382 27.31 20.72 -6.99
N GLU A 383 26.16 20.00 -7.00
CA GLU A 383 25.00 20.36 -7.82
C GLU A 383 23.79 20.56 -6.93
N ASN A 384 22.77 21.26 -7.48
CA ASN A 384 21.45 21.40 -6.85
C ASN A 384 20.81 20.03 -6.69
N GLY A 385 19.91 19.90 -5.71
CA GLY A 385 19.25 18.64 -5.44
C GLY A 385 18.15 18.73 -4.40
N GLU A 386 17.64 17.56 -4.02
CA GLU A 386 16.60 17.40 -3.02
C GLU A 386 17.11 16.40 -1.98
N TYR A 387 17.10 16.80 -0.71
CA TYR A 387 17.45 15.92 0.42
C TYR A 387 16.15 15.43 1.07
N THR A 388 15.93 14.10 1.08
CA THR A 388 14.77 13.53 1.78
C THR A 388 15.26 12.77 3.02
N LEU A 389 14.44 12.81 4.08
CA LEU A 389 14.72 12.18 5.35
C LEU A 389 13.40 11.81 6.02
N ILE A 390 13.29 10.56 6.45
CA ILE A 390 12.15 10.07 7.22
C ILE A 390 12.34 10.47 8.67
N LEU A 391 11.39 11.24 9.21
CA LEU A 391 11.39 11.69 10.60
C LEU A 391 10.74 10.62 11.48
N THR A 392 11.56 9.92 12.26
CA THR A 392 11.10 8.93 13.23
C THR A 392 10.52 9.66 14.46
N GLN A 393 9.88 8.90 15.35
CA GLN A 393 9.32 9.44 16.58
C GLN A 393 10.45 9.96 17.48
N ASP A 394 11.62 9.29 17.43
CA ASP A 394 12.79 9.70 18.19
C ASP A 394 13.31 11.05 17.67
N MET A 395 13.40 11.18 16.35
CA MET A 395 13.85 12.43 15.71
C MET A 395 12.92 13.57 16.11
N LEU A 396 11.61 13.36 15.96
CA LEU A 396 10.60 14.38 16.28
C LEU A 396 10.71 14.78 17.77
N ASN A 397 10.97 13.80 18.64
CA ASN A 397 11.07 14.03 20.07
C ASN A 397 12.30 14.90 20.39
N LYS A 398 13.41 14.62 19.69
CA LYS A 398 14.66 15.30 19.91
C LYS A 398 14.55 16.74 19.41
N ILE A 399 13.83 16.95 18.30
CA ILE A 399 13.60 18.28 17.74
C ILE A 399 12.89 19.17 18.77
N GLN A 400 11.89 18.62 19.47
CA GLN A 400 11.16 19.36 20.51
C GLN A 400 12.07 19.57 21.74
N ALA A 401 12.89 18.57 22.05
CA ALA A 401 13.81 18.60 23.19
C ALA A 401 14.96 19.58 22.96
N GLU A 402 15.36 19.77 21.69
CA GLU A 402 16.57 20.51 21.33
C GLU A 402 16.26 21.70 20.40
N ALA A 403 15.22 22.46 20.75
CA ALA A 403 14.99 23.82 20.24
C ALA A 403 14.75 23.86 18.72
N GLY A 404 14.14 22.80 18.17
CA GLY A 404 13.60 22.83 16.81
C GLY A 404 14.56 22.30 15.76
N PHE A 405 14.30 22.69 14.51
CA PHE A 405 14.96 22.16 13.33
C PHE A 405 15.89 23.24 12.74
N LEU A 406 17.07 22.81 12.29
CA LEU A 406 18.00 23.66 11.56
C LEU A 406 18.49 22.93 10.29
N CYS A 407 18.71 23.70 9.22
CA CYS A 407 19.62 23.32 8.16
C CYS A 407 20.90 24.13 8.32
N VAL A 408 22.02 23.40 8.39
CA VAL A 408 23.31 23.92 8.76
C VAL A 408 24.28 23.60 7.61
N GLY A 409 25.40 24.34 7.53
CA GLY A 409 26.43 24.08 6.52
C GLY A 409 26.97 25.36 5.91
N HIS A 410 27.41 25.27 4.65
CA HIS A 410 28.04 26.38 3.92
C HIS A 410 27.80 26.27 2.42
N GLY A 411 27.58 27.42 1.78
CA GLY A 411 27.67 27.56 0.33
C GLY A 411 26.47 27.00 -0.42
N TYR A 412 25.28 27.09 0.20
CA TYR A 412 24.05 26.65 -0.44
C TYR A 412 22.87 27.49 0.06
N TYR A 413 21.74 27.35 -0.64
CA TYR A 413 20.51 28.01 -0.31
C TYR A 413 19.44 26.95 -0.05
N VAL A 414 18.54 27.20 0.90
CA VAL A 414 17.32 26.42 1.08
C VAL A 414 16.21 27.11 0.30
N ASP A 415 15.59 26.39 -0.63
CA ASP A 415 14.60 26.94 -1.58
C ASP A 415 13.19 26.44 -1.25
N LEU A 416 13.07 25.21 -0.72
CA LEU A 416 11.76 24.62 -0.37
C LEU A 416 11.95 23.59 0.74
N VAL A 417 10.95 23.49 1.62
CA VAL A 417 10.83 22.41 2.59
C VAL A 417 9.40 21.89 2.56
N THR A 418 9.25 20.58 2.32
CA THR A 418 7.94 19.93 2.26
C THR A 418 7.93 18.71 3.18
N VAL A 419 6.72 18.20 3.44
CA VAL A 419 6.50 16.97 4.20
C VAL A 419 5.31 16.24 3.57
N LYS A 420 5.31 14.90 3.66
CA LYS A 420 4.18 14.09 3.16
C LYS A 420 3.95 12.88 4.08
N ASN B 33 5.17 -30.32 22.89
CA ASN B 33 5.99 -29.10 23.17
C ASN B 33 6.58 -28.58 21.85
N ASP B 34 5.73 -27.89 21.07
CA ASP B 34 6.07 -27.34 19.75
C ASP B 34 5.47 -25.93 19.63
N ASP B 35 5.43 -25.40 18.39
CA ASP B 35 4.81 -24.10 18.08
C ASP B 35 3.29 -24.19 18.28
N PRO B 36 2.67 -23.25 19.03
CA PRO B 36 1.22 -23.27 19.23
C PRO B 36 0.45 -22.79 17.99
N HIS B 37 -0.71 -23.41 17.74
CA HIS B 37 -1.56 -23.12 16.59
C HIS B 37 -3.03 -23.37 16.96
N ILE B 38 -3.91 -22.45 16.53
CA ILE B 38 -5.36 -22.58 16.69
C ILE B 38 -5.92 -23.24 15.41
N LEU B 39 -6.18 -24.55 15.49
CA LEU B 39 -6.59 -25.35 14.33
C LEU B 39 -8.06 -25.06 13.99
N ALA B 40 -8.89 -24.87 15.02
CA ALA B 40 -10.29 -24.52 14.83
C ALA B 40 -10.75 -23.61 15.98
N PRO B 41 -11.65 -22.67 15.69
CA PRO B 41 -12.19 -22.42 14.37
C PRO B 41 -11.25 -21.54 13.53
N VAL B 42 -11.51 -21.50 12.21
CA VAL B 42 -10.76 -20.67 11.27
C VAL B 42 -11.36 -19.26 11.30
N PHE B 43 -10.64 -18.31 11.90
CA PHE B 43 -11.06 -16.91 11.96
C PHE B 43 -10.70 -16.21 10.65
N PRO B 44 -11.51 -15.23 10.19
CA PRO B 44 -11.19 -14.46 8.99
C PRO B 44 -10.01 -13.49 9.22
N ASP B 45 -9.29 -13.19 8.13
CA ASP B 45 -8.17 -12.24 8.14
C ASP B 45 -8.74 -10.82 8.10
N ARG B 46 -7.86 -9.84 8.35
CA ARG B 46 -8.21 -8.42 8.31
C ARG B 46 -8.50 -8.02 6.86
N THR B 47 -9.48 -7.13 6.68
CA THR B 47 -9.95 -6.69 5.35
C THR B 47 -8.82 -5.99 4.60
N ASN B 48 -8.30 -4.91 5.20
CA ASN B 48 -7.20 -4.12 4.64
C ASN B 48 -6.23 -3.80 5.80
N GLY B 49 -6.74 -3.01 6.76
CA GLY B 49 -6.15 -2.88 8.08
C GLY B 49 -7.11 -3.28 9.19
N GLN B 50 -8.41 -3.06 8.95
CA GLN B 50 -9.46 -3.13 9.97
C GLN B 50 -9.73 -4.59 10.35
N LEU B 51 -10.10 -4.79 11.63
CA LEU B 51 -10.32 -6.10 12.22
C LEU B 51 -11.61 -6.71 11.68
N ALA B 52 -11.60 -8.03 11.49
CA ALA B 52 -12.76 -8.78 11.01
C ALA B 52 -13.63 -9.19 12.20
N THR B 53 -14.90 -9.51 11.92
CA THR B 53 -15.88 -9.91 12.93
C THR B 53 -15.73 -11.40 13.23
N PHE B 54 -15.54 -11.73 14.51
CA PHE B 54 -15.42 -13.13 14.96
C PHE B 54 -16.80 -13.68 15.33
N ALA B 55 -17.66 -12.83 15.91
CA ALA B 55 -19.03 -13.20 16.29
C ALA B 55 -19.98 -12.03 16.04
N ASN B 56 -21.21 -12.36 15.62
CA ASN B 56 -22.27 -11.39 15.36
C ASN B 56 -23.57 -11.92 15.95
N ILE B 57 -23.86 -11.52 17.20
CA ILE B 57 -24.89 -12.12 18.03
C ILE B 57 -25.84 -11.05 18.55
N SER B 58 -26.87 -11.51 19.28
CA SER B 58 -27.83 -10.66 19.98
C SER B 58 -27.43 -10.52 21.45
N ARG B 59 -28.05 -9.54 22.12
CA ARG B 59 -27.75 -9.20 23.51
C ARG B 59 -28.30 -10.27 24.46
N ASP B 60 -29.39 -10.94 24.06
CA ASP B 60 -30.00 -12.02 24.86
C ASP B 60 -29.11 -13.27 24.83
N ALA B 61 -28.59 -13.60 23.64
CA ALA B 61 -27.64 -14.72 23.46
C ALA B 61 -26.27 -14.33 24.03
N ASN B 62 -25.36 -15.32 24.06
CA ASN B 62 -24.02 -15.16 24.64
C ASN B 62 -22.94 -15.47 23.60
N LEU B 63 -21.73 -14.93 23.84
CA LEU B 63 -20.56 -15.15 23.01
C LEU B 63 -20.01 -16.56 23.30
N SER B 64 -20.30 -17.51 22.41
CA SER B 64 -19.89 -18.91 22.55
C SER B 64 -18.87 -19.26 21.46
N ILE B 65 -17.59 -19.39 21.86
CA ILE B 65 -16.50 -19.81 20.97
C ILE B 65 -15.69 -20.90 21.68
N ALA B 66 -15.61 -22.08 21.05
CA ALA B 66 -14.79 -23.21 21.50
C ALA B 66 -13.60 -23.41 20.56
N LEU B 67 -12.39 -23.37 21.12
CA LEU B 67 -11.15 -23.50 20.36
C LEU B 67 -10.66 -24.95 20.38
N THR B 68 -9.74 -25.26 19.47
CA THR B 68 -8.89 -26.46 19.52
C THR B 68 -7.44 -26.04 19.26
N VAL B 69 -6.55 -26.32 20.23
CA VAL B 69 -5.16 -25.86 20.21
C VAL B 69 -4.24 -27.08 20.11
N THR B 70 -3.18 -26.97 19.30
CA THR B 70 -2.40 -28.13 18.80
C THR B 70 -1.52 -28.72 19.91
N PRO B 71 -0.85 -27.93 20.79
CA PRO B 71 -0.19 -28.48 21.96
C PRO B 71 -1.23 -28.64 23.08
N LYS B 72 -1.86 -29.82 23.10
CA LYS B 72 -3.16 -30.04 23.76
C LYS B 72 -3.11 -29.64 25.24
N ASP B 73 -2.13 -30.18 25.97
CA ASP B 73 -2.04 -30.02 27.44
C ASP B 73 -0.78 -29.23 27.83
N TYR B 74 -0.34 -28.31 26.96
CA TYR B 74 0.84 -27.47 27.21
C TYR B 74 0.54 -26.01 26.82
N THR B 75 -0.73 -25.60 26.95
CA THR B 75 -1.19 -24.29 26.47
C THR B 75 -2.18 -23.68 27.46
N THR B 76 -2.03 -22.37 27.68
CA THR B 76 -2.98 -21.53 28.43
C THR B 76 -3.46 -20.41 27.50
N VAL B 77 -4.75 -20.40 27.18
CA VAL B 77 -5.36 -19.33 26.40
C VAL B 77 -5.89 -18.26 27.38
N THR B 78 -5.71 -16.99 27.01
CA THR B 78 -6.10 -15.84 27.81
C THR B 78 -6.91 -14.88 26.94
N TRP B 79 -8.07 -14.45 27.45
CA TRP B 79 -9.03 -13.64 26.72
C TRP B 79 -8.94 -12.18 27.20
N PHE B 80 -9.09 -11.26 26.24
CA PHE B 80 -9.06 -9.82 26.49
C PHE B 80 -10.25 -9.15 25.80
N ILE B 81 -11.13 -8.53 26.60
CA ILE B 81 -12.22 -7.69 26.12
C ILE B 81 -11.80 -6.22 26.32
N ASP B 82 -11.61 -5.50 25.21
CA ASP B 82 -11.28 -4.07 25.19
C ASP B 82 -10.04 -3.78 26.05
N GLY B 83 -9.06 -4.69 26.01
CA GLY B 83 -7.75 -4.47 26.64
C GLY B 83 -7.57 -5.18 27.98
N GLN B 84 -8.67 -5.38 28.72
CA GLN B 84 -8.62 -5.94 30.09
C GLN B 84 -8.84 -7.46 30.04
N GLU B 85 -8.14 -8.19 30.92
CA GLU B 85 -8.22 -9.66 31.00
C GLU B 85 -9.61 -10.06 31.48
N VAL B 86 -10.11 -11.17 30.93
CA VAL B 86 -11.46 -11.67 31.20
C VAL B 86 -11.39 -13.18 31.42
N GLU B 87 -11.54 -13.60 32.68
CA GLU B 87 -11.72 -15.01 33.03
C GLU B 87 -12.99 -15.52 32.35
N SER B 88 -12.84 -16.55 31.50
CA SER B 88 -13.94 -17.13 30.73
C SER B 88 -14.95 -17.79 31.68
N GLY B 89 -16.15 -18.04 31.15
CA GLY B 89 -17.27 -18.59 31.91
C GLY B 89 -17.51 -20.06 31.60
N THR B 90 -16.46 -20.87 31.78
CA THR B 90 -16.52 -22.34 31.64
C THR B 90 -15.54 -22.98 32.62
N ASP B 91 -15.60 -24.31 32.73
CA ASP B 91 -14.65 -25.11 33.50
C ASP B 91 -13.31 -25.14 32.77
N SER B 92 -13.35 -25.10 31.43
CA SER B 92 -12.16 -25.10 30.57
C SER B 92 -11.81 -23.68 30.14
N ASP B 93 -10.52 -23.46 29.85
CA ASP B 93 -10.03 -22.16 29.38
C ASP B 93 -10.15 -22.06 27.86
N LYS B 94 -10.24 -23.21 27.17
CA LYS B 94 -10.22 -23.29 25.70
C LYS B 94 -11.56 -22.87 25.09
N GLU B 95 -12.60 -22.73 25.92
CA GLU B 95 -13.93 -22.24 25.49
C GLU B 95 -14.27 -20.96 26.26
N ILE B 96 -15.11 -20.11 25.64
CA ILE B 96 -15.60 -18.87 26.27
C ILE B 96 -17.13 -18.83 26.18
N ASN B 97 -17.74 -18.26 27.23
CA ASN B 97 -19.17 -17.97 27.29
C ASN B 97 -19.37 -16.78 28.22
N ARG B 98 -19.77 -15.63 27.65
CA ARG B 98 -19.91 -14.39 28.40
C ARG B 98 -21.19 -13.67 27.97
N SER B 99 -21.86 -13.06 28.94
CA SER B 99 -22.99 -12.16 28.71
C SER B 99 -22.43 -10.75 28.46
N LEU B 100 -22.84 -10.14 27.34
CA LEU B 100 -22.38 -8.81 26.94
C LEU B 100 -23.59 -7.96 26.56
N LYS B 101 -23.61 -6.72 27.06
CA LYS B 101 -24.58 -5.72 26.65
C LYS B 101 -24.21 -5.26 25.23
N ALA B 102 -25.20 -4.71 24.51
CA ALA B 102 -25.08 -4.40 23.08
C ALA B 102 -23.90 -3.45 22.82
N GLY B 103 -23.31 -3.60 21.62
CA GLY B 103 -22.20 -2.76 21.15
C GLY B 103 -21.06 -3.59 20.59
N THR B 104 -20.08 -2.91 19.97
CA THR B 104 -18.89 -3.55 19.41
C THR B 104 -17.81 -3.66 20.50
N TYR B 105 -17.12 -4.80 20.50
CA TYR B 105 -16.03 -5.07 21.43
C TYR B 105 -14.81 -5.58 20.66
N ASN B 106 -13.61 -5.24 21.16
CA ASN B 106 -12.35 -5.78 20.69
C ASN B 106 -12.05 -7.06 21.50
N LEU B 107 -11.67 -8.13 20.79
CA LEU B 107 -11.41 -9.45 21.38
C LEU B 107 -10.04 -9.96 20.93
N LYS B 108 -9.12 -10.14 21.89
CA LYS B 108 -7.82 -10.76 21.68
C LYS B 108 -7.79 -12.12 22.37
N ILE B 109 -7.24 -13.13 21.68
CA ILE B 109 -7.05 -14.48 22.20
C ILE B 109 -5.56 -14.80 22.15
N GLU B 110 -4.89 -14.74 23.32
CA GLU B 110 -3.43 -14.95 23.42
C GLU B 110 -3.15 -16.35 23.97
N VAL B 111 -2.36 -17.13 23.22
CA VAL B 111 -1.99 -18.50 23.57
C VAL B 111 -0.48 -18.55 23.86
N GLU B 112 -0.11 -19.10 25.01
CA GLU B 112 1.27 -19.18 25.50
C GLU B 112 1.63 -20.65 25.78
N THR B 113 2.92 -20.97 25.67
CA THR B 113 3.47 -22.30 25.99
C THR B 113 4.42 -22.18 27.19
N VAL B 114 4.60 -23.29 27.91
CA VAL B 114 5.54 -23.38 29.03
C VAL B 114 6.90 -23.84 28.51
N LYS B 118 4.13 -19.00 20.51
CA LYS B 118 3.22 -18.01 21.10
C LYS B 118 2.59 -17.18 19.98
N THR B 119 1.31 -17.45 19.69
CA THR B 119 0.53 -16.75 18.66
C THR B 119 -0.78 -16.24 19.27
N SER B 120 -1.48 -15.36 18.53
CA SER B 120 -2.75 -14.77 18.97
C SER B 120 -3.65 -14.45 17.78
N ARG B 121 -4.90 -14.10 18.09
CA ARG B 121 -5.88 -13.59 17.13
C ARG B 121 -6.52 -12.32 17.72
N GLU B 122 -6.98 -11.43 16.84
CA GLU B 122 -7.62 -10.19 17.24
C GLU B 122 -8.77 -9.90 16.25
N GLY B 123 -9.95 -9.59 16.79
CA GLY B 123 -11.16 -9.36 15.97
C GLY B 123 -12.26 -8.68 16.75
N LEU B 124 -13.31 -8.26 16.03
CA LEU B 124 -14.45 -7.56 16.59
C LEU B 124 -15.52 -8.57 17.03
N VAL B 125 -16.27 -8.20 18.07
CA VAL B 125 -17.43 -8.93 18.54
C VAL B 125 -18.63 -7.97 18.51
N VAL B 126 -19.51 -8.14 17.53
CA VAL B 126 -20.69 -7.29 17.33
C VAL B 126 -21.86 -7.89 18.10
N VAL B 127 -22.41 -7.12 19.05
CA VAL B 127 -23.57 -7.52 19.87
C VAL B 127 -24.73 -6.58 19.53
N ASN B 128 -25.70 -7.09 18.77
CA ASN B 128 -26.84 -6.31 18.27
C ASN B 128 -27.93 -6.27 19.33
N PRO B 129 -28.60 -5.12 19.54
CA PRO B 129 -29.76 -5.05 20.42
C PRO B 129 -31.02 -5.57 19.71
N LEU B 130 -32.05 -5.95 20.48
CA LEU B 130 -33.36 -6.34 19.95
C LEU B 130 -34.11 -5.07 19.52
N ALA B 131 -35.13 -5.23 18.66
CA ALA B 131 -35.82 -4.12 17.99
C ALA B 131 -36.37 -3.11 19.00
N ASP B 132 -36.91 -3.60 20.12
CA ASP B 132 -37.63 -2.79 21.10
C ASP B 132 -36.68 -2.24 22.18
N ASP B 133 -35.40 -2.67 22.17
CA ASP B 133 -34.39 -2.18 23.12
C ASP B 133 -34.11 -0.70 22.85
N PRO B 134 -34.01 0.16 23.89
CA PRO B 134 -33.34 1.46 23.76
C PRO B 134 -31.91 1.23 23.27
N GLN B 135 -31.52 1.94 22.20
CA GLN B 135 -30.29 1.66 21.49
C GLN B 135 -29.80 2.93 20.77
N SER B 136 -28.48 3.03 20.60
CA SER B 136 -27.84 4.18 19.94
C SER B 136 -26.49 3.75 19.35
N LYS B 137 -26.25 4.19 18.10
CA LYS B 137 -24.95 4.13 17.45
C LYS B 137 -24.50 5.56 17.13
N GLU B 138 -23.26 5.72 16.70
CA GLU B 138 -22.74 6.99 16.23
C GLU B 138 -23.16 7.19 14.77
N VAL B 139 -23.55 8.42 14.43
CA VAL B 139 -23.96 8.79 13.07
C VAL B 139 -22.90 9.71 12.45
N ALA B 140 -22.51 10.75 13.20
CA ALA B 140 -21.44 11.67 12.80
C ALA B 140 -20.36 11.71 13.91
N PHE B 141 -20.33 12.79 14.70
CA PHE B 141 -19.25 13.06 15.64
C PHE B 141 -19.82 13.46 17.01
N GLU B 142 -21.06 13.06 17.28
CA GLU B 142 -21.80 13.53 18.46
C GLU B 142 -21.38 12.76 19.71
N ARG B 143 -20.64 11.65 19.53
CA ARG B 143 -20.14 10.82 20.65
C ARG B 143 -18.84 11.40 21.22
N ILE B 144 -18.28 12.43 20.56
CA ILE B 144 -17.24 13.27 21.14
C ILE B 144 -17.94 14.37 21.95
N VAL B 145 -17.66 14.42 23.26
CA VAL B 145 -18.40 15.24 24.20
C VAL B 145 -17.42 15.99 25.10
N SER B 146 -17.92 17.06 25.73
CA SER B 146 -17.15 17.94 26.61
C SER B 146 -17.76 17.89 28.01
N PRO B 147 -16.94 17.86 29.08
CA PRO B 147 -17.46 17.84 30.44
C PRO B 147 -18.15 19.17 30.80
N GLY B 148 -19.34 19.08 31.40
CA GLY B 148 -20.15 20.22 31.81
C GLY B 148 -20.93 20.83 30.64
N LYS B 149 -21.11 20.07 29.56
CA LYS B 149 -21.81 20.54 28.36
C LYS B 149 -22.78 19.47 27.88
N THR B 150 -23.75 19.90 27.06
CA THR B 150 -24.80 19.03 26.53
C THR B 150 -24.24 18.21 25.36
N ALA B 151 -24.78 16.99 25.20
CA ALA B 151 -24.44 16.07 24.11
C ALA B 151 -25.70 15.38 23.60
N ARG B 152 -25.57 14.61 22.52
CA ARG B 152 -26.68 13.94 21.85
C ARG B 152 -26.39 12.45 21.67
N LEU B 153 -27.47 11.66 21.66
CA LEU B 153 -27.47 10.28 21.17
C LEU B 153 -28.57 10.13 20.11
N TYR B 154 -28.22 9.57 18.96
CA TYR B 154 -29.17 9.19 17.92
C TYR B 154 -29.33 7.67 17.94
N GLY B 155 -30.56 7.19 17.75
CA GLY B 155 -30.83 5.75 17.71
C GLY B 155 -32.31 5.44 17.65
N SER B 156 -32.78 4.62 18.60
CA SER B 156 -34.14 4.09 18.62
C SER B 156 -34.60 3.84 20.06
N ASN B 157 -35.90 4.09 20.30
CA ASN B 157 -36.57 3.84 21.57
C ASN B 157 -35.85 4.58 22.71
N LEU B 158 -35.31 5.76 22.39
CA LEU B 158 -34.50 6.52 23.35
C LEU B 158 -35.40 7.26 24.33
N GLN B 159 -36.68 7.46 23.98
CA GLN B 159 -37.64 8.17 24.84
C GLN B 159 -37.90 7.37 26.13
N ASN B 160 -37.50 6.10 26.18
CA ASN B 160 -37.73 5.21 27.32
C ASN B 160 -36.63 5.40 28.38
N VAL B 161 -35.49 5.99 27.99
CA VAL B 161 -34.32 6.11 28.85
C VAL B 161 -34.56 7.19 29.92
N THR B 162 -34.30 6.85 31.19
CA THR B 162 -34.45 7.80 32.30
C THR B 162 -33.09 8.16 32.93
N ALA B 163 -32.02 7.49 32.50
CA ALA B 163 -30.67 7.76 32.99
C ALA B 163 -29.61 7.21 32.03
N ILE B 164 -28.40 7.78 32.11
CA ILE B 164 -27.23 7.34 31.33
C ILE B 164 -26.08 7.11 32.30
N LEU B 165 -25.52 5.89 32.29
CA LEU B 165 -24.36 5.54 33.10
C LEU B 165 -23.09 5.81 32.27
N LEU B 166 -22.18 6.60 32.85
CA LEU B 166 -20.94 6.98 32.22
C LEU B 166 -19.82 6.86 33.25
N GLY B 167 -19.16 5.69 33.26
CA GLY B 167 -17.98 5.40 34.07
C GLY B 167 -18.14 5.87 35.51
N GLY B 168 -19.04 5.20 36.26
CA GLY B 168 -19.27 5.48 37.67
C GLY B 168 -20.39 6.48 37.89
N ASN B 169 -20.31 7.62 37.18
CA ASN B 169 -21.34 8.66 37.22
C ASN B 169 -22.64 8.13 36.62
N THR B 170 -23.77 8.62 37.15
CA THR B 170 -25.10 8.19 36.73
C THR B 170 -25.92 9.44 36.39
N ILE B 171 -26.06 9.73 35.10
CA ILE B 171 -26.64 10.96 34.58
C ILE B 171 -28.17 10.82 34.56
N THR B 172 -28.83 11.49 35.52
CA THR B 172 -30.29 11.57 35.58
C THR B 172 -30.77 12.72 34.69
N ASP B 173 -32.09 12.74 34.44
CA ASP B 173 -32.75 13.84 33.74
C ASP B 173 -32.07 14.11 32.40
N PRO B 174 -32.13 13.16 31.43
CA PRO B 174 -31.93 13.49 30.01
C PRO B 174 -33.23 14.06 29.41
N THR B 175 -33.16 14.45 28.13
CA THR B 175 -34.28 15.04 27.40
C THR B 175 -34.32 14.46 25.98
N TYR B 176 -35.49 13.93 25.58
CA TYR B 176 -35.73 13.47 24.23
C TYR B 176 -36.30 14.64 23.41
N VAL B 177 -35.53 15.11 22.41
CA VAL B 177 -35.87 16.31 21.65
C VAL B 177 -36.45 15.89 20.29
N GLU B 178 -37.65 16.39 19.98
CA GLU B 178 -38.24 16.27 18.64
C GLU B 178 -37.73 17.43 17.78
N SER B 179 -37.43 17.11 16.51
CA SER B 179 -36.96 18.10 15.54
C SER B 179 -37.38 17.67 14.13
N ALA B 180 -37.12 18.53 13.15
CA ALA B 180 -37.47 18.30 11.75
C ALA B 180 -36.73 17.07 11.21
N ASP B 181 -35.45 16.96 11.56
CA ASP B 181 -34.61 15.82 11.19
C ASP B 181 -34.75 14.75 12.27
N GLU B 182 -33.78 13.83 12.37
CA GLU B 182 -33.85 12.73 13.34
C GLU B 182 -33.90 13.32 14.75
N ASN B 183 -34.74 12.72 15.61
CA ASN B 183 -34.85 13.06 17.02
C ASN B 183 -33.64 12.48 17.77
N TYR B 184 -33.34 13.07 18.93
CA TYR B 184 -32.14 12.73 19.68
C TYR B 184 -32.42 12.83 21.18
N LEU B 185 -31.58 12.14 21.97
CA LEU B 185 -31.61 12.20 23.43
C LEU B 185 -30.47 13.12 23.90
N GLU B 186 -30.84 14.33 24.32
CA GLU B 186 -29.92 15.33 24.85
C GLU B 186 -29.62 15.00 26.32
N TYR B 187 -28.35 15.12 26.72
CA TYR B 187 -27.93 14.84 28.08
C TYR B 187 -26.70 15.67 28.42
N THR B 188 -26.50 15.94 29.71
CA THR B 188 -25.41 16.76 30.22
C THR B 188 -24.30 15.86 30.78
N ILE B 189 -23.05 16.15 30.38
CA ILE B 189 -21.87 15.45 30.89
C ILE B 189 -21.50 16.08 32.24
N PRO B 190 -21.31 15.30 33.32
CA PRO B 190 -20.87 15.85 34.60
C PRO B 190 -19.49 16.53 34.47
N THR B 191 -19.26 17.57 35.29
CA THR B 191 -18.06 18.40 35.21
C THR B 191 -16.83 17.62 35.70
N GLY B 192 -17.04 16.68 36.64
CA GLY B 192 -15.97 15.98 37.34
C GLY B 192 -15.31 14.88 36.52
N VAL B 193 -15.88 14.53 35.37
CA VAL B 193 -15.41 13.40 34.54
C VAL B 193 -14.10 13.78 33.86
N SER B 194 -13.09 12.91 34.00
CA SER B 194 -11.78 13.07 33.38
C SER B 194 -11.87 12.77 31.88
N GLU B 195 -10.85 13.22 31.14
CA GLU B 195 -10.70 12.89 29.72
C GLU B 195 -10.55 11.37 29.59
N GLY B 196 -11.15 10.80 28.53
CA GLY B 196 -11.02 9.38 28.22
C GLY B 196 -12.19 8.85 27.41
N ASP B 197 -12.11 7.56 27.05
CA ASP B 197 -13.18 6.83 26.38
C ASP B 197 -13.97 6.04 27.43
N TYR B 198 -15.29 6.11 27.34
CA TYR B 198 -16.22 5.42 28.26
C TYR B 198 -17.29 4.70 27.46
N ARG B 199 -17.51 3.41 27.78
CA ARG B 199 -18.64 2.66 27.27
C ARG B 199 -19.87 3.02 28.11
N ILE B 200 -20.84 3.70 27.49
CA ILE B 200 -22.03 4.20 28.17
C ILE B 200 -23.06 3.08 28.27
N VAL B 201 -24.06 3.30 29.13
CA VAL B 201 -25.17 2.37 29.35
C VAL B 201 -26.46 3.19 29.51
N LEU B 202 -27.51 2.75 28.82
CA LEU B 202 -28.85 3.34 28.90
C LEU B 202 -29.67 2.59 29.96
N GLN B 203 -30.25 3.34 30.91
CA GLN B 203 -31.03 2.77 32.01
C GLN B 203 -32.50 3.15 31.86
N ASP B 204 -33.38 2.22 32.25
CA ASP B 204 -34.84 2.33 32.19
C ASP B 204 -35.38 2.89 33.51
N ALA B 205 -36.68 3.20 33.52
CA ALA B 205 -37.43 3.50 34.74
C ALA B 205 -37.60 2.21 35.55
N ASP B 206 -37.72 1.09 34.83
CA ASP B 206 -37.77 -0.27 35.39
C ASP B 206 -36.46 -0.59 36.10
N GLY B 207 -35.33 -0.14 35.52
CA GLY B 207 -33.99 -0.41 36.05
C GLY B 207 -33.13 -1.21 35.09
N ASN B 208 -33.74 -1.67 33.97
CA ASN B 208 -33.06 -2.45 32.94
C ASN B 208 -31.98 -1.61 32.26
N GLN B 209 -30.85 -2.24 31.92
CA GLN B 209 -29.70 -1.58 31.33
C GLN B 209 -29.50 -2.09 29.90
N TYR B 210 -29.10 -1.19 28.99
CA TYR B 210 -28.85 -1.49 27.58
C TYR B 210 -27.57 -0.79 27.14
N GLY B 211 -26.72 -1.52 26.38
CA GLY B 211 -25.45 -0.98 25.89
C GLY B 211 -25.66 0.01 24.76
N ALA B 212 -24.74 0.98 24.65
CA ALA B 212 -24.82 2.02 23.62
C ALA B 212 -23.43 2.49 23.19
N ASP B 213 -22.46 1.56 23.12
CA ASP B 213 -21.10 1.81 22.61
C ASP B 213 -20.43 2.95 23.39
N MET B 214 -19.64 3.78 22.70
CA MET B 214 -18.53 4.54 23.29
C MET B 214 -18.80 6.05 23.21
N VAL B 215 -18.24 6.78 24.18
CA VAL B 215 -18.26 8.23 24.23
C VAL B 215 -16.85 8.73 24.54
N LYS B 216 -16.41 9.75 23.80
CA LYS B 216 -15.08 10.35 23.92
C LYS B 216 -15.21 11.69 24.65
N VAL B 217 -14.69 11.75 25.88
CA VAL B 217 -14.69 12.97 26.70
C VAL B 217 -13.34 13.68 26.51
N THR B 218 -13.37 15.00 26.29
CA THR B 218 -12.17 15.79 26.01
C THR B 218 -12.41 17.26 26.37
N ASN B 219 -11.38 17.89 26.95
CA ASN B 219 -11.35 19.33 27.24
C ASN B 219 -10.64 20.09 26.10
N ALA B 220 -9.99 19.35 25.21
CA ALA B 220 -9.22 19.94 24.13
C ALA B 220 -10.14 20.65 23.14
N SER B 221 -9.66 21.77 22.61
CA SER B 221 -10.23 22.39 21.43
C SER B 221 -9.96 21.48 20.23
N LEU B 222 -10.99 20.76 19.78
CA LEU B 222 -10.88 19.74 18.75
C LEU B 222 -11.65 20.21 17.51
N VAL B 223 -10.90 20.62 16.47
CA VAL B 223 -11.48 20.99 15.16
C VAL B 223 -11.78 19.70 14.41
N ILE B 224 -13.05 19.51 14.02
CA ILE B 224 -13.54 18.22 13.51
C ILE B 224 -13.70 18.26 11.98
N SER B 225 -14.30 19.32 11.43
CA SER B 225 -14.61 19.35 10.00
C SER B 225 -14.69 20.78 9.46
N GLY B 226 -14.54 20.89 8.13
CA GLY B 226 -14.56 22.15 7.39
C GLY B 226 -13.18 22.80 7.33
N ALA B 227 -12.13 22.04 7.68
CA ALA B 227 -10.76 22.54 7.79
C ALA B 227 -9.86 21.92 6.70
N ASN B 228 -10.43 21.09 5.83
CA ASN B 228 -9.70 20.37 4.79
C ASN B 228 -9.37 21.30 3.63
N ARG B 229 -10.32 22.18 3.29
CA ARG B 229 -10.23 23.07 2.13
C ARG B 229 -10.53 24.51 2.59
N ALA B 230 -10.02 25.48 1.82
CA ALA B 230 -10.26 26.90 2.08
C ALA B 230 -10.00 27.71 0.80
N THR B 231 -10.78 28.79 0.63
CA THR B 231 -10.65 29.69 -0.51
C THR B 231 -9.66 30.82 -0.17
N ALA B 232 -8.88 31.22 -1.18
CA ALA B 232 -7.74 32.14 -1.05
C ALA B 232 -7.96 33.16 0.06
N ASN B 233 -9.05 33.92 -0.03
CA ASN B 233 -9.40 34.94 0.96
C ASN B 233 -10.92 35.07 1.04
N VAL B 234 -11.48 34.76 2.21
CA VAL B 234 -12.94 34.67 2.43
C VAL B 234 -13.20 34.39 3.92
N ASP B 235 -14.47 34.46 4.32
CA ASP B 235 -14.96 33.86 5.58
C ASP B 235 -14.76 32.34 5.50
N TRP B 236 -14.21 31.77 6.58
CA TRP B 236 -13.85 30.36 6.65
C TRP B 236 -14.45 29.75 7.94
N THR B 237 -15.39 28.82 7.78
CA THR B 237 -16.18 28.29 8.89
C THR B 237 -15.68 26.88 9.24
N ILE B 238 -15.41 26.67 10.53
CA ILE B 238 -14.80 25.45 11.07
C ILE B 238 -15.66 24.94 12.23
N SER B 239 -15.86 23.61 12.29
CA SER B 239 -16.70 22.94 13.30
C SER B 239 -15.81 22.15 14.26
N GLY B 240 -16.23 22.08 15.54
CA GLY B 240 -15.48 21.40 16.59
C GLY B 240 -16.30 21.21 17.85
N ILE B 241 -15.65 21.36 19.02
CA ILE B 241 -16.34 21.12 20.28
C ILE B 241 -15.99 22.22 21.32
N ASN B 242 -14.70 22.50 21.55
CA ASN B 242 -14.31 23.49 22.58
C ASN B 242 -13.57 24.66 21.92
N LEU B 243 -14.15 25.17 20.83
CA LEU B 243 -13.49 26.17 19.97
C LEU B 243 -13.53 27.56 20.63
N GLU B 244 -14.40 27.70 21.64
CA GLU B 244 -14.45 28.85 22.57
C GLU B 244 -13.05 29.23 23.08
N ASN B 245 -12.24 28.21 23.42
CA ASN B 245 -10.96 28.40 24.11
C ASN B 245 -9.82 28.68 23.13
N ILE B 246 -10.10 28.69 21.82
CA ILE B 246 -9.07 28.94 20.80
C ILE B 246 -8.68 30.42 20.84
N ALA B 247 -7.37 30.68 20.77
CA ALA B 247 -6.78 32.03 20.84
C ALA B 247 -6.24 32.47 19.48
N SER B 248 -5.63 31.54 18.72
CA SER B 248 -5.10 31.83 17.37
C SER B 248 -5.05 30.56 16.51
N LEU B 249 -4.97 30.78 15.19
CA LEU B 249 -4.74 29.75 14.16
C LEU B 249 -3.69 30.25 13.18
N THR B 250 -2.75 29.36 12.80
CA THR B 250 -1.66 29.67 11.88
C THR B 250 -1.73 28.73 10.67
N ILE B 251 -1.80 29.31 9.47
CA ILE B 251 -1.91 28.56 8.21
C ILE B 251 -0.79 29.00 7.28
N GLY B 252 0.19 28.11 7.07
CA GLY B 252 1.36 28.39 6.25
C GLY B 252 2.13 29.60 6.76
N GLY B 253 2.27 29.70 8.09
CA GLY B 253 3.05 30.75 8.76
C GLY B 253 2.36 32.10 8.76
N GLN B 254 1.02 32.10 8.84
CA GLN B 254 0.20 33.31 8.90
C GLN B 254 -0.75 33.20 10.10
N THR B 255 -0.35 33.78 11.23
CA THR B 255 -1.09 33.71 12.49
C THR B 255 -2.33 34.61 12.41
N VAL B 256 -3.48 34.06 12.84
CA VAL B 256 -4.76 34.75 12.86
C VAL B 256 -5.36 34.61 14.26
N SER B 257 -5.58 35.74 14.94
CA SER B 257 -6.10 35.80 16.31
C SER B 257 -7.38 36.66 16.39
N GLN B 258 -7.93 37.04 15.23
CA GLN B 258 -9.13 37.88 15.13
C GLN B 258 -10.24 37.10 14.43
N PHE B 259 -11.21 36.63 15.21
CA PHE B 259 -12.26 35.71 14.75
C PHE B 259 -13.57 36.48 14.50
N SER B 260 -14.24 36.12 13.41
CA SER B 260 -15.55 36.65 13.04
C SER B 260 -16.60 36.17 14.05
N ASN B 261 -16.81 34.84 14.10
CA ASN B 261 -17.69 34.18 15.07
C ASN B 261 -16.84 33.33 16.00
N GLN B 262 -17.35 33.04 17.20
CA GLN B 262 -16.69 32.11 18.12
C GLN B 262 -17.72 31.50 19.06
N SER B 263 -18.43 30.50 18.54
CA SER B 263 -19.25 29.59 19.34
C SER B 263 -18.34 28.56 20.01
N SER B 264 -18.95 27.67 20.82
CA SER B 264 -18.24 26.54 21.39
C SER B 264 -17.95 25.51 20.29
N THR B 265 -18.99 25.19 19.51
CA THR B 265 -18.93 24.13 18.49
C THR B 265 -18.49 24.69 17.13
N GLU B 266 -18.57 26.02 16.95
CA GLU B 266 -18.30 26.66 15.66
C GLU B 266 -17.33 27.83 15.83
N ILE B 267 -16.58 28.12 14.76
CA ILE B 267 -15.65 29.24 14.69
C ILE B 267 -15.47 29.64 13.22
N THR B 268 -15.43 30.95 12.96
CA THR B 268 -15.24 31.50 11.62
C THR B 268 -14.13 32.56 11.69
N LEU B 269 -13.35 32.68 10.61
CA LEU B 269 -12.22 33.62 10.54
C LEU B 269 -11.95 34.01 9.09
N THR B 270 -11.07 35.01 8.91
CA THR B 270 -10.59 35.44 7.60
C THR B 270 -9.32 34.63 7.27
N CYS B 271 -9.42 33.80 6.22
CA CYS B 271 -8.30 33.01 5.72
C CYS B 271 -7.26 33.96 5.10
N PRO B 272 -5.97 33.86 5.48
CA PRO B 272 -4.93 34.71 4.90
C PRO B 272 -4.65 34.35 3.43
N ASP B 273 -4.21 35.35 2.65
CA ASP B 273 -4.06 35.22 1.20
C ASP B 273 -2.85 34.36 0.87
N LEU B 274 -3.10 33.08 0.56
CA LEU B 274 -2.07 32.11 0.23
C LEU B 274 -2.22 31.68 -1.24
N SER B 275 -1.10 31.26 -1.84
CA SER B 275 -1.08 30.69 -3.19
C SER B 275 -1.82 29.35 -3.19
N ASP B 276 -2.15 28.85 -4.39
CA ASP B 276 -2.78 27.54 -4.54
C ASP B 276 -1.77 26.47 -4.12
N GLY B 277 -2.24 25.50 -3.33
CA GLY B 277 -1.41 24.39 -2.84
C GLY B 277 -1.91 23.88 -1.50
N SER B 278 -1.14 22.93 -0.93
CA SER B 278 -1.44 22.31 0.34
C SER B 278 -0.53 22.88 1.44
N TYR B 279 -1.13 23.31 2.54
CA TYR B 279 -0.42 23.94 3.66
C TYR B 279 -0.82 23.28 4.98
N THR B 280 -0.06 23.59 6.03
CA THR B 280 -0.27 23.06 7.36
C THR B 280 -0.88 24.14 8.25
N MET B 281 -1.80 23.74 9.14
CA MET B 281 -2.47 24.63 10.09
C MET B 281 -2.33 24.08 11.51
N THR B 282 -1.94 24.94 12.46
CA THR B 282 -1.91 24.64 13.89
C THR B 282 -2.75 25.68 14.63
N GLY B 283 -2.93 25.49 15.94
CA GLY B 283 -3.67 26.42 16.79
C GLY B 283 -3.10 26.51 18.20
N LYS B 284 -3.62 27.49 18.96
CA LYS B 284 -3.24 27.74 20.35
C LYS B 284 -4.50 28.10 21.16
N THR B 285 -4.58 27.58 22.40
CA THR B 285 -5.69 27.87 23.31
C THR B 285 -5.34 29.08 24.19
N ARG B 286 -6.28 29.46 25.06
CA ARG B 286 -6.11 30.56 26.01
C ARG B 286 -4.91 30.26 26.91
N SER B 287 -4.87 29.04 27.45
CA SER B 287 -3.82 28.59 28.38
C SER B 287 -2.47 28.47 27.67
N GLY B 288 -2.51 28.22 26.35
CA GLY B 288 -1.33 28.14 25.49
C GLY B 288 -0.93 26.71 25.17
N GLU B 289 -1.94 25.87 24.92
CA GLU B 289 -1.75 24.48 24.49
C GLU B 289 -2.20 24.34 23.04
N ALA B 290 -1.79 23.23 22.41
CA ALA B 290 -2.01 23.00 21.00
C ALA B 290 -3.47 22.62 20.75
N VAL B 291 -4.09 23.26 19.75
CA VAL B 291 -5.40 22.89 19.24
C VAL B 291 -5.25 21.54 18.52
N GLN B 292 -6.23 20.65 18.74
CA GLN B 292 -6.22 19.31 18.16
C GLN B 292 -7.14 19.29 16.93
N PHE B 293 -6.88 18.33 16.03
CA PHE B 293 -7.61 18.20 14.77
C PHE B 293 -7.93 16.72 14.52
N LEU B 294 -9.16 16.46 14.05
CA LEU B 294 -9.65 15.10 13.79
C LEU B 294 -9.82 14.91 12.28
N ASN B 295 -9.13 13.89 11.76
CA ASN B 295 -9.21 13.46 10.37
C ASN B 295 -9.19 11.92 10.34
N ASP B 296 -10.26 11.32 9.80
CA ASP B 296 -10.43 9.87 9.70
C ASP B 296 -10.16 9.22 11.06
N ASN B 297 -10.67 9.86 12.12
CA ASN B 297 -10.68 9.35 13.49
C ASN B 297 -9.26 9.34 14.09
N ILE B 298 -8.32 10.08 13.48
CA ILE B 298 -6.96 10.25 14.01
C ILE B 298 -6.83 11.69 14.52
N THR B 299 -6.35 11.83 15.76
CA THR B 299 -6.17 13.12 16.43
C THR B 299 -4.71 13.56 16.32
N THR B 300 -4.50 14.72 15.69
CA THR B 300 -3.19 15.36 15.55
C THR B 300 -3.27 16.79 16.10
N THR B 301 -2.11 17.46 16.21
CA THR B 301 -2.04 18.88 16.58
C THR B 301 -1.74 19.72 15.32
N GLU B 302 -2.17 19.19 14.16
CA GLU B 302 -1.81 19.72 12.85
C GLU B 302 -2.85 19.23 11.82
N GLN B 303 -3.22 20.11 10.89
CA GLN B 303 -4.23 19.84 9.87
C GLN B 303 -3.68 20.21 8.50
N THR B 304 -3.85 19.29 7.54
CA THR B 304 -3.54 19.56 6.15
C THR B 304 -4.70 20.33 5.53
N VAL B 305 -4.38 21.46 4.88
CA VAL B 305 -5.38 22.38 4.32
C VAL B 305 -5.02 22.66 2.85
N THR B 306 -5.91 22.29 1.93
CA THR B 306 -5.74 22.57 0.51
C THR B 306 -6.43 23.90 0.19
N VAL B 307 -5.68 24.81 -0.43
CA VAL B 307 -6.14 26.15 -0.78
C VAL B 307 -6.20 26.24 -2.31
N SER B 308 -7.24 26.93 -2.81
CA SER B 308 -7.44 27.12 -4.25
C SER B 308 -8.25 28.40 -4.50
N THR B 309 -8.02 29.02 -5.67
CA THR B 309 -8.72 30.21 -6.10
C THR B 309 -9.80 29.82 -7.12
N GLU B 310 -11.00 30.38 -6.95
CA GLU B 310 -12.08 30.25 -7.90
C GLU B 310 -12.00 31.41 -8.90
N ILE B 311 -12.01 31.09 -10.20
CA ILE B 311 -12.16 32.08 -11.26
C ILE B 311 -13.66 32.25 -11.54
N THR B 312 -14.13 33.49 -11.55
CA THR B 312 -15.53 33.81 -11.85
C THR B 312 -15.70 33.88 -13.37
N LEU B 313 -16.54 32.97 -13.92
CA LEU B 313 -16.83 32.92 -15.35
C LEU B 313 -17.97 33.90 -15.67
N TRP B 314 -18.97 33.97 -14.80
CA TRP B 314 -20.17 34.79 -15.02
C TRP B 314 -20.82 35.15 -13.68
N SER B 315 -21.53 36.27 -13.66
CA SER B 315 -22.18 36.81 -12.48
C SER B 315 -23.43 37.61 -12.88
N GLY B 316 -24.48 37.54 -12.06
CA GLY B 316 -25.74 38.24 -12.31
C GLY B 316 -26.92 37.56 -11.64
N HIS B 317 -28.10 37.64 -12.28
CA HIS B 317 -29.35 37.10 -11.74
C HIS B 317 -30.29 36.71 -12.89
N HIS B 318 -30.06 35.53 -13.47
CA HIS B 318 -30.72 35.07 -14.69
C HIS B 318 -31.72 33.96 -14.37
N TYR B 319 -33.01 34.25 -14.61
CA TYR B 319 -34.09 33.30 -14.42
C TYR B 319 -34.04 32.23 -15.51
N VAL B 320 -34.41 30.99 -15.15
CA VAL B 320 -34.44 29.85 -16.06
C VAL B 320 -35.83 29.21 -15.97
N SER B 321 -36.47 28.99 -17.12
CA SER B 321 -37.74 28.25 -17.19
C SER B 321 -37.98 27.70 -18.59
N TRP B 322 -38.07 26.37 -18.67
CA TRP B 322 -38.31 25.66 -19.93
C TRP B 322 -39.78 25.80 -20.37
N ASP B 323 -40.62 26.44 -19.55
CA ASP B 323 -42.00 26.78 -19.93
C ASP B 323 -41.99 27.92 -20.97
N LYS B 324 -40.95 28.76 -20.92
CA LYS B 324 -40.82 29.91 -21.80
C LYS B 324 -40.63 29.44 -23.24
N PRO B 325 -41.01 30.27 -24.24
CA PRO B 325 -40.88 29.89 -25.65
C PRO B 325 -39.43 29.92 -26.12
N ASP B 326 -39.14 29.19 -27.20
CA ASP B 326 -37.79 29.09 -27.76
C ASP B 326 -37.30 30.49 -28.14
N GLY B 327 -36.02 30.77 -27.86
CA GLY B 327 -35.40 32.03 -28.20
C GLY B 327 -35.65 33.11 -27.17
N ASP B 328 -36.55 32.84 -26.20
CA ASP B 328 -36.68 33.69 -25.03
C ASP B 328 -35.38 33.60 -24.23
N PRO B 329 -34.77 34.76 -23.87
CA PRO B 329 -33.48 34.77 -23.16
C PRO B 329 -33.44 33.93 -21.87
N ASN B 330 -34.60 33.68 -21.25
CA ASN B 330 -34.68 33.04 -19.94
C ASN B 330 -35.25 31.62 -20.01
N LYS B 331 -35.31 31.01 -21.20
CA LYS B 331 -35.69 29.59 -21.30
C LYS B 331 -34.57 28.72 -20.73
N THR B 332 -33.34 29.18 -20.92
CA THR B 332 -32.13 28.55 -20.43
C THR B 332 -31.15 29.63 -19.96
N PHE B 333 -30.05 29.17 -19.37
CA PHE B 333 -28.87 29.98 -19.15
C PHE B 333 -27.76 29.50 -20.08
N GLY B 334 -27.33 30.38 -21.01
CA GLY B 334 -26.26 30.06 -21.96
C GLY B 334 -25.39 31.27 -22.26
N LEU B 335 -24.98 31.97 -21.20
CA LEU B 335 -24.29 33.27 -21.31
C LEU B 335 -22.78 33.09 -21.09
N ILE B 336 -22.31 31.85 -20.98
CA ILE B 336 -20.88 31.55 -21.01
C ILE B 336 -20.57 30.94 -22.37
N PRO B 337 -19.85 31.67 -23.26
CA PRO B 337 -19.58 31.15 -24.61
C PRO B 337 -18.64 29.93 -24.63
N MET B 338 -18.68 29.20 -25.75
CA MET B 338 -17.98 27.91 -25.94
C MET B 338 -16.47 28.07 -25.75
N ASP B 339 -15.92 29.21 -26.20
CA ASP B 339 -14.48 29.44 -26.21
C ASP B 339 -13.93 29.54 -24.78
N VAL B 340 -14.79 29.85 -23.79
CA VAL B 340 -14.40 29.88 -22.38
C VAL B 340 -14.22 28.44 -21.87
N PHE B 341 -15.14 27.54 -22.24
CA PHE B 341 -15.09 26.14 -21.81
C PHE B 341 -13.94 25.41 -22.52
N ALA B 342 -13.55 25.90 -23.70
CA ALA B 342 -12.43 25.35 -24.47
C ALA B 342 -11.12 25.50 -23.68
N GLY B 343 -11.02 26.57 -22.88
CA GLY B 343 -9.83 26.91 -22.10
C GLY B 343 -9.84 26.33 -20.69
N ILE B 344 -10.89 25.58 -20.33
CA ILE B 344 -10.97 24.86 -19.06
C ILE B 344 -10.39 23.46 -19.26
N THR B 345 -9.52 23.03 -18.33
CA THR B 345 -8.85 21.73 -18.40
C THR B 345 -9.66 20.70 -17.60
N ALA B 346 -9.55 19.43 -18.01
CA ALA B 346 -10.34 18.33 -17.46
C ALA B 346 -9.99 18.13 -15.99
N GLY B 347 -11.02 17.87 -15.17
CA GLY B 347 -10.88 17.67 -13.73
C GLY B 347 -11.07 18.95 -12.93
N SER B 348 -11.33 20.07 -13.64
CA SER B 348 -11.70 21.33 -13.02
C SER B 348 -13.08 21.19 -12.40
N THR B 349 -13.32 21.93 -11.31
CA THR B 349 -14.59 21.92 -10.59
C THR B 349 -15.38 23.19 -10.96
N LEU B 350 -16.52 22.99 -11.64
CA LEU B 350 -17.45 24.06 -11.95
C LEU B 350 -18.45 24.20 -10.81
N LYS B 351 -18.73 25.43 -10.39
CA LYS B 351 -19.72 25.74 -9.37
C LYS B 351 -20.76 26.70 -9.95
N VAL B 352 -22.04 26.37 -9.77
CA VAL B 352 -23.17 27.21 -10.16
C VAL B 352 -23.95 27.58 -8.90
N VAL B 353 -23.91 28.86 -8.53
CA VAL B 353 -24.66 29.39 -7.38
C VAL B 353 -26.04 29.81 -7.89
N TYR B 354 -27.09 29.26 -7.25
CA TYR B 354 -28.46 29.40 -7.70
C TYR B 354 -29.36 29.83 -6.54
N SER B 355 -30.49 30.47 -6.88
CA SER B 355 -31.52 30.86 -5.92
C SER B 355 -32.90 30.54 -6.49
N ILE B 356 -33.85 30.25 -5.61
CA ILE B 356 -35.20 29.85 -5.99
C ILE B 356 -36.00 31.10 -6.42
N GLU B 357 -37.04 30.87 -7.21
CA GLU B 357 -38.11 31.83 -7.44
C GLU B 357 -39.29 31.44 -6.55
N PRO B 358 -39.52 32.13 -5.41
CA PRO B 358 -40.59 31.78 -4.48
C PRO B 358 -41.98 31.50 -5.10
N THR B 359 -42.38 32.27 -6.11
CA THR B 359 -43.72 32.14 -6.71
C THR B 359 -43.80 30.89 -7.61
N ALA B 360 -42.65 30.29 -7.92
CA ALA B 360 -42.61 29.10 -8.75
C ALA B 360 -43.15 27.91 -7.94
N GLU B 361 -43.82 27.02 -8.67
CA GLU B 361 -44.57 25.90 -8.14
C GLU B 361 -43.59 24.78 -7.74
N TYR B 362 -42.45 24.69 -8.44
CA TYR B 362 -41.38 23.72 -8.15
C TYR B 362 -40.04 24.27 -8.65
N HIS B 363 -38.94 23.68 -8.21
CA HIS B 363 -37.60 24.13 -8.58
C HIS B 363 -36.74 22.93 -9.03
N LYS B 364 -36.35 22.93 -10.31
CA LYS B 364 -35.52 21.90 -10.91
C LYS B 364 -34.42 22.55 -11.76
N MET B 365 -33.21 21.98 -11.71
CA MET B 365 -32.11 22.40 -12.58
C MET B 365 -31.33 21.17 -13.07
N GLN B 366 -30.63 21.35 -14.19
CA GLN B 366 -29.72 20.36 -14.76
C GLN B 366 -28.62 21.10 -15.54
N LEU B 367 -27.36 20.70 -15.31
CA LEU B 367 -26.27 21.16 -16.17
C LEU B 367 -26.28 20.30 -17.44
N ALA B 368 -26.17 20.94 -18.60
CA ALA B 368 -26.32 20.25 -19.87
C ALA B 368 -25.49 20.93 -20.97
N THR B 369 -25.49 20.31 -22.15
CA THR B 369 -24.90 20.86 -23.36
C THR B 369 -25.96 21.69 -24.09
N GLY B 370 -25.54 22.34 -25.19
CA GLY B 370 -26.43 23.10 -26.07
C GLY B 370 -27.50 22.24 -26.73
N TYR B 371 -27.28 20.92 -26.75
CA TYR B 371 -28.23 19.93 -27.30
C TYR B 371 -29.09 19.32 -26.18
N TRP B 372 -28.97 19.87 -24.96
CA TRP B 372 -29.71 19.45 -23.76
C TRP B 372 -29.34 18.03 -23.35
N THR B 373 -28.10 17.62 -23.62
CA THR B 373 -27.55 16.38 -23.09
C THR B 373 -26.98 16.64 -21.69
N GLY B 374 -27.60 16.04 -20.67
CA GLY B 374 -27.23 16.24 -19.28
C GLY B 374 -25.79 15.81 -19.00
N LEU B 375 -25.07 16.66 -18.26
CA LEU B 375 -23.72 16.37 -17.75
C LEU B 375 -23.82 15.64 -16.41
N ALA B 376 -24.99 15.74 -15.77
CA ALA B 376 -25.30 15.04 -14.53
C ALA B 376 -26.82 14.95 -14.39
N SER B 377 -27.29 14.41 -13.25
CA SER B 377 -28.69 14.25 -13.02
C SER B 377 -29.37 15.61 -12.87
N GLU B 378 -30.61 15.67 -13.34
CA GLU B 378 -31.57 16.69 -12.99
C GLU B 378 -31.72 16.70 -11.47
N MET B 379 -31.76 17.90 -10.87
CA MET B 379 -31.90 18.06 -9.42
C MET B 379 -33.17 18.86 -9.09
N GLU B 380 -33.93 18.38 -8.08
CA GLU B 380 -35.10 19.07 -7.52
C GLU B 380 -34.74 19.56 -6.11
N PHE B 381 -35.10 20.83 -5.81
CA PHE B 381 -34.66 21.50 -4.58
C PHE B 381 -35.75 22.50 -4.13
N THR B 382 -35.63 22.98 -2.88
CA THR B 382 -36.60 23.94 -2.32
C THR B 382 -35.92 25.20 -1.77
N GLU B 383 -34.58 25.24 -1.71
CA GLU B 383 -33.83 26.36 -1.12
C GLU B 383 -32.66 26.75 -2.03
N ASN B 384 -32.10 27.95 -1.81
CA ASN B 384 -30.88 28.40 -2.50
C ASN B 384 -29.72 27.50 -2.10
N GLY B 385 -28.79 27.28 -3.04
CA GLY B 385 -27.61 26.46 -2.78
C GLY B 385 -26.55 26.62 -3.84
N GLU B 386 -25.63 25.65 -3.90
CA GLU B 386 -24.52 25.61 -4.82
C GLU B 386 -24.40 24.20 -5.41
N TYR B 387 -24.44 24.09 -6.74
CA TYR B 387 -24.18 22.85 -7.46
C TYR B 387 -22.71 22.85 -7.91
N THR B 388 -21.97 21.78 -7.59
CA THR B 388 -20.61 21.60 -8.12
C THR B 388 -20.57 20.33 -8.97
N LEU B 389 -19.72 20.36 -10.01
CA LEU B 389 -19.55 19.28 -10.95
C LEU B 389 -18.10 19.28 -11.44
N ILE B 390 -17.47 18.10 -11.39
CA ILE B 390 -16.16 17.90 -11.98
C ILE B 390 -16.35 17.70 -13.49
N LEU B 391 -15.76 18.62 -14.27
CA LEU B 391 -15.80 18.58 -15.73
C LEU B 391 -14.71 17.62 -16.22
N THR B 392 -15.14 16.45 -16.69
CA THR B 392 -14.25 15.45 -17.27
C THR B 392 -13.93 15.85 -18.71
N GLN B 393 -12.96 15.15 -19.31
CA GLN B 393 -12.53 15.40 -20.68
C GLN B 393 -13.68 15.08 -21.64
N ASP B 394 -14.46 14.04 -21.34
CA ASP B 394 -15.60 13.64 -22.17
C ASP B 394 -16.67 14.73 -22.12
N MET B 395 -16.90 15.32 -20.94
CA MET B 395 -17.86 16.39 -20.76
C MET B 395 -17.44 17.63 -21.58
N LEU B 396 -16.15 17.99 -21.50
CA LEU B 396 -15.64 19.20 -22.14
C LEU B 396 -15.69 19.06 -23.66
N ASN B 397 -15.42 17.85 -24.16
CA ASN B 397 -15.47 17.53 -25.59
C ASN B 397 -16.91 17.60 -26.08
N LYS B 398 -17.83 17.03 -25.31
CA LYS B 398 -19.25 16.98 -25.64
C LYS B 398 -19.81 18.41 -25.71
N ILE B 399 -19.27 19.30 -24.87
CA ILE B 399 -19.66 20.71 -24.85
C ILE B 399 -19.25 21.39 -26.17
N GLN B 400 -18.03 21.10 -26.65
CA GLN B 400 -17.53 21.67 -27.91
C GLN B 400 -18.30 21.08 -29.11
N ALA B 401 -18.75 19.83 -28.99
CA ALA B 401 -19.43 19.12 -30.08
C ALA B 401 -20.92 19.48 -30.14
N GLU B 402 -21.50 19.93 -29.01
CA GLU B 402 -22.95 20.12 -28.87
C GLU B 402 -23.29 21.55 -28.41
N ALA B 403 -22.78 22.53 -29.16
CA ALA B 403 -23.22 23.93 -29.10
C ALA B 403 -23.13 24.51 -27.67
N GLY B 404 -22.05 24.17 -26.95
CA GLY B 404 -21.70 24.87 -25.72
C GLY B 404 -22.36 24.27 -24.48
N PHE B 405 -22.56 25.13 -23.47
CA PHE B 405 -22.99 24.75 -22.13
C PHE B 405 -24.28 25.48 -21.75
N LEU B 406 -25.20 24.76 -21.10
CA LEU B 406 -26.50 25.31 -20.66
C LEU B 406 -26.78 24.92 -19.20
N CYS B 407 -27.44 25.82 -18.48
CA CYS B 407 -28.22 25.49 -17.31
C CYS B 407 -29.70 25.50 -17.70
N VAL B 408 -30.37 24.41 -17.36
CA VAL B 408 -31.69 24.07 -17.83
C VAL B 408 -32.56 23.87 -16.59
N GLY B 409 -33.89 23.94 -16.73
CA GLY B 409 -34.80 23.64 -15.63
C GLY B 409 -35.90 24.68 -15.50
N HIS B 410 -36.31 24.95 -14.25
CA HIS B 410 -37.47 25.81 -13.96
C HIS B 410 -37.40 26.34 -12.51
N GLY B 411 -37.83 27.58 -12.33
CA GLY B 411 -38.12 28.16 -11.02
C GLY B 411 -36.88 28.50 -10.22
N TYR B 412 -35.82 28.94 -10.90
CA TYR B 412 -34.56 29.32 -10.23
C TYR B 412 -33.78 30.33 -11.08
N TYR B 413 -32.84 31.01 -10.43
CA TYR B 413 -31.96 31.98 -11.04
C TYR B 413 -30.51 31.48 -10.94
N VAL B 414 -29.74 31.60 -12.02
CA VAL B 414 -28.29 31.43 -11.95
C VAL B 414 -27.70 32.78 -11.50
N ASP B 415 -26.91 32.75 -10.42
CA ASP B 415 -26.38 33.97 -9.78
C ASP B 415 -24.86 34.09 -10.00
N LEU B 416 -24.15 32.95 -10.00
CA LEU B 416 -22.69 32.94 -10.18
C LEU B 416 -22.28 31.62 -10.81
N VAL B 417 -21.21 31.67 -11.62
CA VAL B 417 -20.56 30.48 -12.17
C VAL B 417 -19.05 30.64 -12.02
N THR B 418 -18.41 29.73 -11.30
CA THR B 418 -16.97 29.76 -11.02
C THR B 418 -16.35 28.41 -11.43
N VAL B 419 -15.02 28.40 -11.54
CA VAL B 419 -14.26 27.21 -11.93
C VAL B 419 -12.91 27.20 -11.20
N LYS B 420 -12.36 25.99 -11.05
CA LYS B 420 -11.03 25.76 -10.50
C LYS B 420 -10.55 24.36 -10.88
N THR C 31 -2.87 -45.24 -8.96
CA THR C 31 -3.77 -44.31 -9.72
C THR C 31 -5.07 -44.13 -8.92
N GLU C 32 -5.01 -43.26 -7.91
CA GLU C 32 -6.11 -42.96 -6.97
C GLU C 32 -6.06 -41.48 -6.61
N ASN C 33 -7.15 -40.69 -6.74
CA ASN C 33 -8.38 -40.96 -7.49
C ASN C 33 -9.51 -41.39 -6.53
N ASP C 34 -9.73 -40.60 -5.46
CA ASP C 34 -10.93 -40.72 -4.61
C ASP C 34 -10.96 -39.62 -3.54
N ASP C 35 -12.16 -39.04 -3.34
CA ASP C 35 -12.52 -38.15 -2.21
C ASP C 35 -11.85 -36.77 -2.35
N PRO C 36 -12.57 -35.75 -2.85
CA PRO C 36 -12.00 -34.42 -3.08
C PRO C 36 -11.91 -33.55 -1.81
N HIS C 37 -10.83 -32.76 -1.72
CA HIS C 37 -10.57 -31.85 -0.61
C HIS C 37 -9.82 -30.61 -1.12
N ILE C 38 -10.20 -29.43 -0.58
CA ILE C 38 -9.55 -28.15 -0.88
C ILE C 38 -8.58 -27.83 0.27
N LEU C 39 -7.28 -27.98 0.03
CA LEU C 39 -6.25 -27.86 1.05
C LEU C 39 -5.88 -26.38 1.27
N ALA C 40 -5.88 -25.59 0.17
CA ALA C 40 -5.62 -24.16 0.22
C ALA C 40 -6.37 -23.46 -0.91
N PRO C 41 -6.87 -22.24 -0.66
CA PRO C 41 -6.76 -21.55 0.61
C PRO C 41 -7.79 -22.02 1.65
N VAL C 42 -7.49 -21.80 2.93
CA VAL C 42 -8.37 -22.18 4.04
C VAL C 42 -9.40 -21.06 4.23
N PHE C 43 -10.66 -21.35 3.88
CA PHE C 43 -11.74 -20.36 3.94
C PHE C 43 -12.19 -20.20 5.39
N PRO C 44 -12.74 -19.02 5.77
CA PRO C 44 -13.29 -18.83 7.12
C PRO C 44 -14.52 -19.69 7.38
N ASP C 45 -14.65 -20.16 8.63
CA ASP C 45 -15.82 -20.91 9.11
C ASP C 45 -16.95 -19.92 9.42
N ARG C 46 -18.15 -20.23 8.92
CA ARG C 46 -19.35 -19.44 9.23
C ARG C 46 -19.67 -19.60 10.71
N THR C 47 -20.10 -18.50 11.35
CA THR C 47 -20.45 -18.45 12.77
C THR C 47 -21.86 -17.90 12.94
N ASN C 48 -22.76 -18.71 13.51
CA ASN C 48 -24.16 -18.37 13.80
C ASN C 48 -24.94 -18.18 12.49
N GLY C 49 -24.40 -18.70 11.39
CA GLY C 49 -24.83 -18.32 10.05
C GLY C 49 -24.65 -16.81 9.83
N GLN C 50 -24.95 -16.31 8.63
CA GLN C 50 -25.31 -17.13 7.49
C GLN C 50 -24.03 -17.61 6.80
N LEU C 51 -23.48 -16.79 5.90
CA LEU C 51 -22.32 -17.15 5.09
C LEU C 51 -21.13 -16.27 5.51
N ALA C 52 -19.95 -16.89 5.60
CA ALA C 52 -18.69 -16.18 5.77
C ALA C 52 -18.34 -15.51 4.43
N THR C 53 -17.54 -14.43 4.50
CA THR C 53 -17.13 -13.71 3.29
C THR C 53 -15.72 -14.17 2.90
N PHE C 54 -15.62 -14.73 1.69
CA PHE C 54 -14.38 -15.32 1.18
C PHE C 54 -13.46 -14.23 0.63
N ALA C 55 -14.04 -13.12 0.16
CA ALA C 55 -13.27 -12.01 -0.40
C ALA C 55 -13.96 -10.68 -0.12
N ASN C 56 -13.17 -9.73 0.40
CA ASN C 56 -13.57 -8.34 0.58
C ASN C 56 -12.62 -7.48 -0.25
N ILE C 57 -13.05 -7.13 -1.47
CA ILE C 57 -12.23 -6.40 -2.44
C ILE C 57 -12.94 -5.09 -2.81
N SER C 58 -12.24 -4.23 -3.55
CA SER C 58 -12.83 -3.01 -4.10
C SER C 58 -13.02 -3.18 -5.62
N ARG C 59 -13.95 -2.41 -6.19
CA ARG C 59 -14.55 -2.68 -7.50
C ARG C 59 -13.53 -2.59 -8.65
N ASP C 60 -12.41 -1.89 -8.43
CA ASP C 60 -11.40 -1.69 -9.47
C ASP C 60 -10.28 -2.74 -9.35
N ALA C 61 -10.48 -3.75 -8.51
CA ALA C 61 -9.60 -4.94 -8.42
C ALA C 61 -10.43 -6.20 -8.63
N ASN C 62 -9.85 -7.18 -9.35
CA ASN C 62 -10.53 -8.41 -9.72
C ASN C 62 -10.58 -9.38 -8.52
N LEU C 63 -11.64 -10.19 -8.48
CA LEU C 63 -11.72 -11.36 -7.62
C LEU C 63 -10.61 -12.32 -8.04
N SER C 64 -9.74 -12.70 -7.09
CA SER C 64 -8.59 -13.55 -7.39
C SER C 64 -8.41 -14.61 -6.29
N ILE C 65 -8.85 -15.84 -6.57
CA ILE C 65 -8.70 -17.00 -5.68
C ILE C 65 -8.10 -18.16 -6.49
N ALA C 66 -7.00 -18.73 -5.97
CA ALA C 66 -6.30 -19.85 -6.59
C ALA C 66 -6.34 -21.06 -5.66
N LEU C 67 -6.88 -22.17 -6.16
CA LEU C 67 -7.14 -23.38 -5.37
C LEU C 67 -6.04 -24.41 -5.64
N THR C 68 -5.61 -25.11 -4.58
CA THR C 68 -4.94 -26.40 -4.68
C THR C 68 -5.90 -27.47 -4.15
N VAL C 69 -6.12 -28.52 -4.96
CA VAL C 69 -7.15 -29.52 -4.74
C VAL C 69 -6.53 -30.92 -4.90
N THR C 70 -7.07 -31.89 -4.15
CA THR C 70 -6.72 -33.30 -4.30
C THR C 70 -8.00 -34.09 -4.53
N PRO C 71 -7.94 -35.14 -5.37
CA PRO C 71 -6.75 -35.56 -6.10
C PRO C 71 -6.41 -34.62 -7.27
N LYS C 72 -5.12 -34.44 -7.53
CA LYS C 72 -4.60 -33.35 -8.38
C LYS C 72 -5.20 -33.42 -9.79
N ASP C 73 -4.94 -34.52 -10.50
CA ASP C 73 -5.10 -34.57 -11.95
C ASP C 73 -6.46 -35.18 -12.33
N TYR C 74 -7.37 -35.36 -11.37
CA TYR C 74 -8.63 -36.06 -11.61
C TYR C 74 -9.83 -35.25 -11.08
N THR C 75 -9.68 -33.93 -11.02
CA THR C 75 -10.75 -33.02 -10.56
C THR C 75 -10.97 -31.90 -11.59
N THR C 76 -12.19 -31.35 -11.57
CA THR C 76 -12.51 -30.11 -12.29
C THR C 76 -13.39 -29.24 -11.38
N VAL C 77 -13.07 -27.94 -11.35
CA VAL C 77 -13.79 -26.96 -10.55
C VAL C 77 -14.71 -26.16 -11.48
N THR C 78 -15.95 -25.93 -11.02
CA THR C 78 -16.91 -25.06 -11.69
C THR C 78 -17.31 -23.96 -10.71
N TRP C 79 -17.27 -22.71 -11.16
CA TRP C 79 -17.53 -21.52 -10.34
C TRP C 79 -18.95 -20.99 -10.61
N PHE C 80 -19.61 -20.53 -9.54
CA PHE C 80 -20.97 -20.00 -9.60
C PHE C 80 -21.04 -18.65 -8.87
N ILE C 81 -21.45 -17.60 -9.61
CA ILE C 81 -21.75 -16.28 -9.04
C ILE C 81 -23.27 -16.09 -9.08
N ASP C 82 -23.87 -15.89 -7.90
CA ASP C 82 -25.31 -15.74 -7.74
C ASP C 82 -26.04 -16.90 -8.43
N GLY C 83 -25.49 -18.11 -8.28
CA GLY C 83 -26.07 -19.35 -8.80
C GLY C 83 -26.05 -19.44 -10.32
N GLN C 84 -25.08 -18.77 -10.95
CA GLN C 84 -24.89 -18.80 -12.41
C GLN C 84 -23.43 -19.18 -12.70
N GLU C 85 -23.24 -20.23 -13.50
CA GLU C 85 -21.90 -20.69 -13.84
C GLU C 85 -21.19 -19.57 -14.63
N VAL C 86 -19.93 -19.33 -14.26
CA VAL C 86 -19.08 -18.34 -14.91
C VAL C 86 -17.76 -19.01 -15.30
N GLU C 87 -17.15 -18.54 -16.40
CA GLU C 87 -15.79 -18.89 -16.76
C GLU C 87 -14.86 -18.53 -15.59
N SER C 88 -13.79 -19.32 -15.42
CA SER C 88 -12.80 -19.08 -14.39
C SER C 88 -12.09 -17.75 -14.67
N GLY C 89 -11.88 -17.46 -15.97
CA GLY C 89 -11.21 -16.26 -16.44
C GLY C 89 -9.70 -16.43 -16.52
N THR C 90 -9.25 -17.69 -16.43
CA THR C 90 -7.84 -18.07 -16.59
C THR C 90 -7.77 -19.36 -17.40
N ASP C 91 -6.54 -19.76 -17.75
CA ASP C 91 -6.30 -21.00 -18.51
C ASP C 91 -6.62 -22.22 -17.65
N SER C 92 -6.56 -22.06 -16.31
CA SER C 92 -6.85 -23.12 -15.35
C SER C 92 -8.24 -22.94 -14.75
N ASP C 93 -8.90 -24.07 -14.46
CA ASP C 93 -10.20 -24.10 -13.80
C ASP C 93 -10.01 -23.99 -12.27
N LYS C 94 -8.76 -24.09 -11.80
CA LYS C 94 -8.43 -24.06 -10.38
C LYS C 94 -8.45 -22.62 -9.86
N GLU C 95 -8.19 -21.65 -10.75
CA GLU C 95 -7.96 -20.25 -10.38
C GLU C 95 -8.99 -19.34 -11.06
N ILE C 96 -9.77 -18.61 -10.23
CA ILE C 96 -10.75 -17.64 -10.72
C ILE C 96 -10.07 -16.25 -10.80
N ASN C 97 -10.36 -15.54 -11.88
CA ASN C 97 -10.03 -14.13 -12.06
C ASN C 97 -11.21 -13.46 -12.77
N ARG C 98 -11.90 -12.56 -12.06
CA ARG C 98 -13.13 -11.97 -12.55
C ARG C 98 -13.26 -10.54 -12.05
N SER C 99 -13.62 -9.63 -12.97
CA SER C 99 -13.95 -8.25 -12.66
C SER C 99 -15.41 -8.17 -12.23
N LEU C 100 -15.66 -7.54 -11.08
CA LEU C 100 -16.99 -7.42 -10.49
C LEU C 100 -17.29 -5.95 -10.21
N LYS C 101 -18.52 -5.54 -10.54
CA LYS C 101 -19.05 -4.24 -10.13
C LYS C 101 -19.39 -4.32 -8.63
N ALA C 102 -19.50 -3.15 -7.98
CA ALA C 102 -19.73 -3.06 -6.55
C ALA C 102 -21.03 -3.77 -6.17
N GLY C 103 -21.03 -4.41 -4.99
CA GLY C 103 -22.13 -5.20 -4.47
C GLY C 103 -21.61 -6.42 -3.73
N THR C 104 -22.50 -7.16 -3.05
CA THR C 104 -22.11 -8.43 -2.44
C THR C 104 -22.73 -9.57 -3.25
N TYR C 105 -21.91 -10.60 -3.52
CA TYR C 105 -22.27 -11.70 -4.39
C TYR C 105 -22.20 -13.01 -3.61
N ASN C 106 -23.02 -13.98 -4.02
CA ASN C 106 -22.95 -15.35 -3.54
C ASN C 106 -21.97 -16.12 -4.45
N LEU C 107 -20.98 -16.77 -3.84
CA LEU C 107 -19.98 -17.55 -4.56
C LEU C 107 -20.05 -19.01 -4.10
N LYS C 108 -20.29 -19.93 -5.05
CA LYS C 108 -20.23 -21.38 -4.84
C LYS C 108 -19.05 -21.96 -5.63
N ILE C 109 -18.08 -22.50 -4.90
CA ILE C 109 -16.98 -23.26 -5.47
C ILE C 109 -17.38 -24.75 -5.41
N GLU C 110 -17.49 -25.38 -6.58
CA GLU C 110 -17.99 -26.74 -6.70
C GLU C 110 -16.89 -27.63 -7.33
N VAL C 111 -16.54 -28.71 -6.63
CA VAL C 111 -15.46 -29.61 -7.05
C VAL C 111 -16.04 -31.02 -7.27
N GLU C 112 -15.67 -31.63 -8.40
CA GLU C 112 -16.12 -32.96 -8.78
C GLU C 112 -14.92 -33.75 -9.35
N THR C 113 -14.76 -34.99 -8.89
CA THR C 113 -13.76 -35.90 -9.45
C THR C 113 -14.34 -36.57 -10.69
N VAL C 114 -13.50 -37.37 -11.37
CA VAL C 114 -13.95 -38.20 -12.49
C VAL C 114 -14.91 -39.26 -11.94
N LYS C 115 -16.22 -39.04 -12.18
CA LYS C 115 -17.33 -39.93 -11.78
C LYS C 115 -17.06 -40.53 -10.40
N GLY C 116 -17.41 -39.78 -9.34
CA GLY C 116 -17.96 -38.44 -9.44
C GLY C 116 -18.28 -37.87 -8.08
N LYS C 117 -17.31 -38.00 -7.16
CA LYS C 117 -17.47 -37.60 -5.76
C LYS C 117 -17.25 -36.08 -5.69
N LYS C 118 -18.06 -35.41 -4.87
CA LYS C 118 -18.12 -33.94 -4.85
C LYS C 118 -17.99 -33.43 -3.41
N THR C 119 -17.34 -32.27 -3.28
CA THR C 119 -17.47 -31.37 -2.13
C THR C 119 -17.46 -29.93 -2.67
N SER C 120 -17.94 -29.00 -1.84
CA SER C 120 -18.07 -27.61 -2.25
C SER C 120 -17.93 -26.68 -1.03
N ARG C 121 -17.73 -25.39 -1.32
CA ARG C 121 -17.76 -24.33 -0.32
C ARG C 121 -18.53 -23.15 -0.89
N GLU C 122 -19.28 -22.47 0.00
CA GLU C 122 -20.15 -21.37 -0.36
C GLU C 122 -19.88 -20.20 0.58
N GLY C 123 -19.71 -19.01 0.00
CA GLY C 123 -19.39 -17.79 0.75
C GLY C 123 -19.85 -16.55 0.02
N LEU C 124 -19.63 -15.40 0.67
CA LEU C 124 -19.92 -14.09 0.11
C LEU C 124 -18.64 -13.48 -0.48
N VAL C 125 -18.81 -12.71 -1.56
CA VAL C 125 -17.78 -11.83 -2.07
C VAL C 125 -18.32 -10.40 -1.95
N VAL C 126 -17.67 -9.59 -1.12
CA VAL C 126 -18.05 -8.20 -0.89
C VAL C 126 -17.16 -7.33 -1.79
N VAL C 127 -17.80 -6.57 -2.70
CA VAL C 127 -17.11 -5.69 -3.62
C VAL C 127 -17.51 -4.24 -3.30
N ASN C 128 -16.57 -3.50 -2.69
CA ASN C 128 -16.83 -2.15 -2.17
C ASN C 128 -16.64 -1.13 -3.29
N PRO C 129 -17.49 -0.07 -3.34
CA PRO C 129 -17.27 1.02 -4.30
C PRO C 129 -16.16 1.95 -3.81
N LEU C 130 -15.60 2.74 -4.72
CA LEU C 130 -14.63 3.77 -4.38
C LEU C 130 -15.38 4.97 -3.80
N ALA C 131 -14.63 5.88 -3.17
CA ALA C 131 -15.18 7.02 -2.45
C ALA C 131 -16.12 7.84 -3.35
N ASP C 132 -15.62 8.24 -4.53
CA ASP C 132 -16.30 9.20 -5.40
C ASP C 132 -17.27 8.49 -6.36
N ASP C 133 -17.28 7.15 -6.35
CA ASP C 133 -18.21 6.38 -7.18
C ASP C 133 -19.66 6.67 -6.76
N PRO C 134 -20.59 6.83 -7.73
CA PRO C 134 -22.02 6.69 -7.44
C PRO C 134 -22.27 5.31 -6.83
N GLN C 135 -22.97 5.27 -5.68
CA GLN C 135 -23.13 4.06 -4.91
C GLN C 135 -24.44 4.14 -4.10
N SER C 136 -25.08 2.98 -3.91
CA SER C 136 -26.37 2.88 -3.23
C SER C 136 -26.57 1.47 -2.66
N LYS C 137 -26.85 1.41 -1.36
CA LYS C 137 -27.29 0.20 -0.67
C LYS C 137 -28.76 0.37 -0.24
N GLU C 138 -29.39 -0.75 0.12
CA GLU C 138 -30.74 -0.76 0.69
C GLU C 138 -30.66 -0.20 2.11
N VAL C 139 -31.65 0.62 2.47
CA VAL C 139 -31.75 1.24 3.79
C VAL C 139 -32.95 0.61 4.51
N ALA C 140 -34.13 0.68 3.88
CA ALA C 140 -35.36 0.07 4.39
C ALA C 140 -36.01 -0.78 3.29
N PHE C 141 -37.12 -0.31 2.70
CA PHE C 141 -37.92 -1.09 1.75
C PHE C 141 -38.04 -0.40 0.39
N GLU C 142 -37.11 0.52 0.08
CA GLU C 142 -37.17 1.34 -1.14
C GLU C 142 -36.73 0.53 -2.37
N ARG C 143 -36.12 -0.64 -2.16
CA ARG C 143 -35.64 -1.49 -3.24
C ARG C 143 -36.75 -2.46 -3.70
N ILE C 144 -37.91 -2.43 -3.03
CA ILE C 144 -39.12 -3.10 -3.53
C ILE C 144 -39.88 -2.07 -4.39
N VAL C 145 -39.94 -2.32 -5.70
CA VAL C 145 -40.44 -1.38 -6.69
C VAL C 145 -41.49 -2.09 -7.56
N SER C 146 -42.24 -1.30 -8.32
CA SER C 146 -43.38 -1.76 -9.10
C SER C 146 -43.31 -1.13 -10.49
N PRO C 147 -43.57 -1.88 -11.57
CA PRO C 147 -43.45 -1.34 -12.93
C PRO C 147 -44.48 -0.23 -13.18
N GLY C 148 -44.01 0.89 -13.74
CA GLY C 148 -44.82 2.08 -13.99
C GLY C 148 -44.69 3.11 -12.88
N LYS C 149 -44.34 2.67 -11.67
CA LYS C 149 -44.27 3.50 -10.48
C LYS C 149 -42.86 4.09 -10.33
N THR C 150 -42.77 5.19 -9.57
CA THR C 150 -41.50 5.82 -9.23
C THR C 150 -40.86 5.05 -8.06
N ALA C 151 -39.55 5.26 -7.87
CA ALA C 151 -38.78 4.59 -6.82
C ALA C 151 -37.57 5.44 -6.43
N ARG C 152 -36.92 5.07 -5.32
CA ARG C 152 -35.81 5.81 -4.71
C ARG C 152 -34.59 4.91 -4.58
N LEU C 153 -33.40 5.52 -4.73
CA LEU C 153 -32.14 4.97 -4.25
C LEU C 153 -31.56 5.96 -3.25
N TYR C 154 -30.97 5.44 -2.17
CA TYR C 154 -30.22 6.22 -1.20
C TYR C 154 -28.75 5.80 -1.26
N GLY C 155 -27.84 6.78 -1.16
CA GLY C 155 -26.41 6.50 -1.13
C GLY C 155 -25.57 7.75 -1.21
N SER C 156 -24.53 7.70 -2.04
CA SER C 156 -23.57 8.77 -2.21
C SER C 156 -23.29 9.01 -3.70
N ASN C 157 -23.07 10.28 -4.04
CA ASN C 157 -22.65 10.75 -5.37
C ASN C 157 -23.70 10.42 -6.44
N LEU C 158 -24.97 10.29 -6.04
CA LEU C 158 -26.02 9.87 -6.97
C LEU C 158 -26.41 11.02 -7.89
N GLN C 159 -25.99 12.25 -7.58
CA GLN C 159 -26.30 13.41 -8.43
C GLN C 159 -25.59 13.30 -9.79
N ASN C 160 -24.59 12.42 -9.89
CA ASN C 160 -23.81 12.22 -11.12
C ASN C 160 -24.46 11.20 -12.07
N VAL C 161 -25.47 10.46 -11.58
CA VAL C 161 -26.11 9.37 -12.33
C VAL C 161 -27.10 9.96 -13.36
N THR C 162 -26.89 9.65 -14.63
CA THR C 162 -27.76 10.10 -15.73
C THR C 162 -28.69 8.98 -16.21
N ALA C 163 -28.41 7.73 -15.82
CA ALA C 163 -29.22 6.59 -16.24
C ALA C 163 -29.00 5.38 -15.33
N ILE C 164 -30.03 4.53 -15.25
CA ILE C 164 -30.02 3.32 -14.42
C ILE C 164 -30.40 2.14 -15.30
N LEU C 165 -29.61 1.06 -15.21
CA LEU C 165 -29.82 -0.14 -15.99
C LEU C 165 -30.50 -1.19 -15.12
N LEU C 166 -31.62 -1.73 -15.64
CA LEU C 166 -32.42 -2.74 -14.95
C LEU C 166 -32.91 -3.77 -15.99
N GLY C 167 -32.25 -4.93 -15.99
CA GLY C 167 -32.61 -6.08 -16.82
C GLY C 167 -32.84 -5.71 -18.28
N GLY C 168 -31.89 -5.01 -18.89
CA GLY C 168 -31.92 -4.70 -20.31
C GLY C 168 -32.56 -3.35 -20.61
N ASN C 169 -33.35 -2.81 -19.66
CA ASN C 169 -33.95 -1.49 -19.80
C ASN C 169 -32.94 -0.42 -19.42
N THR C 170 -33.03 0.75 -20.07
CA THR C 170 -32.21 1.91 -19.77
C THR C 170 -33.13 3.04 -19.32
N ILE C 171 -33.25 3.20 -18.01
CA ILE C 171 -34.07 4.23 -17.38
C ILE C 171 -33.31 5.56 -17.45
N THR C 172 -33.86 6.51 -18.21
CA THR C 172 -33.30 7.83 -18.39
C THR C 172 -34.07 8.83 -17.52
N ASP C 173 -33.50 10.04 -17.39
CA ASP C 173 -34.10 11.15 -16.66
C ASP C 173 -34.52 10.71 -15.25
N PRO C 174 -33.57 10.33 -14.38
CA PRO C 174 -33.80 10.27 -12.94
C PRO C 174 -33.75 11.70 -12.38
N THR C 175 -34.12 11.86 -11.10
CA THR C 175 -34.11 13.16 -10.43
C THR C 175 -33.45 13.01 -9.05
N TYR C 176 -32.39 13.77 -8.81
CA TYR C 176 -31.76 13.88 -7.50
C TYR C 176 -32.56 14.88 -6.66
N VAL C 177 -33.21 14.41 -5.60
CA VAL C 177 -34.10 15.23 -4.79
C VAL C 177 -33.36 15.62 -3.49
N GLU C 178 -33.30 16.94 -3.24
CA GLU C 178 -32.82 17.48 -1.98
C GLU C 178 -33.95 17.43 -0.97
N SER C 179 -33.65 16.88 0.21
CA SER C 179 -34.62 16.58 1.27
C SER C 179 -34.06 17.04 2.62
N ALA C 180 -34.96 17.26 3.58
CA ALA C 180 -34.59 17.59 4.95
C ALA C 180 -33.95 16.36 5.61
N ASP C 181 -34.41 15.17 5.22
CA ASP C 181 -33.78 13.89 5.55
C ASP C 181 -32.69 13.59 4.51
N GLU C 182 -32.33 12.31 4.35
CA GLU C 182 -31.35 11.91 3.36
C GLU C 182 -31.91 12.22 1.96
N ASN C 183 -31.04 12.80 1.12
CA ASN C 183 -31.32 13.03 -0.30
C ASN C 183 -31.41 11.68 -1.00
N TYR C 184 -32.12 11.64 -2.13
CA TYR C 184 -32.33 10.39 -2.84
C TYR C 184 -32.48 10.64 -4.35
N LEU C 185 -32.23 9.58 -5.12
CA LEU C 185 -32.38 9.58 -6.55
C LEU C 185 -33.71 8.89 -6.91
N GLU C 186 -34.64 9.69 -7.44
CA GLU C 186 -35.94 9.22 -7.90
C GLU C 186 -35.80 8.74 -9.35
N TYR C 187 -36.43 7.61 -9.67
CA TYR C 187 -36.40 7.02 -11.01
C TYR C 187 -37.72 6.30 -11.27
N THR C 188 -38.07 6.11 -12.55
CA THR C 188 -39.33 5.47 -12.93
C THR C 188 -39.04 4.07 -13.48
N ILE C 189 -39.72 3.07 -12.90
CA ILE C 189 -39.60 1.68 -13.36
C ILE C 189 -40.37 1.56 -14.67
N PRO C 190 -39.78 1.00 -15.75
CA PRO C 190 -40.51 0.78 -16.99
C PRO C 190 -41.67 -0.20 -16.80
N THR C 191 -42.74 -0.01 -17.59
CA THR C 191 -43.96 -0.81 -17.49
C THR C 191 -43.71 -2.24 -17.99
N GLY C 192 -42.72 -2.43 -18.87
CA GLY C 192 -42.38 -3.72 -19.47
C GLY C 192 -41.89 -4.75 -18.47
N VAL C 193 -41.14 -4.30 -17.46
CA VAL C 193 -40.30 -5.18 -16.62
C VAL C 193 -41.15 -6.28 -15.96
N SER C 194 -40.62 -7.51 -15.99
CA SER C 194 -41.25 -8.68 -15.37
C SER C 194 -40.92 -8.73 -13.88
N GLU C 195 -41.72 -9.49 -13.13
CA GLU C 195 -41.45 -9.74 -11.71
C GLU C 195 -40.11 -10.49 -11.60
N GLY C 196 -39.35 -10.18 -10.54
CA GLY C 196 -38.08 -10.85 -10.26
C GLY C 196 -37.11 -9.93 -9.54
N ASP C 197 -35.99 -10.52 -9.09
CA ASP C 197 -34.89 -9.80 -8.47
C ASP C 197 -33.87 -9.44 -9.56
N TYR C 198 -33.54 -8.14 -9.66
CA TYR C 198 -32.57 -7.62 -10.62
C TYR C 198 -31.41 -6.94 -9.89
N ARG C 199 -30.20 -7.08 -10.45
CA ARG C 199 -29.01 -6.34 -10.02
C ARG C 199 -28.89 -5.09 -10.90
N ILE C 200 -29.07 -3.92 -10.30
CA ILE C 200 -29.14 -2.66 -11.03
C ILE C 200 -27.73 -2.07 -11.18
N VAL C 201 -27.61 -1.16 -12.13
CA VAL C 201 -26.35 -0.52 -12.48
C VAL C 201 -26.62 0.97 -12.68
N LEU C 202 -25.76 1.80 -12.10
CA LEU C 202 -25.79 3.25 -12.24
C LEU C 202 -24.84 3.65 -13.39
N GLN C 203 -25.26 4.61 -14.22
CA GLN C 203 -24.47 5.05 -15.36
C GLN C 203 -24.22 6.56 -15.29
N ASP C 204 -22.95 6.92 -15.51
CA ASP C 204 -22.44 8.30 -15.62
C ASP C 204 -22.93 8.96 -16.91
N ALA C 205 -22.63 10.26 -17.04
CA ALA C 205 -22.77 10.99 -18.30
C ALA C 205 -21.65 10.57 -19.26
N ASP C 206 -20.49 10.17 -18.72
CA ASP C 206 -19.35 9.69 -19.50
C ASP C 206 -19.54 8.23 -19.96
N GLY C 207 -20.51 7.53 -19.36
CA GLY C 207 -20.84 6.16 -19.75
C GLY C 207 -20.30 5.12 -18.78
N ASN C 208 -19.52 5.58 -17.79
CA ASN C 208 -18.99 4.70 -16.74
C ASN C 208 -20.16 4.07 -15.98
N GLN C 209 -19.97 2.83 -15.55
CA GLN C 209 -21.03 2.05 -14.89
C GLN C 209 -20.57 1.64 -13.49
N TYR C 210 -21.54 1.60 -12.56
CA TYR C 210 -21.29 1.34 -11.15
C TYR C 210 -22.41 0.45 -10.58
N GLY C 211 -22.04 -0.47 -9.68
CA GLY C 211 -22.97 -1.43 -9.10
C GLY C 211 -23.75 -0.81 -7.94
N ALA C 212 -25.01 -1.24 -7.79
CA ALA C 212 -25.90 -0.70 -6.76
C ALA C 212 -26.83 -1.79 -6.18
N ASP C 213 -26.37 -3.05 -6.19
CA ASP C 213 -27.04 -4.19 -5.53
C ASP C 213 -28.44 -4.41 -6.13
N MET C 214 -29.32 -5.09 -5.38
CA MET C 214 -30.53 -5.72 -5.90
C MET C 214 -31.74 -4.80 -5.74
N VAL C 215 -32.68 -4.96 -6.68
CA VAL C 215 -33.99 -4.32 -6.69
C VAL C 215 -35.01 -5.42 -6.97
N LYS C 216 -36.15 -5.40 -6.27
CA LYS C 216 -37.21 -6.42 -6.38
C LYS C 216 -38.44 -5.81 -7.07
N VAL C 217 -38.82 -6.37 -8.23
CA VAL C 217 -39.97 -5.90 -9.00
C VAL C 217 -41.15 -6.83 -8.71
N THR C 218 -42.30 -6.24 -8.34
CA THR C 218 -43.51 -6.99 -8.01
C THR C 218 -44.75 -6.20 -8.45
N ASN C 219 -45.77 -6.93 -8.92
CA ASN C 219 -47.09 -6.39 -9.26
C ASN C 219 -48.08 -6.65 -8.10
N ALA C 220 -47.64 -7.47 -7.13
CA ALA C 220 -48.47 -7.90 -6.00
C ALA C 220 -48.75 -6.72 -5.08
N SER C 221 -49.96 -6.70 -4.52
CA SER C 221 -50.32 -5.81 -3.43
C SER C 221 -49.64 -6.34 -2.15
N LEU C 222 -48.49 -5.74 -1.81
CA LEU C 222 -47.62 -6.20 -0.72
C LEU C 222 -47.72 -5.22 0.45
N VAL C 223 -48.27 -5.69 1.57
CA VAL C 223 -48.37 -4.95 2.82
C VAL C 223 -47.08 -5.17 3.61
N ILE C 224 -46.40 -4.07 3.98
CA ILE C 224 -45.03 -4.11 4.52
C ILE C 224 -45.04 -3.77 6.01
N SER C 225 -45.68 -2.65 6.39
CA SER C 225 -45.70 -2.18 7.78
C SER C 225 -47.08 -1.67 8.18
N GLY C 226 -47.34 -1.66 9.49
CA GLY C 226 -48.53 -1.05 10.08
C GLY C 226 -49.62 -2.06 10.45
N ALA C 227 -49.54 -3.27 9.88
CA ALA C 227 -50.65 -4.24 9.93
C ALA C 227 -50.51 -5.22 11.09
N ASN C 228 -49.47 -5.07 11.92
CA ASN C 228 -49.20 -5.98 13.04
C ASN C 228 -50.15 -5.67 14.22
N ARG C 229 -50.44 -4.38 14.43
CA ARG C 229 -51.32 -3.91 15.51
C ARG C 229 -52.42 -3.02 14.92
N ALA C 230 -53.62 -3.13 15.50
CA ALA C 230 -54.79 -2.35 15.10
C ALA C 230 -55.66 -2.06 16.32
N THR C 231 -56.43 -0.97 16.24
CA THR C 231 -57.36 -0.57 17.29
C THR C 231 -58.79 -0.63 16.75
N ALA C 232 -59.70 -1.19 17.55
CA ALA C 232 -61.07 -1.50 17.13
C ALA C 232 -61.87 -0.20 16.94
N ASN C 233 -62.52 -0.08 15.78
CA ASN C 233 -63.51 0.96 15.46
C ASN C 233 -62.84 2.34 15.33
N VAL C 234 -61.60 2.37 14.81
CA VAL C 234 -60.90 3.64 14.57
C VAL C 234 -60.04 3.50 13.30
N ASP C 235 -59.57 4.65 12.79
CA ASP C 235 -58.71 4.72 11.60
C ASP C 235 -57.50 3.81 11.80
N TRP C 236 -57.15 3.08 10.74
CA TRP C 236 -56.05 2.14 10.72
C TRP C 236 -55.33 2.27 9.37
N THR C 237 -54.08 2.73 9.41
CA THR C 237 -53.31 2.99 8.20
C THR C 237 -52.27 1.88 8.02
N ILE C 238 -52.17 1.40 6.77
CA ILE C 238 -51.31 0.30 6.36
C ILE C 238 -50.42 0.79 5.21
N SER C 239 -49.14 0.38 5.23
CA SER C 239 -48.14 0.80 4.24
C SER C 239 -47.68 -0.41 3.41
N GLY C 240 -47.48 -0.18 2.11
CA GLY C 240 -47.17 -1.23 1.15
C GLY C 240 -46.67 -0.65 -0.17
N ILE C 241 -47.04 -1.27 -1.30
CA ILE C 241 -46.57 -0.78 -2.60
C ILE C 241 -47.72 -0.73 -3.62
N ASN C 242 -48.46 -1.84 -3.82
CA ASN C 242 -49.50 -1.84 -4.86
C ASN C 242 -50.88 -1.97 -4.20
N LEU C 243 -51.09 -1.18 -3.14
CA LEU C 243 -52.29 -1.29 -2.27
C LEU C 243 -53.51 -0.66 -2.96
N GLU C 244 -53.25 0.20 -3.94
CA GLU C 244 -54.26 0.79 -4.86
C GLU C 244 -55.22 -0.27 -5.40
N ASN C 245 -54.72 -1.49 -5.64
CA ASN C 245 -55.47 -2.56 -6.32
C ASN C 245 -56.24 -3.44 -5.33
N ILE C 246 -56.08 -3.19 -4.02
CA ILE C 246 -56.79 -3.95 -2.98
C ILE C 246 -58.28 -3.61 -3.07
N ALA C 247 -59.11 -4.66 -3.10
CA ALA C 247 -60.57 -4.55 -3.18
C ALA C 247 -61.18 -4.77 -1.79
N SER C 248 -60.65 -5.73 -1.03
CA SER C 248 -61.16 -6.09 0.29
C SER C 248 -60.03 -6.51 1.24
N LEU C 249 -60.29 -6.37 2.55
CA LEU C 249 -59.48 -6.94 3.63
C LEU C 249 -60.41 -7.65 4.62
N THR C 250 -59.97 -8.79 5.15
CA THR C 250 -60.79 -9.65 6.02
C THR C 250 -60.01 -9.99 7.30
N ILE C 251 -60.52 -9.54 8.45
CA ILE C 251 -59.92 -9.78 9.77
C ILE C 251 -60.94 -10.52 10.64
N GLY C 252 -60.61 -11.76 11.02
CA GLY C 252 -61.48 -12.61 11.84
C GLY C 252 -62.86 -12.77 11.23
N GLY C 253 -62.90 -13.02 9.92
CA GLY C 253 -64.14 -13.23 9.17
C GLY C 253 -65.00 -11.99 9.08
N GLN C 254 -64.35 -10.82 9.00
CA GLN C 254 -65.02 -9.53 8.85
C GLN C 254 -64.42 -8.81 7.64
N THR C 255 -65.21 -8.70 6.56
CA THR C 255 -64.78 -8.09 5.31
C THR C 255 -64.97 -6.57 5.39
N VAL C 256 -63.98 -5.84 4.87
CA VAL C 256 -64.02 -4.38 4.72
C VAL C 256 -63.59 -4.04 3.29
N SER C 257 -64.52 -3.53 2.48
CA SER C 257 -64.29 -3.22 1.07
C SER C 257 -64.41 -1.71 0.81
N GLN C 258 -64.50 -0.91 1.88
CA GLN C 258 -64.62 0.55 1.78
C GLN C 258 -63.52 1.19 2.64
N PHE C 259 -62.68 2.01 2.00
CA PHE C 259 -61.46 2.56 2.60
C PHE C 259 -61.52 4.09 2.57
N SER C 260 -60.73 4.72 3.45
CA SER C 260 -60.58 6.18 3.50
C SER C 260 -59.65 6.63 2.36
N ASN C 261 -58.37 6.89 2.67
CA ASN C 261 -57.34 7.05 1.65
C ASN C 261 -57.06 5.68 1.03
N GLN C 262 -56.76 5.67 -0.27
CA GLN C 262 -56.25 4.48 -0.95
C GLN C 262 -55.23 4.92 -2.01
N SER C 263 -54.02 5.22 -1.53
CA SER C 263 -52.87 5.52 -2.37
C SER C 263 -52.22 4.21 -2.84
N SER C 264 -51.18 4.32 -3.66
CA SER C 264 -50.35 3.18 -4.04
C SER C 264 -49.63 2.62 -2.81
N THR C 265 -48.99 3.52 -2.04
CA THR C 265 -48.12 3.18 -0.91
C THR C 265 -48.92 3.01 0.39
N GLU C 266 -50.10 3.62 0.49
CA GLU C 266 -50.85 3.68 1.74
C GLU C 266 -52.34 3.42 1.50
N ILE C 267 -52.95 2.71 2.45
CA ILE C 267 -54.38 2.48 2.51
C ILE C 267 -54.83 2.69 3.96
N THR C 268 -56.04 3.21 4.15
CA THR C 268 -56.61 3.47 5.48
C THR C 268 -58.06 2.97 5.52
N LEU C 269 -58.40 2.26 6.61
CA LEU C 269 -59.71 1.66 6.78
C LEU C 269 -60.14 1.79 8.25
N THR C 270 -61.39 1.43 8.52
CA THR C 270 -61.92 1.33 9.87
C THR C 270 -61.85 -0.14 10.31
N CYS C 271 -61.05 -0.41 11.33
CA CYS C 271 -60.94 -1.74 11.91
C CYS C 271 -62.29 -2.16 12.46
N PRO C 272 -62.83 -3.34 12.07
CA PRO C 272 -64.16 -3.75 12.51
C PRO C 272 -64.21 -3.98 14.02
N ASP C 273 -65.44 -4.09 14.54
CA ASP C 273 -65.71 -4.17 15.98
C ASP C 273 -65.37 -5.58 16.48
N LEU C 274 -64.16 -5.73 17.03
CA LEU C 274 -63.64 -7.02 17.48
C LEU C 274 -63.17 -6.91 18.94
N SER C 275 -63.27 -8.03 19.68
CA SER C 275 -62.74 -8.17 21.03
C SER C 275 -61.20 -8.21 20.97
N ASP C 276 -60.57 -7.86 22.09
CA ASP C 276 -59.11 -7.86 22.22
C ASP C 276 -58.60 -9.30 22.02
N GLY C 277 -57.60 -9.45 21.13
CA GLY C 277 -56.99 -10.74 20.82
C GLY C 277 -56.20 -10.67 19.52
N SER C 278 -55.57 -11.80 19.14
CA SER C 278 -54.84 -11.92 17.89
C SER C 278 -55.72 -12.63 16.84
N TYR C 279 -55.74 -12.07 15.63
CA TYR C 279 -56.56 -12.55 14.52
C TYR C 279 -55.69 -12.75 13.27
N THR C 280 -56.29 -13.35 12.24
CA THR C 280 -55.66 -13.57 10.95
C THR C 280 -56.33 -12.68 9.90
N MET C 281 -55.52 -11.92 9.15
CA MET C 281 -56.00 -11.00 8.11
C MET C 281 -55.58 -11.51 6.72
N THR C 282 -56.56 -11.57 5.80
CA THR C 282 -56.33 -11.86 4.37
C THR C 282 -56.80 -10.65 3.55
N GLY C 283 -56.61 -10.73 2.23
CA GLY C 283 -57.04 -9.68 1.31
C GLY C 283 -57.20 -10.20 -0.11
N LYS C 284 -57.92 -9.42 -0.93
CA LYS C 284 -58.20 -9.72 -2.32
C LYS C 284 -58.01 -8.45 -3.16
N THR C 285 -57.45 -8.60 -4.37
CA THR C 285 -57.29 -7.51 -5.33
C THR C 285 -58.54 -7.39 -6.21
N ARG C 286 -58.58 -6.37 -7.06
CA ARG C 286 -59.65 -6.17 -8.04
C ARG C 286 -59.69 -7.38 -9.00
N SER C 287 -58.53 -7.96 -9.29
CA SER C 287 -58.37 -9.08 -10.22
C SER C 287 -58.60 -10.43 -9.52
N GLY C 288 -58.95 -10.40 -8.23
CA GLY C 288 -59.33 -11.59 -7.47
C GLY C 288 -58.15 -12.45 -7.06
N GLU C 289 -56.97 -11.81 -6.89
CA GLU C 289 -55.75 -12.47 -6.42
C GLU C 289 -55.49 -12.06 -4.96
N ALA C 290 -54.69 -12.88 -4.26
CA ALA C 290 -54.46 -12.74 -2.83
C ALA C 290 -53.51 -11.57 -2.55
N VAL C 291 -53.78 -10.85 -1.45
CA VAL C 291 -52.88 -9.83 -0.93
C VAL C 291 -51.74 -10.52 -0.19
N GLN C 292 -50.55 -9.92 -0.23
CA GLN C 292 -49.36 -10.49 0.39
C GLN C 292 -48.91 -9.58 1.54
N PHE C 293 -48.17 -10.18 2.48
CA PHE C 293 -47.75 -9.53 3.72
C PHE C 293 -46.30 -9.89 4.04
N LEU C 294 -45.47 -8.87 4.24
CA LEU C 294 -44.06 -9.03 4.54
C LEU C 294 -43.84 -8.88 6.06
N ASN C 295 -43.24 -9.89 6.67
CA ASN C 295 -42.93 -9.91 8.11
C ASN C 295 -41.59 -10.64 8.32
N ASP C 296 -40.61 -9.91 8.87
CA ASP C 296 -39.24 -10.41 9.09
C ASP C 296 -38.67 -10.98 7.78
N ASN C 297 -38.97 -10.29 6.67
CA ASN C 297 -38.44 -10.61 5.33
C ASN C 297 -39.03 -11.93 4.81
N ILE C 298 -40.27 -12.25 5.22
CA ILE C 298 -40.99 -13.45 4.78
C ILE C 298 -42.35 -13.03 4.24
N THR C 299 -42.62 -13.40 2.98
CA THR C 299 -43.84 -13.02 2.27
C THR C 299 -44.89 -14.14 2.42
N THR C 300 -45.96 -13.84 3.17
CA THR C 300 -47.04 -14.78 3.45
C THR C 300 -48.33 -14.28 2.79
N THR C 301 -49.37 -15.13 2.83
CA THR C 301 -50.70 -14.82 2.34
C THR C 301 -51.63 -14.46 3.53
N GLU C 302 -51.13 -14.67 4.76
CA GLU C 302 -51.84 -14.44 6.01
C GLU C 302 -51.01 -13.54 6.92
N GLN C 303 -51.70 -12.70 7.71
CA GLN C 303 -51.09 -11.72 8.61
C GLN C 303 -51.69 -11.89 10.02
N THR C 304 -50.83 -11.95 11.03
CA THR C 304 -51.24 -11.93 12.42
C THR C 304 -51.44 -10.47 12.87
N VAL C 305 -52.61 -10.19 13.44
CA VAL C 305 -53.01 -8.83 13.85
C VAL C 305 -53.46 -8.87 15.31
N THR C 306 -52.81 -8.08 16.16
CA THR C 306 -53.18 -7.92 17.57
C THR C 306 -54.10 -6.70 17.69
N VAL C 307 -55.38 -6.97 18.02
CA VAL C 307 -56.41 -5.93 18.13
C VAL C 307 -56.53 -5.51 19.61
N SER C 308 -56.75 -4.20 19.83
CA SER C 308 -56.98 -3.61 21.14
C SER C 308 -58.16 -2.65 21.06
N THR C 309 -58.91 -2.52 22.16
CA THR C 309 -59.97 -1.51 22.31
C THR C 309 -59.42 -0.36 23.17
N GLU C 310 -59.74 0.87 22.75
CA GLU C 310 -59.19 2.10 23.32
C GLU C 310 -60.25 2.79 24.18
N ILE C 311 -59.95 2.95 25.47
CA ILE C 311 -60.84 3.62 26.44
C ILE C 311 -60.28 5.02 26.73
N THR C 312 -61.15 6.03 26.71
CA THR C 312 -60.81 7.40 27.10
C THR C 312 -60.85 7.51 28.63
N LEU C 313 -59.72 7.89 29.23
CA LEU C 313 -59.59 8.03 30.68
C LEU C 313 -59.92 9.47 31.12
N TRP C 314 -59.62 10.44 30.24
CA TRP C 314 -59.76 11.87 30.56
C TRP C 314 -59.72 12.70 29.27
N SER C 315 -60.43 13.84 29.29
CA SER C 315 -60.51 14.77 28.16
C SER C 315 -60.64 16.20 28.69
N GLY C 316 -59.96 17.15 28.03
CA GLY C 316 -60.01 18.55 28.41
C GLY C 316 -58.91 19.37 27.76
N HIS C 317 -58.41 20.35 28.52
CA HIS C 317 -57.35 21.27 28.07
C HIS C 317 -56.68 21.86 29.31
N HIS C 318 -55.81 21.06 29.95
CA HIS C 318 -55.26 21.35 31.25
C HIS C 318 -53.80 21.78 31.11
N TYR C 319 -53.50 23.02 31.51
CA TYR C 319 -52.16 23.59 31.41
C TYR C 319 -51.28 22.99 32.51
N VAL C 320 -49.99 22.84 32.20
CA VAL C 320 -49.00 22.31 33.14
C VAL C 320 -47.81 23.28 33.18
N SER C 321 -47.39 23.63 34.40
CA SER C 321 -46.19 24.45 34.62
C SER C 321 -45.65 24.21 36.03
N TRP C 322 -44.46 23.59 36.12
CA TRP C 322 -43.78 23.32 37.39
C TRP C 322 -43.32 24.62 38.08
N ASP C 323 -43.46 25.76 37.39
CA ASP C 323 -43.15 27.09 37.95
C ASP C 323 -44.12 27.43 39.10
N LYS C 324 -45.39 27.08 38.93
CA LYS C 324 -46.49 27.52 39.80
C LYS C 324 -46.33 26.90 41.19
N PRO C 325 -46.90 27.53 42.25
CA PRO C 325 -46.70 27.04 43.62
C PRO C 325 -47.46 25.73 43.92
N ASP C 326 -46.92 24.94 44.85
CA ASP C 326 -47.54 23.69 45.32
C ASP C 326 -48.96 24.00 45.79
N GLY C 327 -49.96 23.35 45.16
CA GLY C 327 -51.37 23.56 45.45
C GLY C 327 -52.15 24.05 44.24
N ASP C 328 -51.48 24.83 43.37
CA ASP C 328 -52.04 25.29 42.10
C ASP C 328 -52.43 24.06 41.28
N PRO C 329 -53.72 23.95 40.86
CA PRO C 329 -54.17 22.78 40.07
C PRO C 329 -53.40 22.55 38.76
N ASN C 330 -52.81 23.62 38.19
CA ASN C 330 -52.18 23.58 36.87
C ASN C 330 -50.66 23.46 36.98
N LYS C 331 -50.14 23.01 38.14
CA LYS C 331 -48.71 22.74 38.31
C LYS C 331 -48.38 21.34 37.73
N THR C 332 -49.33 20.42 37.88
CA THR C 332 -49.26 19.09 37.32
C THR C 332 -50.63 18.72 36.74
N PHE C 333 -50.62 17.68 35.89
CA PHE C 333 -51.81 16.93 35.54
C PHE C 333 -51.88 15.70 36.44
N GLY C 334 -52.86 15.69 37.37
CA GLY C 334 -53.12 14.57 38.24
C GLY C 334 -54.61 14.38 38.48
N LEU C 335 -55.38 14.36 37.39
CA LEU C 335 -56.84 14.30 37.43
C LEU C 335 -57.36 12.90 37.05
N ILE C 336 -56.45 11.92 36.94
CA ILE C 336 -56.82 10.52 36.77
C ILE C 336 -56.51 9.79 38.08
N PRO C 337 -57.53 9.36 38.85
CA PRO C 337 -57.30 8.72 40.15
C PRO C 337 -56.47 7.42 40.08
N MET C 338 -55.95 6.99 41.24
CA MET C 338 -55.04 5.85 41.36
C MET C 338 -55.76 4.54 41.00
N ASP C 339 -57.02 4.42 41.44
CA ASP C 339 -57.80 3.18 41.30
C ASP C 339 -58.10 2.89 39.82
N VAL C 340 -58.05 3.91 38.97
CA VAL C 340 -58.20 3.73 37.52
C VAL C 340 -56.98 2.96 36.97
N PHE C 341 -55.78 3.34 37.43
CA PHE C 341 -54.52 2.70 37.04
C PHE C 341 -54.40 1.30 37.67
N ALA C 342 -55.02 1.11 38.84
CA ALA C 342 -55.04 -0.18 39.52
C ALA C 342 -55.65 -1.26 38.61
N GLY C 343 -56.58 -0.85 37.73
CA GLY C 343 -57.29 -1.78 36.84
C GLY C 343 -56.76 -1.76 35.41
N ILE C 344 -55.48 -1.40 35.22
CA ILE C 344 -54.83 -1.44 33.91
C ILE C 344 -53.84 -2.61 33.88
N THR C 345 -53.87 -3.39 32.80
CA THR C 345 -53.02 -4.58 32.62
C THR C 345 -51.62 -4.14 32.13
N ALA C 346 -50.61 -4.91 32.52
CA ALA C 346 -49.24 -4.72 32.04
C ALA C 346 -49.19 -4.95 30.53
N GLY C 347 -48.52 -4.03 29.81
CA GLY C 347 -48.41 -4.07 28.35
C GLY C 347 -49.35 -3.09 27.67
N SER C 348 -50.35 -2.58 28.41
CA SER C 348 -51.28 -1.59 27.89
C SER C 348 -50.52 -0.32 27.48
N THR C 349 -50.95 0.29 26.38
CA THR C 349 -50.37 1.53 25.85
C THR C 349 -51.21 2.72 26.30
N LEU C 350 -50.60 3.59 27.12
CA LEU C 350 -51.18 4.88 27.50
C LEU C 350 -50.84 5.89 26.40
N LYS C 351 -51.83 6.70 26.01
CA LYS C 351 -51.64 7.79 25.05
C LYS C 351 -52.01 9.12 25.73
N VAL C 352 -51.16 10.13 25.56
CA VAL C 352 -51.43 11.47 26.07
C VAL C 352 -51.33 12.46 24.90
N VAL C 353 -52.49 12.92 24.42
CA VAL C 353 -52.57 13.95 23.39
C VAL C 353 -52.30 15.30 24.07
N TYR C 354 -51.37 16.08 23.50
CA TYR C 354 -50.92 17.34 24.09
C TYR C 354 -50.94 18.44 23.02
N SER C 355 -50.95 19.69 23.49
CA SER C 355 -50.85 20.88 22.66
C SER C 355 -49.99 21.93 23.36
N ILE C 356 -49.38 22.83 22.57
CA ILE C 356 -48.45 23.83 23.06
C ILE C 356 -49.23 25.07 23.52
N GLU C 357 -48.62 25.83 24.43
CA GLU C 357 -48.98 27.22 24.70
C GLU C 357 -48.03 28.10 23.92
N PRO C 358 -48.48 28.80 22.85
CA PRO C 358 -47.61 29.62 22.01
C PRO C 358 -46.70 30.63 22.75
N THR C 359 -47.23 31.25 23.81
CA THR C 359 -46.52 32.30 24.56
C THR C 359 -45.40 31.70 25.43
N ALA C 360 -45.44 30.38 25.63
CA ALA C 360 -44.46 29.67 26.44
C ALA C 360 -43.09 29.71 25.77
N GLU C 361 -42.04 29.87 26.60
CA GLU C 361 -40.65 30.03 26.17
C GLU C 361 -40.11 28.69 25.63
N TYR C 362 -40.54 27.57 26.25
CA TYR C 362 -40.22 26.20 25.81
C TYR C 362 -41.41 25.27 26.12
N HIS C 363 -41.36 24.03 25.60
CA HIS C 363 -42.44 23.04 25.79
C HIS C 363 -41.84 21.67 26.13
N LYS C 364 -41.76 21.36 27.44
CA LYS C 364 -41.24 20.08 27.98
C LYS C 364 -42.37 19.35 28.73
N MET C 365 -42.46 18.02 28.52
CA MET C 365 -43.40 17.17 29.27
C MET C 365 -42.70 15.87 29.70
N GLN C 366 -43.22 15.26 30.76
CA GLN C 366 -42.73 13.98 31.30
C GLN C 366 -43.86 13.29 32.08
N LEU C 367 -44.03 11.99 31.82
CA LEU C 367 -44.94 11.14 32.59
C LEU C 367 -44.19 10.64 33.83
N ALA C 368 -44.84 10.76 35.00
CA ALA C 368 -44.19 10.46 36.28
C ALA C 368 -45.23 10.00 37.31
N THR C 369 -44.73 9.60 38.48
CA THR C 369 -45.54 9.21 39.63
C THR C 369 -45.82 10.45 40.49
N GLY C 370 -46.52 10.25 41.61
CA GLY C 370 -46.85 11.30 42.58
C GLY C 370 -45.62 11.82 43.31
N TYR C 371 -44.56 11.00 43.40
CA TYR C 371 -43.26 11.39 43.95
C TYR C 371 -42.37 12.02 42.88
N TRP C 372 -42.91 12.19 41.66
CA TRP C 372 -42.24 12.79 40.50
C TRP C 372 -41.11 11.88 39.99
N THR C 373 -41.25 10.57 40.21
CA THR C 373 -40.34 9.59 39.62
C THR C 373 -40.76 9.37 38.16
N GLY C 374 -39.84 9.64 37.24
CA GLY C 374 -40.12 9.56 35.80
C GLY C 374 -40.31 8.13 35.34
N LEU C 375 -41.39 7.90 34.57
CA LEU C 375 -41.69 6.59 33.97
C LEU C 375 -40.90 6.44 32.67
N ALA C 376 -40.53 7.59 32.06
CA ALA C 376 -39.81 7.65 30.81
C ALA C 376 -39.08 8.99 30.72
N SER C 377 -38.39 9.21 29.60
CA SER C 377 -37.65 10.43 29.37
C SER C 377 -38.60 11.63 29.33
N GLU C 378 -38.16 12.70 30.00
CA GLU C 378 -38.59 14.07 29.73
C GLU C 378 -38.47 14.32 28.23
N MET C 379 -39.49 14.92 27.62
CA MET C 379 -39.51 15.19 26.18
C MET C 379 -39.73 16.69 25.91
N GLU C 380 -38.94 17.24 24.98
CA GLU C 380 -39.05 18.62 24.48
C GLU C 380 -39.68 18.57 23.07
N PHE C 381 -40.59 19.52 22.80
CA PHE C 381 -41.32 19.59 21.53
C PHE C 381 -41.64 21.05 21.20
N THR C 382 -42.11 21.31 19.96
CA THR C 382 -42.41 22.66 19.49
C THR C 382 -43.76 22.72 18.75
N GLU C 383 -44.47 21.60 18.65
CA GLU C 383 -45.80 21.56 18.04
C GLU C 383 -46.66 20.50 18.74
N ASN C 384 -47.95 20.46 18.37
CA ASN C 384 -48.93 19.52 18.93
C ASN C 384 -48.58 18.09 18.49
N GLY C 385 -49.05 17.12 19.26
CA GLY C 385 -48.84 15.71 18.95
C GLY C 385 -49.37 14.78 20.03
N GLU C 386 -48.97 13.51 19.92
CA GLU C 386 -49.34 12.43 20.84
C GLU C 386 -48.07 11.83 21.45
N TYR C 387 -48.19 11.29 22.67
CA TYR C 387 -47.10 10.60 23.35
C TYR C 387 -47.64 9.26 23.88
N THR C 388 -47.07 8.16 23.37
CA THR C 388 -47.49 6.81 23.76
C THR C 388 -46.43 6.21 24.69
N LEU C 389 -46.90 5.41 25.66
CA LEU C 389 -46.04 4.71 26.62
C LEU C 389 -46.69 3.38 26.98
N ILE C 390 -45.91 2.29 26.82
CA ILE C 390 -46.30 0.97 27.27
C ILE C 390 -46.04 0.91 28.77
N LEU C 391 -47.09 0.64 29.55
CA LEU C 391 -47.01 0.59 31.02
C LEU C 391 -46.64 -0.84 31.45
N THR C 392 -45.39 -1.01 31.91
CA THR C 392 -44.90 -2.27 32.42
C THR C 392 -45.44 -2.47 33.85
N GLN C 393 -45.30 -3.70 34.36
CA GLN C 393 -45.80 -4.08 35.69
C GLN C 393 -45.06 -3.30 36.79
N ASP C 394 -43.81 -2.91 36.52
CA ASP C 394 -42.98 -2.15 37.47
C ASP C 394 -43.50 -0.71 37.58
N MET C 395 -43.91 -0.12 36.45
CA MET C 395 -44.46 1.24 36.41
C MET C 395 -45.77 1.29 37.19
N LEU C 396 -46.67 0.34 36.90
CA LEU C 396 -48.00 0.26 37.52
C LEU C 396 -47.85 0.06 39.03
N ASN C 397 -46.86 -0.74 39.44
CA ASN C 397 -46.53 -0.98 40.85
C ASN C 397 -46.09 0.33 41.52
N LYS C 398 -45.23 1.08 40.83
CA LYS C 398 -44.64 2.30 41.36
C LYS C 398 -45.71 3.40 41.43
N ILE C 399 -46.67 3.37 40.50
CA ILE C 399 -47.79 4.33 40.47
C ILE C 399 -48.63 4.15 41.74
N GLN C 400 -48.92 2.90 42.11
CA GLN C 400 -49.73 2.59 43.30
C GLN C 400 -48.93 2.93 44.57
N ALA C 401 -47.61 2.72 44.51
CA ALA C 401 -46.72 2.91 45.65
C ALA C 401 -46.43 4.40 45.90
N GLU C 402 -46.37 5.20 44.82
CA GLU C 402 -45.87 6.58 44.89
C GLU C 402 -46.97 7.59 44.53
N ALA C 403 -48.16 7.41 45.11
CA ALA C 403 -49.23 8.43 45.14
C ALA C 403 -49.73 8.79 43.74
N GLY C 404 -49.83 7.79 42.86
CA GLY C 404 -50.59 7.91 41.61
C GLY C 404 -49.74 8.35 40.44
N PHE C 405 -50.41 8.93 39.43
CA PHE C 405 -49.85 9.26 38.12
C PHE C 405 -49.92 10.78 37.90
N LEU C 406 -48.87 11.32 37.27
CA LEU C 406 -48.79 12.74 36.96
C LEU C 406 -48.21 12.92 35.55
N CYS C 407 -48.62 14.00 34.89
CA CYS C 407 -47.84 14.65 33.85
C CYS C 407 -47.29 15.95 34.43
N VAL C 408 -45.97 16.13 34.31
CA VAL C 408 -45.28 17.33 34.75
C VAL C 408 -44.67 18.01 33.52
N GLY C 409 -44.05 19.17 33.73
CA GLY C 409 -43.38 19.91 32.67
C GLY C 409 -43.79 21.36 32.66
N HIS C 410 -43.77 21.97 31.47
CA HIS C 410 -44.02 23.40 31.30
C HIS C 410 -44.47 23.68 29.87
N GLY C 411 -45.44 24.59 29.74
CA GLY C 411 -45.81 25.21 28.48
C GLY C 411 -46.52 24.26 27.53
N TYR C 412 -47.38 23.38 28.08
CA TYR C 412 -48.24 22.53 27.25
C TYR C 412 -49.54 22.23 28.00
N TYR C 413 -50.53 21.75 27.23
CA TYR C 413 -51.83 21.33 27.74
C TYR C 413 -52.00 19.83 27.51
N VAL C 414 -52.61 19.14 28.48
CA VAL C 414 -53.09 17.78 28.30
C VAL C 414 -54.53 17.88 27.76
N ASP C 415 -54.77 17.31 26.59
CA ASP C 415 -56.05 17.41 25.88
C ASP C 415 -56.86 16.11 26.00
N LEU C 416 -56.17 14.97 25.99
CA LEU C 416 -56.81 13.64 25.98
C LEU C 416 -55.84 12.60 26.57
N VAL C 417 -56.40 11.60 27.26
CA VAL C 417 -55.63 10.46 27.77
C VAL C 417 -56.42 9.18 27.51
N THR C 418 -55.81 8.25 26.76
CA THR C 418 -56.43 6.95 26.43
C THR C 418 -55.49 5.82 26.85
N VAL C 419 -56.06 4.61 26.94
CA VAL C 419 -55.34 3.38 27.31
C VAL C 419 -55.87 2.22 26.46
N LYS C 420 -54.99 1.24 26.22
CA LYS C 420 -55.34 0.02 25.49
C LYS C 420 -54.29 -1.06 25.77
N ASN D 33 29.00 -46.45 25.02
CA ASN D 33 28.45 -45.13 24.57
C ASN D 33 29.52 -44.06 24.69
N ASP D 34 29.99 -43.47 23.58
CA ASP D 34 29.51 -43.66 22.21
C ASP D 34 30.17 -42.58 21.34
N ASP D 35 30.28 -42.82 20.02
CA ASP D 35 30.77 -41.83 19.05
C ASP D 35 29.67 -40.82 18.76
N PRO D 36 29.83 -39.52 19.12
CA PRO D 36 28.72 -38.56 19.03
C PRO D 36 28.34 -38.20 17.59
N HIS D 37 27.05 -37.95 17.38
CA HIS D 37 26.49 -37.57 16.07
C HIS D 37 25.37 -36.54 16.26
N ILE D 38 25.01 -35.89 15.15
CA ILE D 38 23.91 -34.92 15.10
C ILE D 38 22.86 -35.42 14.10
N LEU D 39 21.76 -35.96 14.64
CA LEU D 39 20.70 -36.60 13.84
C LEU D 39 19.82 -35.55 13.15
N ALA D 40 19.62 -34.39 13.80
CA ALA D 40 18.79 -33.31 13.26
C ALA D 40 19.26 -31.96 13.79
N PRO D 41 19.22 -30.92 12.94
CA PRO D 41 18.92 -31.04 11.52
C PRO D 41 20.08 -31.66 10.73
N VAL D 42 19.84 -31.95 9.45
CA VAL D 42 20.89 -32.46 8.57
C VAL D 42 21.48 -31.26 7.84
N PHE D 43 22.75 -30.94 8.15
CA PHE D 43 23.45 -29.78 7.62
C PHE D 43 24.03 -30.11 6.25
N PRO D 44 24.00 -29.16 5.29
CA PRO D 44 24.53 -29.42 3.95
C PRO D 44 26.06 -29.54 3.93
N ASP D 45 26.57 -30.30 2.95
CA ASP D 45 28.01 -30.55 2.76
C ASP D 45 28.62 -29.37 2.00
N ARG D 46 29.82 -28.96 2.45
CA ARG D 46 30.60 -27.94 1.74
C ARG D 46 30.94 -28.50 0.35
N THR D 47 30.76 -27.66 -0.68
CA THR D 47 30.95 -28.05 -2.07
C THR D 47 32.20 -27.36 -2.63
N ASN D 48 33.36 -27.79 -2.12
CA ASN D 48 34.65 -27.56 -2.76
C ASN D 48 34.80 -26.07 -3.12
N GLY D 49 34.87 -25.23 -2.09
CA GLY D 49 35.07 -23.78 -2.22
C GLY D 49 33.80 -22.96 -1.97
N GLN D 50 33.39 -22.80 -0.70
CA GLN D 50 33.96 -23.54 0.42
C GLN D 50 32.82 -23.85 1.40
N LEU D 51 32.69 -23.07 2.49
CA LEU D 51 31.80 -23.43 3.60
C LEU D 51 30.33 -23.31 3.14
N ALA D 52 29.54 -24.32 3.48
CA ALA D 52 28.11 -24.35 3.19
C ALA D 52 27.38 -23.37 4.11
N THR D 53 26.21 -22.91 3.66
CA THR D 53 25.39 -21.94 4.38
C THR D 53 24.37 -22.70 5.24
N PHE D 54 24.42 -22.45 6.56
CA PHE D 54 23.55 -23.14 7.51
C PHE D 54 22.26 -22.34 7.74
N ALA D 55 22.35 -21.01 7.69
CA ALA D 55 21.20 -20.13 7.90
C ALA D 55 21.33 -18.90 7.00
N ASN D 56 20.20 -18.49 6.41
CA ASN D 56 20.08 -17.28 5.61
C ASN D 56 18.82 -16.53 6.10
N ILE D 57 19.05 -15.47 6.88
CA ILE D 57 17.98 -14.73 7.56
C ILE D 57 18.20 -13.23 7.34
N SER D 58 17.13 -12.45 7.54
CA SER D 58 17.24 -11.00 7.64
C SER D 58 17.39 -10.63 9.13
N ARG D 59 17.91 -9.43 9.39
CA ARG D 59 18.38 -9.04 10.73
C ARG D 59 17.21 -8.81 11.70
N ASP D 60 15.98 -8.80 11.18
CA ASP D 60 14.75 -8.86 11.98
C ASP D 60 14.71 -10.16 12.80
N ALA D 61 14.88 -11.27 12.08
CA ALA D 61 14.77 -12.62 12.65
C ALA D 61 16.05 -12.97 13.41
N ASN D 62 15.93 -13.94 14.31
CA ASN D 62 17.05 -14.48 15.06
C ASN D 62 17.54 -15.77 14.39
N LEU D 63 18.81 -16.09 14.60
CA LEU D 63 19.38 -17.39 14.28
C LEU D 63 18.70 -18.40 15.19
N SER D 64 18.08 -19.43 14.60
CA SER D 64 17.29 -20.43 15.33
C SER D 64 17.58 -21.84 14.79
N ILE D 65 18.37 -22.61 15.56
CA ILE D 65 18.73 -23.99 15.23
C ILE D 65 18.57 -24.85 16.48
N ALA D 66 17.74 -25.90 16.37
CA ALA D 66 17.50 -26.87 17.46
C ALA D 66 18.05 -28.24 17.05
N LEU D 67 18.88 -28.83 17.91
CA LEU D 67 19.63 -30.04 17.59
C LEU D 67 18.96 -31.28 18.22
N THR D 68 19.13 -32.42 17.57
CA THR D 68 18.90 -33.74 18.15
C THR D 68 20.26 -34.48 18.15
N VAL D 69 20.76 -34.76 19.37
CA VAL D 69 22.12 -35.25 19.59
C VAL D 69 22.04 -36.63 20.25
N THR D 70 22.97 -37.51 19.85
CA THR D 70 23.14 -38.85 20.43
C THR D 70 24.61 -39.06 20.75
N PRO D 71 24.91 -39.67 21.91
CA PRO D 71 23.93 -40.11 22.89
C PRO D 71 23.37 -38.97 23.75
N LYS D 72 22.10 -39.09 24.16
CA LYS D 72 21.42 -38.08 24.98
C LYS D 72 22.01 -38.10 26.40
N ASP D 73 21.79 -37.00 27.14
CA ASP D 73 22.22 -36.84 28.55
C ASP D 73 23.73 -36.58 28.62
N TYR D 74 24.52 -37.53 28.10
CA TYR D 74 25.97 -37.53 28.20
C TYR D 74 26.60 -36.41 27.36
N THR D 75 25.98 -36.08 26.21
CA THR D 75 26.52 -35.05 25.29
C THR D 75 26.20 -33.65 25.80
N THR D 76 27.09 -32.70 25.49
CA THR D 76 26.89 -31.27 25.74
C THR D 76 27.40 -30.47 24.53
N VAL D 77 26.64 -29.43 24.15
CA VAL D 77 26.90 -28.64 22.95
C VAL D 77 27.44 -27.27 23.35
N THR D 78 28.36 -26.74 22.54
CA THR D 78 28.87 -25.38 22.68
C THR D 78 28.85 -24.70 21.30
N TRP D 79 28.37 -23.45 21.26
CA TRP D 79 28.18 -22.68 20.03
C TRP D 79 29.29 -21.62 19.90
N PHE D 80 29.70 -21.35 18.65
CA PHE D 80 30.78 -20.41 18.34
C PHE D 80 30.37 -19.51 17.16
N ILE D 81 30.42 -18.20 17.38
CA ILE D 81 30.23 -17.19 16.35
C ILE D 81 31.58 -16.51 16.10
N ASP D 82 32.11 -16.67 14.88
CA ASP D 82 33.38 -16.09 14.43
C ASP D 82 34.51 -16.45 15.42
N GLY D 83 34.50 -17.69 15.91
CA GLY D 83 35.55 -18.22 16.77
C GLY D 83 35.33 -17.93 18.25
N GLN D 84 34.36 -17.07 18.58
CA GLN D 84 34.06 -16.67 19.95
C GLN D 84 32.90 -17.52 20.48
N GLU D 85 33.12 -18.15 21.65
CA GLU D 85 32.09 -18.93 22.32
C GLU D 85 30.98 -17.98 22.80
N VAL D 86 29.72 -18.39 22.58
CA VAL D 86 28.54 -17.61 22.98
C VAL D 86 27.53 -18.55 23.67
N GLU D 87 26.66 -17.95 24.50
CA GLU D 87 25.54 -18.64 25.12
C GLU D 87 24.55 -19.08 24.04
N SER D 88 23.84 -20.18 24.30
CA SER D 88 22.85 -20.71 23.37
C SER D 88 21.73 -19.69 23.15
N GLY D 89 21.36 -18.96 24.21
CA GLY D 89 20.28 -17.98 24.17
C GLY D 89 19.01 -18.51 24.83
N THR D 90 18.65 -19.75 24.51
CA THR D 90 17.55 -20.46 25.15
C THR D 90 18.05 -21.11 26.45
N ASP D 91 17.12 -21.64 27.24
CA ASP D 91 17.43 -22.29 28.52
C ASP D 91 17.94 -23.72 28.28
N SER D 92 17.99 -24.14 27.02
CA SER D 92 18.47 -25.46 26.62
C SER D 92 19.89 -25.37 26.02
N ASP D 93 20.55 -26.52 26.00
CA ASP D 93 21.91 -26.69 25.51
C ASP D 93 21.90 -26.86 23.98
N LYS D 94 20.79 -27.40 23.46
CA LYS D 94 20.70 -27.98 22.12
C LYS D 94 20.02 -27.03 21.13
N GLU D 95 19.56 -25.86 21.60
CA GLU D 95 18.85 -24.89 20.76
C GLU D 95 19.49 -23.51 20.90
N ILE D 96 19.96 -22.95 19.78
CA ILE D 96 20.52 -21.61 19.74
C ILE D 96 19.43 -20.63 19.28
N ASN D 97 19.38 -19.48 19.98
CA ASN D 97 18.54 -18.36 19.62
C ASN D 97 19.37 -17.09 19.86
N ARG D 98 19.71 -16.39 18.77
CA ARG D 98 20.62 -15.26 18.85
C ARG D 98 20.24 -14.19 17.81
N SER D 99 20.24 -12.94 18.27
CA SER D 99 20.05 -11.76 17.44
C SER D 99 21.42 -11.33 16.86
N LEU D 100 21.48 -11.19 15.53
CA LEU D 100 22.72 -10.86 14.83
C LEU D 100 22.49 -9.64 13.92
N LYS D 101 23.49 -8.75 13.90
CA LYS D 101 23.53 -7.64 12.95
C LYS D 101 23.88 -8.17 11.56
N ALA D 102 23.58 -7.38 10.52
CA ALA D 102 23.79 -7.77 9.13
C ALA D 102 25.27 -8.11 8.90
N GLY D 103 25.50 -9.15 8.08
CA GLY D 103 26.83 -9.66 7.73
C GLY D 103 26.81 -11.16 7.58
N THR D 104 27.93 -11.75 7.13
CA THR D 104 28.10 -13.19 7.12
C THR D 104 29.02 -13.55 8.29
N TYR D 105 28.64 -14.61 9.02
CA TYR D 105 29.32 -15.03 10.23
C TYR D 105 29.72 -16.50 10.12
N ASN D 106 30.70 -16.88 10.93
CA ASN D 106 31.20 -18.23 11.03
C ASN D 106 30.52 -18.92 12.22
N LEU D 107 29.71 -19.94 11.94
CA LEU D 107 29.00 -20.71 12.98
C LEU D 107 29.65 -22.09 13.10
N LYS D 108 30.26 -22.37 14.25
CA LYS D 108 30.77 -23.70 14.56
C LYS D 108 29.96 -24.29 15.72
N ILE D 109 29.58 -25.56 15.57
CA ILE D 109 28.83 -26.32 16.57
C ILE D 109 29.70 -27.49 17.04
N GLU D 110 30.08 -27.50 18.32
CA GLU D 110 30.91 -28.58 18.90
C GLU D 110 30.04 -29.40 19.87
N VAL D 111 29.85 -30.68 19.53
CA VAL D 111 29.17 -31.66 20.38
C VAL D 111 30.23 -32.55 21.03
N GLU D 112 30.19 -32.61 22.37
CA GLU D 112 31.17 -33.35 23.18
C GLU D 112 30.43 -34.31 24.11
N THR D 113 30.90 -35.56 24.18
CA THR D 113 30.40 -36.54 25.14
C THR D 113 31.18 -36.39 26.45
N VAL D 114 30.73 -37.10 27.49
CA VAL D 114 31.50 -37.22 28.73
C VAL D 114 32.90 -37.73 28.36
N LYS D 115 33.92 -36.99 28.82
CA LYS D 115 35.32 -37.05 28.33
C LYS D 115 35.59 -38.33 27.54
N GLY D 116 35.76 -38.22 26.21
CA GLY D 116 35.79 -36.96 25.48
C GLY D 116 34.96 -37.05 24.21
N LYS D 117 35.62 -37.22 23.07
CA LYS D 117 34.99 -37.55 21.78
C LYS D 117 34.19 -36.34 21.26
N LYS D 118 34.38 -36.06 19.96
CA LYS D 118 33.89 -34.83 19.33
C LYS D 118 33.37 -35.10 17.91
N THR D 119 32.34 -34.35 17.54
CA THR D 119 32.08 -33.96 16.16
C THR D 119 31.75 -32.47 16.15
N SER D 120 31.93 -31.82 14.99
CA SER D 120 31.59 -30.42 14.82
C SER D 120 31.10 -30.19 13.38
N ARG D 121 30.15 -29.26 13.25
CA ARG D 121 29.71 -28.73 11.96
C ARG D 121 30.08 -27.26 11.92
N GLU D 122 30.64 -26.81 10.78
CA GLU D 122 31.03 -25.42 10.57
C GLU D 122 30.41 -24.92 9.25
N GLY D 123 29.72 -23.78 9.33
CA GLY D 123 29.03 -23.20 8.19
C GLY D 123 28.82 -21.71 8.34
N LEU D 124 28.23 -21.09 7.31
CA LEU D 124 28.00 -19.65 7.26
C LEU D 124 26.58 -19.36 7.78
N VAL D 125 26.48 -18.28 8.55
CA VAL D 125 25.22 -17.62 8.85
C VAL D 125 25.22 -16.27 8.12
N VAL D 126 24.42 -16.19 7.05
CA VAL D 126 24.26 -14.98 6.26
C VAL D 126 23.06 -14.20 6.82
N VAL D 127 23.31 -12.94 7.22
CA VAL D 127 22.31 -12.06 7.83
C VAL D 127 22.13 -10.84 6.93
N ASN D 128 20.97 -10.73 6.29
CA ASN D 128 20.68 -9.71 5.30
C ASN D 128 20.14 -8.46 5.97
N PRO D 129 20.56 -7.24 5.54
CA PRO D 129 19.95 -6.01 6.02
C PRO D 129 18.60 -5.77 5.34
N LEU D 130 17.72 -5.00 5.99
CA LEU D 130 16.45 -4.56 5.40
C LEU D 130 16.74 -3.51 4.33
N ALA D 131 15.76 -3.30 3.44
CA ALA D 131 15.92 -2.47 2.24
C ALA D 131 16.35 -1.04 2.61
N ASP D 132 15.72 -0.47 3.65
CA ASP D 132 15.92 0.93 4.05
C ASP D 132 17.05 1.06 5.09
N ASP D 133 17.54 -0.07 5.60
CA ASP D 133 18.68 -0.09 6.53
C ASP D 133 19.90 0.55 5.85
N PRO D 134 20.66 1.42 6.54
CA PRO D 134 22.02 1.74 6.13
C PRO D 134 22.80 0.44 6.01
N GLN D 135 23.60 0.29 4.96
CA GLN D 135 24.29 -0.95 4.67
C GLN D 135 25.49 -0.67 3.76
N SER D 136 26.51 -1.53 3.84
CA SER D 136 27.72 -1.39 3.04
C SER D 136 28.46 -2.73 2.97
N LYS D 137 28.87 -3.09 1.75
CA LYS D 137 29.69 -4.26 1.48
C LYS D 137 30.94 -3.80 0.71
N GLU D 138 31.96 -4.65 0.72
CA GLU D 138 33.20 -4.42 0.00
C GLU D 138 32.89 -4.40 -1.50
N VAL D 139 33.33 -3.34 -2.18
CA VAL D 139 33.23 -3.22 -3.65
C VAL D 139 34.59 -3.59 -4.26
N ALA D 140 35.65 -2.87 -3.85
CA ALA D 140 37.01 -3.07 -4.35
C ALA D 140 37.98 -3.17 -3.17
N PHE D 141 38.82 -2.15 -2.95
CA PHE D 141 39.89 -2.21 -1.96
C PHE D 141 39.70 -1.15 -0.88
N GLU D 142 38.49 -0.58 -0.77
CA GLU D 142 38.22 0.57 0.11
C GLU D 142 38.20 0.13 1.59
N ARG D 143 38.02 -1.17 1.83
CA ARG D 143 37.96 -1.72 3.19
C ARG D 143 39.38 -1.99 3.74
N ILE D 144 40.42 -1.66 2.96
CA ILE D 144 41.79 -1.57 3.46
C ILE D 144 42.05 -0.12 3.87
N VAL D 145 42.26 0.10 5.17
CA VAL D 145 42.33 1.45 5.74
C VAL D 145 43.62 1.57 6.58
N SER D 146 44.00 2.83 6.84
CA SER D 146 45.21 3.15 7.59
C SER D 146 44.81 4.05 8.76
N PRO D 147 45.37 3.85 9.97
CA PRO D 147 44.99 4.67 11.12
C PRO D 147 45.37 6.14 10.88
N GLY D 148 44.46 7.05 11.28
CA GLY D 148 44.65 8.50 11.18
C GLY D 148 44.22 9.06 9.83
N LYS D 149 43.87 8.18 8.88
CA LYS D 149 43.60 8.57 7.49
C LYS D 149 42.13 8.36 7.16
N THR D 150 41.68 9.04 6.10
CA THR D 150 40.29 8.98 5.67
C THR D 150 40.07 7.68 4.89
N ALA D 151 38.83 7.17 4.94
CA ALA D 151 38.41 5.96 4.25
C ALA D 151 36.99 6.16 3.70
N ARG D 152 36.50 5.19 2.92
CA ARG D 152 35.19 5.24 2.28
C ARG D 152 34.40 3.96 2.57
N LEU D 153 33.07 4.10 2.59
CA LEU D 153 32.14 3.00 2.48
C LEU D 153 31.25 3.24 1.25
N TYR D 154 30.89 2.15 0.56
CA TYR D 154 29.91 2.17 -0.52
C TYR D 154 28.74 1.27 -0.13
N GLY D 155 27.52 1.70 -0.46
CA GLY D 155 26.32 0.90 -0.15
C GLY D 155 25.03 1.64 -0.44
N SER D 156 24.06 1.47 0.46
CA SER D 156 22.73 2.09 0.38
C SER D 156 22.40 2.80 1.70
N ASN D 157 21.68 3.93 1.57
CA ASN D 157 21.10 4.68 2.69
C ASN D 157 22.18 5.13 3.68
N LEU D 158 23.41 5.33 3.19
CA LEU D 158 24.55 5.68 4.03
C LEU D 158 24.47 7.14 4.47
N GLN D 159 23.58 7.93 3.87
CA GLN D 159 23.40 9.34 4.23
C GLN D 159 22.79 9.47 5.63
N ASN D 160 22.16 8.40 6.13
CA ASN D 160 21.45 8.39 7.41
C ASN D 160 22.42 8.14 8.58
N VAL D 161 23.66 7.74 8.28
CA VAL D 161 24.66 7.37 9.30
C VAL D 161 25.23 8.64 9.94
N THR D 162 25.17 8.72 11.27
CA THR D 162 25.74 9.85 12.00
C THR D 162 27.01 9.45 12.77
N ALA D 163 27.26 8.15 12.89
CA ALA D 163 28.45 7.66 13.60
C ALA D 163 28.80 6.23 13.14
N ILE D 164 30.09 5.93 13.20
CA ILE D 164 30.62 4.61 12.90
C ILE D 164 31.38 4.10 14.11
N LEU D 165 31.21 2.81 14.42
CA LEU D 165 31.90 2.13 15.50
C LEU D 165 32.94 1.17 14.91
N LEU D 166 34.17 1.26 15.43
CA LEU D 166 35.31 0.48 14.97
C LEU D 166 36.17 0.11 16.19
N GLY D 167 35.90 -1.09 16.73
CA GLY D 167 36.64 -1.68 17.85
C GLY D 167 36.70 -0.76 19.07
N GLY D 168 35.54 -0.36 19.58
CA GLY D 168 35.44 0.47 20.78
C GLY D 168 35.43 1.96 20.49
N ASN D 169 36.06 2.38 19.39
CA ASN D 169 36.12 3.80 18.99
C ASN D 169 34.80 4.22 18.36
N THR D 170 34.32 5.42 18.72
CA THR D 170 33.14 6.02 18.11
C THR D 170 33.58 7.16 17.19
N ILE D 171 33.56 6.89 15.87
CA ILE D 171 33.92 7.85 14.84
C ILE D 171 32.69 8.70 14.54
N THR D 172 32.78 9.99 14.88
CA THR D 172 31.70 10.95 14.66
C THR D 172 32.02 11.78 13.41
N ASP D 173 31.08 12.65 13.03
CA ASP D 173 31.12 13.45 11.79
C ASP D 173 31.81 12.67 10.68
N PRO D 174 31.14 11.68 10.05
CA PRO D 174 31.46 11.25 8.70
C PRO D 174 30.86 12.22 7.68
N THR D 175 31.06 11.95 6.38
CA THR D 175 30.56 12.80 5.32
C THR D 175 30.07 11.93 4.16
N TYR D 176 28.77 12.06 3.83
CA TYR D 176 28.21 11.48 2.63
C TYR D 176 28.56 12.40 1.46
N VAL D 177 29.26 11.85 0.45
CA VAL D 177 29.83 12.64 -0.65
C VAL D 177 29.13 12.24 -1.96
N GLU D 178 28.51 13.22 -2.63
CA GLU D 178 27.89 13.01 -3.93
C GLU D 178 28.95 13.08 -5.01
N SER D 179 29.13 11.96 -5.74
CA SER D 179 30.17 11.81 -6.75
C SER D 179 29.53 11.66 -8.13
N ALA D 180 30.34 11.84 -9.17
CA ALA D 180 29.97 11.51 -10.54
C ALA D 180 29.74 10.00 -10.65
N ASP D 181 30.58 9.23 -9.95
CA ASP D 181 30.43 7.77 -9.81
C ASP D 181 29.55 7.52 -8.59
N GLU D 182 29.66 6.32 -7.99
CA GLU D 182 28.87 5.95 -6.82
C GLU D 182 29.24 6.86 -5.64
N ASN D 183 28.20 7.35 -4.94
CA ASN D 183 28.34 8.16 -3.73
C ASN D 183 28.90 7.26 -2.61
N TYR D 184 29.61 7.88 -1.66
CA TYR D 184 30.27 7.15 -0.60
C TYR D 184 30.19 7.93 0.72
N LEU D 185 30.31 7.20 1.82
CA LEU D 185 30.43 7.77 3.15
C LEU D 185 31.92 7.81 3.52
N GLU D 186 32.44 9.02 3.65
CA GLU D 186 33.81 9.28 4.02
C GLU D 186 33.90 9.40 5.53
N TYR D 187 34.92 8.78 6.12
CA TYR D 187 35.13 8.78 7.58
C TYR D 187 36.63 8.67 7.86
N THR D 188 37.02 9.09 9.06
CA THR D 188 38.42 9.13 9.48
C THR D 188 38.68 7.98 10.47
N ILE D 189 39.72 7.19 10.20
CA ILE D 189 40.15 6.10 11.07
C ILE D 189 40.86 6.71 12.27
N PRO D 190 40.52 6.31 13.52
CA PRO D 190 41.19 6.85 14.70
C PRO D 190 42.68 6.46 14.70
N THR D 191 43.52 7.30 15.32
CA THR D 191 44.98 7.17 15.25
C THR D 191 45.46 5.99 16.11
N GLY D 192 44.81 5.77 17.25
CA GLY D 192 45.21 4.74 18.22
C GLY D 192 45.17 3.33 17.66
N VAL D 193 44.18 3.07 16.79
CA VAL D 193 43.81 1.72 16.33
C VAL D 193 45.04 0.97 15.82
N SER D 194 45.20 -0.28 16.28
CA SER D 194 46.27 -1.18 15.87
C SER D 194 45.81 -2.01 14.68
N GLU D 195 46.78 -2.63 13.99
CA GLU D 195 46.56 -3.44 12.80
C GLU D 195 45.62 -4.61 13.13
N GLY D 196 44.78 -4.99 12.16
CA GLY D 196 43.94 -6.19 12.25
C GLY D 196 42.58 -6.02 11.60
N ASP D 197 41.72 -7.04 11.76
CA ASP D 197 40.37 -7.10 11.23
C ASP D 197 39.36 -6.62 12.28
N TYR D 198 38.43 -5.75 11.86
CA TYR D 198 37.41 -5.16 12.72
C TYR D 198 36.06 -5.16 12.00
N ARG D 199 35.02 -5.71 12.62
CA ARG D 199 33.65 -5.51 12.17
C ARG D 199 33.28 -4.05 12.44
N ILE D 200 32.80 -3.35 11.42
CA ILE D 200 32.32 -1.97 11.57
C ILE D 200 30.80 -1.99 11.74
N VAL D 201 30.29 -0.99 12.45
CA VAL D 201 28.86 -0.83 12.70
C VAL D 201 28.48 0.62 12.35
N LEU D 202 27.35 0.77 11.66
CA LEU D 202 26.78 2.08 11.30
C LEU D 202 25.73 2.45 12.36
N GLN D 203 25.60 3.74 12.66
CA GLN D 203 24.69 4.21 13.71
C GLN D 203 23.87 5.42 13.23
N ASP D 204 22.54 5.33 13.44
CA ASP D 204 21.54 6.39 13.22
C ASP D 204 21.73 7.54 14.22
N ALA D 205 20.99 8.63 14.00
CA ALA D 205 20.83 9.72 14.97
C ALA D 205 19.95 9.26 16.15
N ASP D 206 19.06 8.28 15.87
CA ASP D 206 18.22 7.63 16.87
C ASP D 206 19.04 6.67 17.75
N GLY D 207 20.20 6.24 17.24
CA GLY D 207 21.13 5.40 18.00
C GLY D 207 21.03 3.94 17.62
N ASN D 208 20.19 3.60 16.63
CA ASN D 208 20.10 2.23 16.11
C ASN D 208 21.40 1.90 15.37
N GLN D 209 21.74 0.61 15.32
CA GLN D 209 23.03 0.13 14.85
C GLN D 209 22.81 -0.96 13.79
N TYR D 210 23.62 -0.90 12.73
CA TYR D 210 23.49 -1.76 11.55
C TYR D 210 24.88 -2.28 11.16
N GLY D 211 24.95 -3.58 10.83
CA GLY D 211 26.19 -4.22 10.43
C GLY D 211 26.64 -3.76 9.05
N ALA D 212 27.96 -3.74 8.83
CA ALA D 212 28.56 -3.35 7.55
C ALA D 212 29.88 -4.08 7.31
N ASP D 213 29.91 -5.38 7.62
CA ASP D 213 31.02 -6.31 7.31
C ASP D 213 32.33 -5.79 7.91
N MET D 214 33.47 -6.17 7.32
CA MET D 214 34.80 -6.06 7.95
C MET D 214 35.61 -4.92 7.33
N VAL D 215 36.51 -4.37 8.15
CA VAL D 215 37.59 -3.45 7.74
C VAL D 215 38.91 -4.08 8.20
N LYS D 216 39.97 -3.88 7.41
CA LYS D 216 41.32 -4.34 7.80
C LYS D 216 42.27 -3.15 7.83
N VAL D 217 42.89 -2.94 9.00
CA VAL D 217 43.76 -1.80 9.28
C VAL D 217 45.22 -2.23 9.08
N THR D 218 46.02 -1.35 8.46
CA THR D 218 47.43 -1.62 8.20
C THR D 218 48.23 -0.30 8.16
N ASN D 219 49.46 -0.35 8.67
CA ASN D 219 50.45 0.72 8.60
C ASN D 219 51.45 0.44 7.47
N ALA D 220 51.35 -0.75 6.86
CA ALA D 220 52.26 -1.20 5.83
C ALA D 220 52.03 -0.39 4.55
N SER D 221 53.14 -0.02 3.90
CA SER D 221 53.13 0.52 2.55
C SER D 221 52.78 -0.62 1.58
N LEU D 222 51.50 -0.70 1.22
CA LEU D 222 50.94 -1.82 0.46
C LEU D 222 50.55 -1.33 -0.94
N VAL D 223 51.33 -1.75 -1.95
CA VAL D 223 51.01 -1.55 -3.35
C VAL D 223 49.85 -2.50 -3.71
N ILE D 224 48.81 -1.95 -4.34
CA ILE D 224 47.55 -2.67 -4.58
C ILE D 224 47.33 -2.94 -6.08
N SER D 225 47.56 -1.94 -6.93
CA SER D 225 47.31 -2.07 -8.36
C SER D 225 48.24 -1.15 -9.17
N GLY D 226 48.42 -1.50 -10.44
CA GLY D 226 49.25 -0.77 -11.39
C GLY D 226 50.61 -1.41 -11.61
N ALA D 227 51.06 -2.24 -10.65
CA ALA D 227 52.46 -2.66 -10.55
C ALA D 227 52.73 -3.96 -11.31
N ASN D 228 51.70 -4.56 -11.92
CA ASN D 228 51.82 -5.85 -12.63
C ASN D 228 52.56 -5.66 -13.96
N ARG D 229 52.33 -4.51 -14.61
CA ARG D 229 52.91 -4.18 -15.91
C ARG D 229 53.50 -2.77 -15.84
N ALA D 230 54.46 -2.49 -16.74
CA ALA D 230 55.10 -1.18 -16.84
C ALA D 230 55.66 -0.98 -18.25
N THR D 231 55.99 0.28 -18.57
CA THR D 231 56.60 0.65 -19.85
C THR D 231 57.87 1.47 -19.58
N ALA D 232 58.94 1.10 -20.28
CA ALA D 232 60.30 1.61 -20.01
C ALA D 232 60.39 3.11 -20.35
N ASN D 233 61.01 3.86 -19.43
CA ASN D 233 61.41 5.27 -19.63
C ASN D 233 60.19 6.17 -19.86
N VAL D 234 59.07 5.83 -19.23
CA VAL D 234 57.86 6.66 -19.27
C VAL D 234 57.19 6.57 -17.90
N ASP D 235 56.24 7.48 -17.66
CA ASP D 235 55.55 7.62 -16.37
C ASP D 235 54.86 6.29 -16.04
N TRP D 236 54.85 5.97 -14.73
CA TRP D 236 54.34 4.71 -14.19
C TRP D 236 53.68 4.99 -12.84
N THR D 237 52.35 4.84 -12.77
CA THR D 237 51.57 5.21 -11.59
C THR D 237 51.14 3.94 -10.84
N ILE D 238 51.43 3.90 -9.54
CA ILE D 238 51.18 2.76 -8.66
C ILE D 238 50.25 3.22 -7.52
N SER D 239 49.18 2.44 -7.28
CA SER D 239 48.19 2.73 -6.26
C SER D 239 48.37 1.81 -5.04
N GLY D 240 48.09 2.36 -3.85
CA GLY D 240 48.30 1.67 -2.58
C GLY D 240 47.63 2.41 -1.42
N ILE D 241 48.25 2.34 -0.24
CA ILE D 241 47.62 2.85 1.01
C ILE D 241 48.59 3.74 1.79
N ASN D 242 49.82 3.29 2.05
CA ASN D 242 50.75 4.05 2.91
C ASN D 242 52.02 4.36 2.11
N LEU D 243 51.86 4.95 0.92
CA LEU D 243 52.93 5.09 -0.06
C LEU D 243 53.75 6.37 0.17
N GLU D 244 53.29 7.25 1.08
CA GLU D 244 54.04 8.46 1.44
C GLU D 244 55.31 8.08 2.23
N ASN D 245 55.34 6.85 2.76
CA ASN D 245 56.46 6.32 3.55
C ASN D 245 57.53 5.66 2.67
N ILE D 246 57.24 5.46 1.37
CA ILE D 246 58.15 4.78 0.45
C ILE D 246 59.39 5.68 0.22
N ALA D 247 60.57 5.07 0.33
CA ALA D 247 61.87 5.74 0.11
C ALA D 247 62.44 5.37 -1.26
N SER D 248 62.51 4.06 -1.54
CA SER D 248 63.12 3.55 -2.77
C SER D 248 62.28 2.42 -3.37
N LEU D 249 62.47 2.18 -4.68
CA LEU D 249 61.95 1.02 -5.39
C LEU D 249 63.06 0.48 -6.31
N THR D 250 63.14 -0.84 -6.43
CA THR D 250 64.12 -1.53 -7.28
C THR D 250 63.38 -2.57 -8.15
N ILE D 251 63.59 -2.51 -9.47
CA ILE D 251 62.87 -3.37 -10.44
C ILE D 251 63.86 -4.37 -11.05
N GLY D 252 64.90 -3.87 -11.72
CA GLY D 252 66.01 -4.70 -12.18
C GLY D 252 67.05 -4.82 -11.08
N GLY D 253 68.05 -3.94 -11.15
CA GLY D 253 68.90 -3.57 -10.03
C GLY D 253 68.95 -2.06 -9.89
N GLN D 254 67.86 -1.41 -10.30
CA GLN D 254 67.80 0.02 -10.54
C GLN D 254 66.98 0.69 -9.42
N THR D 255 67.67 1.31 -8.47
CA THR D 255 67.05 2.05 -7.37
C THR D 255 66.68 3.47 -7.84
N VAL D 256 65.38 3.72 -8.01
CA VAL D 256 64.87 4.99 -8.52
C VAL D 256 64.89 6.02 -7.37
N SER D 257 64.04 5.80 -6.35
CA SER D 257 63.98 6.64 -5.15
C SER D 257 63.92 8.13 -5.49
N GLN D 258 63.06 8.47 -6.46
CA GLN D 258 62.87 9.85 -6.93
C GLN D 258 61.58 9.92 -7.76
N PHE D 259 60.51 10.39 -7.13
CA PHE D 259 59.13 10.27 -7.64
C PHE D 259 58.54 11.66 -7.92
N SER D 260 57.58 11.70 -8.84
CA SER D 260 56.93 12.94 -9.30
C SER D 260 55.81 13.34 -8.33
N ASN D 261 54.77 12.49 -8.27
CA ASN D 261 53.54 12.77 -7.52
C ASN D 261 53.37 11.72 -6.42
N GLN D 262 54.15 11.86 -5.35
CA GLN D 262 54.06 10.97 -4.20
C GLN D 262 52.96 11.48 -3.26
N SER D 263 52.10 10.55 -2.83
CA SER D 263 51.03 10.81 -1.86
C SER D 263 50.78 9.52 -1.05
N SER D 264 49.69 9.50 -0.29
CA SER D 264 49.31 8.34 0.51
C SER D 264 48.91 7.16 -0.40
N THR D 265 48.07 7.43 -1.41
CA THR D 265 47.40 6.39 -2.20
C THR D 265 48.04 6.23 -3.59
N GLU D 266 48.95 7.13 -3.96
CA GLU D 266 49.52 7.15 -5.31
C GLU D 266 50.99 7.55 -5.27
N ILE D 267 51.75 6.99 -6.22
CA ILE D 267 53.14 7.33 -6.42
C ILE D 267 53.46 7.14 -7.91
N THR D 268 54.12 8.14 -8.51
CA THR D 268 54.47 8.13 -9.92
C THR D 268 56.00 8.23 -10.04
N LEU D 269 56.58 7.40 -10.93
CA LEU D 269 58.02 7.33 -11.14
C LEU D 269 58.32 7.11 -12.63
N THR D 270 59.59 7.31 -13.01
CA THR D 270 60.09 6.94 -14.33
C THR D 270 60.66 5.51 -14.25
N CYS D 271 59.95 4.58 -14.88
CA CYS D 271 60.38 3.18 -15.03
C CYS D 271 61.74 3.16 -15.71
N PRO D 272 62.76 2.47 -15.13
CA PRO D 272 64.13 2.52 -15.67
C PRO D 272 64.27 1.78 -17.01
N ASP D 273 65.43 1.97 -17.65
CA ASP D 273 65.75 1.41 -18.97
C ASP D 273 65.97 -0.10 -18.80
N LEU D 274 65.05 -0.90 -19.35
CA LEU D 274 65.11 -2.37 -19.25
C LEU D 274 64.56 -3.00 -20.55
N SER D 275 65.07 -4.19 -20.87
CA SER D 275 64.58 -5.01 -21.99
C SER D 275 63.23 -5.60 -21.63
N ASP D 276 62.50 -6.09 -22.65
CA ASP D 276 61.19 -6.69 -22.47
C ASP D 276 61.33 -8.01 -21.71
N GLY D 277 60.27 -8.39 -20.96
CA GLY D 277 60.22 -9.65 -20.24
C GLY D 277 59.57 -9.50 -18.87
N SER D 278 60.17 -10.16 -17.86
CA SER D 278 59.69 -10.15 -16.48
C SER D 278 60.84 -9.82 -15.52
N TYR D 279 60.56 -8.98 -14.53
CA TYR D 279 61.52 -8.57 -13.51
C TYR D 279 60.88 -8.69 -12.13
N THR D 280 61.71 -8.58 -11.08
CA THR D 280 61.29 -8.70 -9.68
C THR D 280 61.46 -7.35 -8.97
N MET D 281 60.34 -6.80 -8.47
CA MET D 281 60.33 -5.49 -7.84
C MET D 281 60.17 -5.63 -6.32
N THR D 282 60.98 -4.84 -5.59
CA THR D 282 60.87 -4.66 -4.14
C THR D 282 60.99 -3.17 -3.82
N GLY D 283 60.79 -2.83 -2.54
CA GLY D 283 60.87 -1.44 -2.07
C GLY D 283 61.15 -1.37 -0.58
N LYS D 284 61.59 -0.19 -0.14
CA LYS D 284 61.95 0.08 1.25
C LYS D 284 61.23 1.36 1.71
N THR D 285 60.73 1.33 2.95
CA THR D 285 60.14 2.51 3.61
C THR D 285 61.28 3.32 4.23
N ARG D 286 60.94 4.50 4.77
CA ARG D 286 61.90 5.38 5.45
C ARG D 286 62.37 4.72 6.75
N SER D 287 61.50 3.89 7.36
CA SER D 287 61.77 3.17 8.61
C SER D 287 62.92 2.16 8.42
N GLY D 288 63.01 1.58 7.22
CA GLY D 288 63.96 0.52 6.90
C GLY D 288 63.24 -0.77 6.53
N GLU D 289 61.95 -0.85 6.85
CA GLU D 289 61.10 -2.01 6.56
C GLU D 289 60.78 -2.07 5.07
N ALA D 290 60.35 -3.26 4.63
CA ALA D 290 60.09 -3.54 3.21
C ALA D 290 58.72 -2.97 2.82
N VAL D 291 58.51 -2.86 1.51
CA VAL D 291 57.22 -2.54 0.91
C VAL D 291 56.49 -3.86 0.65
N GLN D 292 55.17 -3.86 0.86
CA GLN D 292 54.31 -5.02 0.59
C GLN D 292 53.60 -4.81 -0.74
N PHE D 293 53.13 -5.91 -1.33
CA PHE D 293 52.44 -5.94 -2.62
C PHE D 293 51.28 -6.93 -2.56
N LEU D 294 50.09 -6.49 -2.98
CA LEU D 294 48.87 -7.28 -2.92
C LEU D 294 48.58 -7.92 -4.28
N ASN D 295 48.40 -9.24 -4.29
CA ASN D 295 48.06 -10.03 -5.48
C ASN D 295 47.21 -11.24 -5.06
N ASP D 296 46.02 -11.37 -5.65
CA ASP D 296 45.09 -12.49 -5.41
C ASP D 296 44.74 -12.58 -3.92
N ASN D 297 44.59 -11.41 -3.28
CA ASN D 297 44.25 -11.30 -1.85
C ASN D 297 45.34 -11.95 -0.99
N ILE D 298 46.60 -11.83 -1.43
CA ILE D 298 47.76 -12.37 -0.73
C ILE D 298 48.87 -11.30 -0.75
N THR D 299 49.54 -11.12 0.38
CA THR D 299 50.63 -10.17 0.53
C THR D 299 51.97 -10.89 0.27
N THR D 300 52.91 -10.15 -0.33
CA THR D 300 54.29 -10.59 -0.53
C THR D 300 55.22 -9.38 -0.41
N THR D 301 56.53 -9.62 -0.34
CA THR D 301 57.53 -8.57 -0.21
C THR D 301 58.18 -8.28 -1.58
N GLU D 302 57.77 -9.05 -2.61
CA GLU D 302 58.29 -8.92 -3.99
C GLU D 302 57.11 -9.01 -4.97
N GLN D 303 57.27 -8.41 -6.15
CA GLN D 303 56.24 -8.33 -7.19
C GLN D 303 56.88 -8.59 -8.56
N THR D 304 56.25 -9.49 -9.34
CA THR D 304 56.66 -9.74 -10.72
C THR D 304 56.08 -8.64 -11.61
N VAL D 305 56.96 -8.01 -12.42
CA VAL D 305 56.61 -6.90 -13.29
C VAL D 305 56.93 -7.28 -14.74
N THR D 306 55.96 -7.08 -15.63
CA THR D 306 56.11 -7.30 -17.07
C THR D 306 56.40 -5.96 -17.76
N VAL D 307 57.67 -5.73 -18.13
CA VAL D 307 58.11 -4.48 -18.74
C VAL D 307 58.03 -4.62 -20.27
N SER D 308 57.73 -3.49 -20.94
CA SER D 308 57.67 -3.38 -22.40
C SER D 308 58.34 -2.08 -22.85
N THR D 309 58.70 -2.02 -24.13
CA THR D 309 59.11 -0.77 -24.79
C THR D 309 58.06 -0.41 -25.85
N GLU D 310 57.61 0.85 -25.84
CA GLU D 310 56.54 1.33 -26.72
C GLU D 310 57.17 1.89 -28.01
N ILE D 311 56.91 1.22 -29.13
CA ILE D 311 57.42 1.60 -30.44
C ILE D 311 56.28 2.30 -31.22
N THR D 312 56.58 3.46 -31.80
CA THR D 312 55.62 4.22 -32.60
C THR D 312 55.65 3.70 -34.03
N LEU D 313 54.47 3.32 -34.54
CA LEU D 313 54.31 2.79 -35.91
C LEU D 313 53.96 3.91 -36.87
N TRP D 314 53.05 4.80 -36.44
CA TRP D 314 52.54 5.88 -37.26
C TRP D 314 52.13 7.05 -36.36
N SER D 315 52.22 8.27 -36.91
CA SER D 315 51.92 9.51 -36.22
C SER D 315 51.43 10.54 -37.26
N GLY D 316 50.39 11.29 -36.92
CA GLY D 316 49.82 12.29 -37.82
C GLY D 316 48.45 12.78 -37.37
N HIS D 317 47.55 12.98 -38.33
CA HIS D 317 46.20 13.47 -38.08
C HIS D 317 45.33 13.13 -39.30
N HIS D 318 44.96 11.85 -39.39
CA HIS D 318 44.31 11.28 -40.58
C HIS D 318 42.82 11.09 -40.32
N TYR D 319 41.98 11.86 -41.03
CA TYR D 319 40.54 11.81 -40.87
C TYR D 319 40.00 10.50 -41.46
N VAL D 320 38.96 9.96 -40.81
CA VAL D 320 38.31 8.70 -41.20
C VAL D 320 36.80 8.94 -41.32
N SER D 321 36.22 8.49 -42.43
CA SER D 321 34.77 8.60 -42.67
C SER D 321 34.35 7.64 -43.78
N TRP D 322 33.58 6.61 -43.42
CA TRP D 322 33.12 5.59 -44.36
C TRP D 322 32.10 6.16 -45.36
N ASP D 323 31.62 7.39 -45.11
CA ASP D 323 30.73 8.12 -46.03
C ASP D 323 31.44 8.38 -47.37
N LYS D 324 32.77 8.62 -47.31
CA LYS D 324 33.59 8.94 -48.48
C LYS D 324 33.50 7.81 -49.51
N PRO D 325 33.70 8.10 -50.82
CA PRO D 325 33.63 7.08 -51.87
C PRO D 325 34.83 6.13 -51.87
N ASP D 326 34.66 4.98 -52.53
CA ASP D 326 35.68 3.93 -52.62
C ASP D 326 36.96 4.50 -53.25
N GLY D 327 38.10 4.24 -52.60
CA GLY D 327 39.41 4.64 -53.09
C GLY D 327 39.81 6.03 -52.65
N ASP D 328 39.04 6.62 -51.73
CA ASP D 328 39.38 7.91 -51.13
C ASP D 328 40.37 7.66 -50.00
N PRO D 329 41.53 8.37 -49.97
CA PRO D 329 42.50 8.20 -48.89
C PRO D 329 41.93 8.25 -47.47
N ASN D 330 40.87 9.05 -47.26
CA ASN D 330 40.30 9.32 -45.94
C ASN D 330 39.00 8.53 -45.72
N LYS D 331 38.75 7.50 -46.52
CA LYS D 331 37.62 6.58 -46.27
C LYS D 331 37.96 5.65 -45.09
N THR D 332 39.24 5.30 -44.98
CA THR D 332 39.78 4.49 -43.90
C THR D 332 41.16 5.03 -43.52
N PHE D 333 41.73 4.45 -42.45
CA PHE D 333 43.14 4.57 -42.14
C PHE D 333 43.81 3.22 -42.39
N GLY D 334 44.72 3.17 -43.38
CA GLY D 334 45.47 1.96 -43.72
C GLY D 334 46.89 2.28 -44.13
N LEU D 335 47.56 3.13 -43.36
CA LEU D 335 48.89 3.66 -43.70
C LEU D 335 50.00 2.87 -42.99
N ILE D 336 49.65 1.81 -42.25
CA ILE D 336 50.62 0.88 -41.71
C ILE D 336 50.59 -0.38 -42.58
N PRO D 337 51.64 -0.66 -43.38
CA PRO D 337 51.65 -1.84 -44.26
C PRO D 337 51.67 -3.17 -43.50
N MET D 338 51.39 -4.25 -44.23
CA MET D 338 51.16 -5.59 -43.67
C MET D 338 52.44 -6.15 -43.03
N ASP D 339 53.59 -5.85 -43.63
CA ASP D 339 54.87 -6.45 -43.21
C ASP D 339 55.28 -5.93 -41.82
N VAL D 340 54.74 -4.77 -41.40
CA VAL D 340 54.97 -4.24 -40.06
C VAL D 340 54.29 -5.15 -39.03
N PHE D 341 53.06 -5.57 -39.35
CA PHE D 341 52.23 -6.38 -38.45
C PHE D 341 52.76 -7.82 -38.39
N ALA D 342 53.47 -8.25 -39.44
CA ALA D 342 54.13 -9.56 -39.46
C ALA D 342 55.22 -9.64 -38.38
N GLY D 343 55.85 -8.50 -38.07
CA GLY D 343 56.92 -8.39 -37.07
C GLY D 343 56.39 -8.41 -35.64
N ILE D 344 55.13 -7.98 -35.45
CA ILE D 344 54.50 -7.92 -34.12
C ILE D 344 54.25 -9.36 -33.64
N THR D 345 54.53 -9.60 -32.35
CA THR D 345 54.33 -10.91 -31.73
C THR D 345 52.97 -10.93 -31.00
N ALA D 346 52.42 -12.13 -30.85
CA ALA D 346 51.13 -12.36 -30.20
C ALA D 346 51.19 -11.88 -28.74
N GLY D 347 50.13 -11.18 -28.31
CA GLY D 347 50.01 -10.64 -26.95
C GLY D 347 50.41 -9.18 -26.85
N SER D 348 50.91 -8.62 -27.95
CA SER D 348 51.34 -7.22 -27.99
C SER D 348 50.12 -6.31 -27.90
N THR D 349 50.28 -5.19 -27.16
CA THR D 349 49.23 -4.19 -27.00
C THR D 349 49.40 -3.09 -28.04
N LEU D 350 48.43 -2.99 -28.96
CA LEU D 350 48.33 -1.91 -29.94
C LEU D 350 47.52 -0.77 -29.30
N LYS D 351 48.05 0.46 -29.40
CA LYS D 351 47.35 1.66 -28.95
C LYS D 351 47.09 2.56 -30.15
N VAL D 352 45.86 3.08 -30.22
CA VAL D 352 45.49 4.08 -31.22
C VAL D 352 45.01 5.31 -30.46
N VAL D 353 45.72 6.43 -30.66
CA VAL D 353 45.31 7.73 -30.12
C VAL D 353 44.42 8.40 -31.17
N TYR D 354 43.24 8.85 -30.74
CA TYR D 354 42.25 9.43 -31.64
C TYR D 354 41.80 10.81 -31.10
N SER D 355 41.26 11.63 -32.01
CA SER D 355 40.67 12.93 -31.68
C SER D 355 39.42 13.15 -32.54
N ILE D 356 38.48 13.94 -32.02
CA ILE D 356 37.16 14.12 -32.64
C ILE D 356 37.26 15.20 -33.72
N GLU D 357 36.36 15.12 -34.70
CA GLU D 357 36.08 16.20 -35.65
C GLU D 357 34.81 16.90 -35.19
N PRO D 358 34.92 18.06 -34.49
CA PRO D 358 33.74 18.69 -33.87
C PRO D 358 32.52 18.86 -34.80
N THR D 359 32.77 19.14 -36.09
CA THR D 359 31.71 19.42 -37.07
C THR D 359 30.95 18.14 -37.41
N ALA D 360 31.56 16.97 -37.14
CA ALA D 360 30.92 15.67 -37.36
C ALA D 360 29.78 15.46 -36.35
N GLU D 361 28.79 14.68 -36.78
CA GLU D 361 27.49 14.56 -36.13
C GLU D 361 27.53 13.42 -35.08
N TYR D 362 28.35 12.39 -35.33
CA TYR D 362 28.67 11.31 -34.38
C TYR D 362 30.13 10.90 -34.56
N HIS D 363 30.69 10.19 -33.56
CA HIS D 363 32.08 9.72 -33.59
C HIS D 363 32.15 8.23 -33.25
N LYS D 364 32.37 7.40 -34.28
CA LYS D 364 32.52 5.95 -34.16
C LYS D 364 33.85 5.52 -34.78
N MET D 365 34.57 4.61 -34.12
CA MET D 365 35.78 3.99 -34.67
C MET D 365 35.74 2.48 -34.45
N GLN D 366 36.41 1.72 -35.33
CA GLN D 366 36.60 0.28 -35.20
C GLN D 366 37.93 -0.11 -35.83
N LEU D 367 38.68 -0.99 -35.15
CA LEU D 367 39.88 -1.63 -35.69
C LEU D 367 39.45 -2.89 -36.45
N ALA D 368 39.94 -3.04 -37.69
CA ALA D 368 39.50 -4.11 -38.58
C ALA D 368 40.63 -4.54 -39.52
N THR D 369 40.34 -5.57 -40.31
CA THR D 369 41.20 -6.07 -41.38
C THR D 369 40.87 -5.33 -42.69
N GLY D 370 41.63 -5.64 -43.74
CA GLY D 370 41.42 -5.09 -45.08
C GLY D 370 40.04 -5.42 -45.64
N TYR D 371 39.48 -6.58 -45.22
CA TYR D 371 38.14 -7.00 -45.65
C TYR D 371 37.07 -6.45 -44.69
N TRP D 372 37.46 -5.47 -43.86
CA TRP D 372 36.58 -4.78 -42.90
C TRP D 372 36.04 -5.75 -41.85
N THR D 373 36.79 -6.82 -41.54
CA THR D 373 36.43 -7.73 -40.46
C THR D 373 36.90 -7.11 -39.14
N GLY D 374 35.95 -6.87 -38.23
CA GLY D 374 36.24 -6.24 -36.96
C GLY D 374 37.13 -7.12 -36.09
N LEU D 375 38.20 -6.54 -35.56
CA LEU D 375 39.09 -7.18 -34.59
C LEU D 375 38.54 -7.02 -33.17
N ALA D 376 37.58 -6.10 -33.01
CA ALA D 376 36.92 -5.84 -31.73
C ALA D 376 35.65 -5.00 -31.97
N SER D 377 34.97 -4.62 -30.90
CA SER D 377 33.74 -3.82 -30.97
C SER D 377 34.03 -2.43 -31.51
N GLU D 378 33.25 -2.05 -32.52
CA GLU D 378 33.02 -0.67 -32.93
C GLU D 378 32.69 0.16 -31.68
N MET D 379 33.38 1.28 -31.51
CA MET D 379 33.22 2.14 -30.33
C MET D 379 32.67 3.51 -30.75
N GLU D 380 31.81 4.08 -29.88
CA GLU D 380 31.25 5.42 -30.04
C GLU D 380 31.72 6.29 -28.86
N PHE D 381 32.16 7.52 -29.18
CA PHE D 381 32.79 8.41 -28.20
C PHE D 381 32.40 9.86 -28.49
N THR D 382 32.73 10.75 -27.55
CA THR D 382 32.47 12.19 -27.65
C THR D 382 33.74 13.03 -27.41
N GLU D 383 34.71 12.50 -26.64
CA GLU D 383 35.97 13.19 -26.31
C GLU D 383 37.12 12.54 -27.10
N ASN D 384 38.26 13.24 -27.13
CA ASN D 384 39.55 12.67 -27.55
C ASN D 384 39.95 11.60 -26.53
N GLY D 385 40.78 10.64 -26.96
CA GLY D 385 41.24 9.58 -26.08
C GLY D 385 42.11 8.54 -26.78
N GLU D 386 42.24 7.38 -26.13
CA GLU D 386 43.11 6.28 -26.54
C GLU D 386 42.32 4.96 -26.51
N TYR D 387 42.54 4.12 -27.53
CA TYR D 387 41.97 2.79 -27.63
C TYR D 387 43.12 1.77 -27.69
N THR D 388 43.19 0.87 -26.71
CA THR D 388 44.19 -0.20 -26.68
C THR D 388 43.51 -1.55 -26.99
N LEU D 389 44.26 -2.45 -27.66
CA LEU D 389 43.79 -3.77 -28.04
C LEU D 389 44.97 -4.74 -28.05
N ILE D 390 44.85 -5.85 -27.30
CA ILE D 390 45.83 -6.91 -27.32
C ILE D 390 45.60 -7.73 -28.60
N LEU D 391 46.64 -7.81 -29.43
CA LEU D 391 46.62 -8.55 -30.68
C LEU D 391 46.90 -10.02 -30.40
N THR D 392 45.88 -10.86 -30.52
CA THR D 392 46.02 -12.30 -30.39
C THR D 392 46.67 -12.86 -31.66
N GLN D 393 47.26 -14.05 -31.55
CA GLN D 393 47.92 -14.72 -32.67
C GLN D 393 46.90 -14.93 -33.80
N ASP D 394 45.63 -15.15 -33.42
CA ASP D 394 44.53 -15.38 -34.34
C ASP D 394 44.24 -14.11 -35.16
N MET D 395 44.33 -12.94 -34.51
CA MET D 395 44.13 -11.65 -35.16
C MET D 395 45.25 -11.39 -36.18
N LEU D 396 46.51 -11.58 -35.76
CA LEU D 396 47.69 -11.32 -36.59
C LEU D 396 47.62 -12.16 -37.87
N ASN D 397 47.16 -13.41 -37.76
CA ASN D 397 46.95 -14.30 -38.90
C ASN D 397 45.84 -13.73 -39.80
N LYS D 398 44.74 -13.31 -39.18
CA LYS D 398 43.58 -12.74 -39.86
C LYS D 398 44.02 -11.52 -40.68
N ILE D 399 44.87 -10.68 -40.07
CA ILE D 399 45.36 -9.43 -40.67
C ILE D 399 46.18 -9.76 -41.94
N GLN D 400 47.00 -10.81 -41.87
CA GLN D 400 47.84 -11.23 -43.01
C GLN D 400 46.98 -11.86 -44.10
N ALA D 401 45.92 -12.56 -43.72
CA ALA D 401 45.05 -13.31 -44.65
C ALA D 401 44.02 -12.38 -45.31
N GLU D 402 43.81 -11.17 -44.75
CA GLU D 402 42.73 -10.28 -45.17
C GLU D 402 43.26 -8.86 -45.44
N ALA D 403 44.39 -8.77 -46.18
CA ALA D 403 44.87 -7.54 -46.84
C ALA D 403 45.18 -6.41 -45.85
N GLY D 404 45.69 -6.76 -44.66
CA GLY D 404 46.29 -5.79 -43.74
C GLY D 404 45.32 -5.28 -42.69
N PHE D 405 45.67 -4.12 -42.10
CA PHE D 405 45.00 -3.54 -40.94
C PHE D 405 44.33 -2.22 -41.33
N LEU D 406 43.11 -2.01 -40.81
CA LEU D 406 42.35 -0.79 -41.05
C LEU D 406 41.79 -0.25 -39.72
N CYS D 407 41.71 1.07 -39.61
CA CYS D 407 40.78 1.76 -38.73
C CYS D 407 39.65 2.33 -39.59
N VAL D 408 38.40 1.90 -39.31
CA VAL D 408 37.23 2.40 -40.02
C VAL D 408 36.38 3.21 -39.04
N GLY D 409 35.34 3.87 -39.57
CA GLY D 409 34.38 4.62 -38.76
C GLY D 409 34.02 5.95 -39.40
N HIS D 410 33.82 6.96 -38.55
CA HIS D 410 33.35 8.27 -38.96
C HIS D 410 33.62 9.31 -37.86
N GLY D 411 34.04 10.51 -38.28
CA GLY D 411 34.09 11.70 -37.45
C GLY D 411 35.20 11.67 -36.40
N TYR D 412 36.36 11.13 -36.77
CA TYR D 412 37.52 11.13 -35.90
C TYR D 412 38.81 11.09 -36.74
N TYR D 413 39.91 11.46 -36.09
CA TYR D 413 41.25 11.43 -36.65
C TYR D 413 42.09 10.38 -35.92
N VAL D 414 42.93 9.66 -36.66
CA VAL D 414 43.97 8.84 -36.06
C VAL D 414 45.22 9.72 -35.91
N ASP D 415 45.69 9.86 -34.66
CA ASP D 415 46.81 10.74 -34.34
C ASP D 415 48.10 9.93 -34.21
N LEU D 416 48.02 8.77 -33.54
CA LEU D 416 49.19 7.98 -33.17
C LEU D 416 48.80 6.51 -33.11
N VAL D 417 49.72 5.64 -33.53
CA VAL D 417 49.60 4.19 -33.40
C VAL D 417 50.93 3.67 -32.85
N THR D 418 50.87 3.01 -31.68
CA THR D 418 52.02 2.43 -31.02
C THR D 418 51.74 0.95 -30.70
N VAL D 419 52.81 0.19 -30.46
CA VAL D 419 52.71 -1.21 -30.05
C VAL D 419 53.72 -1.46 -28.92
N LYS D 420 53.33 -2.33 -27.97
CA LYS D 420 54.17 -2.76 -26.86
C LYS D 420 53.77 -4.17 -26.44
#